data_6NHG
#
_entry.id   6NHG
#
_cell.length_a   154.181
_cell.length_b   154.181
_cell.length_c   598.180
_cell.angle_alpha   90.000
_cell.angle_beta   90.000
_cell.angle_gamma   90.000
#
_symmetry.space_group_name_H-M   'I 41 2 2'
#
loop_
_entity.id
_entity.type
_entity.pdbx_description
1 polymer 'Cytochrome b-c1 complex subunit 1, mitochondrial'
2 polymer 'Cytochrome b-c1 complex subunit 2, mitochondrial'
3 polymer 'Cytochrome b'
4 polymer 'Cytochrome c1, heme protein, mitochondrial'
5 polymer 'Cytochrome b-c1 complex subunit Rieske, mitochondrial'
6 polymer 'Cytochrome b-c1 complex subunit 7'
7 polymer 'Cytochrome b-c1 complex subunit 8'
8 polymer 'Cytochrome b-c1 complex subunit 6, mitochondrial'
9 polymer 'Cytochrome b-c1 complex subunit Rieske, mitochondrial'
10 polymer 'Cytochrome b-c1 complex subunit 9'
11 polymer 'Cytochrome b-c1 complex subunit 10'
12 non-polymer 1,2-DIHEXANOYL-SN-GLYCERO-3-PHOSPHOETHANOLAMINE
13 non-polymer CARDIOLIPIN
14 non-polymer 'PROTOPORPHYRIN IX CONTAINING FE'
15 non-polymer 'METHYL (2Z)-2-(2-{[6-(2-CYANOPHENOXY)PYRIMIDIN-4-YL]OXY}PHENYL)-3-METHOXYACRYLATE'
16 non-polymer '(2R)-3-{[(S)-(2-aminoethoxy)(hydroxy)phosphoryl]oxy}-2-(tetradecanoyloxy)propyl octadecanoate'
17 non-polymer 'HEME C'
18 non-polymer 'FE2/S2 (INORGANIC) CLUSTER'
19 non-polymer 1,2-DIMYRISTOYL-RAC-GLYCERO-3-PHOSPHOCHOLINE
20 water water
#
loop_
_entity_poly.entity_id
_entity_poly.type
_entity_poly.pdbx_seq_one_letter_code
_entity_poly.pdbx_strand_id
1 'polypeptide(L)'
;TATYAQALQSVPETQVSQLDNGLRVASEQSSQPTCTVGVWIDAGSRYESEKNNGAGYFVEHLAFKGTKNRPGNALEKEVE
SMGAHLNAYSTREHTAYYIKALSKDLPKAVELLADIVQNCSLEDSQIEKERDVILQELQENDTSMRDVVFNYLHATAFQG
TPLAQSVEGPSENVRKLSRADLTEYLSRHYKAPRMVLAAAGGLEHRQLLDLAQKHFSGLSGTYDEDAVPTLSPCRFTGSQ
ICHREDGLPLAHVAIAVEGPGWAHPDNVALQVANAIIGHYDCTYGGGAHLSSPLASIAATNKLCQSFQTFNICYADTGLL
GAHFVCDHMSIDDMMFVLQGQWMRLCTSATESEVLRGKNLLRNALVSHLDGTTPVCEDIGRSLLTYGRRIPLAEWESRIA
EVDARVVREVCSKYFYDQCPAVAGFGPIEQLPDYNRIRSGMFWLRF
;
A
2 'polypeptide(L)'
;SLKVAPKVKATEAPAGVPPHPQDLEFTRLPNGLVIASLENYAPASRIGLFIKAGSRYENSNNLGTSHLLRLASSLTTKGA
SSFKITRGIEAVGGKLSVTSTRENMAYTVECLRDDVDILMEFLLNVTTAPEFRRWEVAALQPQLRIDKAVALQNPQAHVI
ENLHAAAYRNALANSLYCPDYRIGKVTPVELHDYVQNHFTSARMALIGLGVSHPVLKQVAEQFLNIRGGLGLSGAKAKYH
GGEIREQNGDSLVHAALVAESAAIGSAEANAFSVLQHVLGAGPHVKRGSNATSSLYQAVAKGVHQPFDVSAFNASYSDSG
LFGFYTISQAASAGDVIKAAYNQVKTIAQGNLSNPDVQAAKNKLKAGYLMSVESSEGFLDEVGSQALAAGSYTPPSTVLQ
QIDAVADADVINAAKKFVSGRKSMAASGNLGHTPFIDEL
;
B
3 'polypeptide(L)'
;MTNIRKSHPLMKIVNNAFIDLPAPSNISSWWNFGSLLGICLILQILTGLFLAMHYTSDTTTAFSSVTHICRDVNYGWIIR
YMHANGASMFFICLYMHVGRGLYYGSYTFLETWNIGVILLLTVMATAFMGYVLPWGQMSFWGATVITNLLSAIPYIGTNL
VEWIWGGFSVDKATLTRFFAFHFILPFIIMAIAMVHLLFLHETGSNNPTGISSDVDKIPFHPYYTIKDILGALLLILALM
LLVLFAPDLLGDPDNYTPANPLNTPPHIKPEWYFLFAYAILRSIPNKLGGVLALAFSILILALIPLLHTSKQRSMMFRPL
SQCLFWALVADLLTLTWIGGQPVEHPYITIGQLASVLYFLLILVLMPTAGTIENKLLKW
;
C
4 'polypeptide(L)'
;SDLELHPPSYPWSHRGLLSSLDHTSIRRGFQVYKQVCSSCHSMDYVAYRHLVGVCYTEDEAKALAEEVEVQDGPNEDGEM
FMRPGKLSDYFPKPYPNPEAARAANNGALPPDLSYIVRARHGGEDYVFSLLTGYCEPPTGVSLREGLYFNPYFPGQAIGM
APPIYNEVLEFDDGTPATMSQVAKDVCTFLRWAAEPEHDHRKRMGLKMLLMMGLLLPLVYAMKRHKWSVLKSRKLAYRPP
K
;
D
5 'polypeptide(L)'
;SHTDIKVPDFSDYRRPEVLDSTKSSKESSEARKGFSYLVTATTTVGVAYAAKNVVSQFVSSMSASADVLAMSKIEIKLSD
IPEGKNMAFKWRGKPLFVRHRTKKEIDQEAAVEVSQLRDPQHDLERVKKPEWVILIGVCTHLGCVPIANAGDFGGYYCPC
HGSHYDASGRIRKGPAPLNLEVPSYEFTSDDMVIVG
;
E
6 'polypeptide(L)'
;AGRPAVSASSRWLEGIRKWYYNAAGFNKLGLMRDDTIHENDDVKEAIRRLPENLYNDRVFRIKRALDLSMRQQILPKEQW
TKYEEDKSYLEPYLKEVIRERKEREEWAKK
;
F
7 'polypeptide(L)' GRQFGHLTRVRHVITYSLSPFEQRAFPHYFSKGIPNVLRRTRACILRVAPPFVAFYLVYTWGTQEFEKSKRKNPAAYEND G
8 'polypeptide(L)' GDPKEEEEEEEELVDPLTTVREQCEQLEKCVKARERLELCDERVSSRSQTEEDCTEELLDFLHARDHCVAHKLFNSLK H
9 'polypeptide(L)' MLSVAARSGPFAPVLSATSRGVAGALRPLVQAAVPATSESPVLDLKRSVLCRESLRGQAAGRPLVASVSLNVPASVRY I
10 'polypeptide(L)' VAPTLTARLYSLLFRRTSTFALTIVVGALFFERAFDQGADAIYEHINEGKLWKHIKHKYENKE J
11 'polypeptide(L)' LTRFLGPRYRQLARNWVPTASLWGAVGAVGLVWATDWRLILDWVPYINGKFKKDD K
#
# COMPACT_ATOMS: atom_id res chain seq x y z
N THR A 1 -30.56 -16.39 -50.49
CA THR A 1 -31.99 -16.64 -50.11
C THR A 1 -32.09 -17.45 -48.83
N ALA A 2 -31.13 -18.35 -48.61
CA ALA A 2 -31.12 -19.15 -47.39
C ALA A 2 -30.74 -18.28 -46.19
N THR A 3 -31.47 -18.46 -45.09
CA THR A 3 -31.21 -17.71 -43.88
C THR A 3 -30.06 -18.33 -43.09
N TYR A 4 -29.61 -17.61 -42.06
CA TYR A 4 -28.54 -18.10 -41.21
C TYR A 4 -28.97 -19.37 -40.47
N ALA A 5 -30.19 -19.39 -39.95
CA ALA A 5 -30.69 -20.57 -39.25
C ALA A 5 -30.76 -21.77 -40.19
N GLN A 6 -31.21 -21.55 -41.43
CA GLN A 6 -31.31 -22.65 -42.38
C GLN A 6 -29.94 -23.18 -42.77
N ALA A 7 -28.91 -22.31 -42.80
CA ALA A 7 -27.58 -22.77 -43.17
C ALA A 7 -26.98 -23.69 -42.12
N LEU A 8 -27.36 -23.51 -40.85
CA LEU A 8 -26.87 -24.41 -39.80
C LEU A 8 -27.42 -25.82 -39.97
N GLN A 9 -28.62 -25.96 -40.55
CA GLN A 9 -29.20 -27.27 -40.79
C GLN A 9 -28.54 -27.98 -41.95
N SER A 10 -27.97 -27.23 -42.90
CA SER A 10 -27.40 -27.83 -44.11
C SER A 10 -26.06 -28.52 -43.86
N VAL A 11 -25.41 -28.24 -42.74
CA VAL A 11 -24.11 -28.88 -42.45
C VAL A 11 -24.33 -30.38 -42.27
N PRO A 12 -23.55 -31.25 -42.91
CA PRO A 12 -23.83 -32.69 -42.79
C PRO A 12 -23.62 -33.18 -41.36
N GLU A 13 -24.46 -34.14 -40.96
CA GLU A 13 -24.30 -34.78 -39.67
C GLU A 13 -22.95 -35.48 -39.60
N THR A 14 -22.34 -35.45 -38.42
CA THR A 14 -21.04 -36.09 -38.20
C THR A 14 -21.30 -37.55 -37.84
N GLN A 15 -20.96 -38.45 -38.76
CA GLN A 15 -21.19 -39.88 -38.55
C GLN A 15 -20.11 -40.45 -37.63
N VAL A 16 -20.54 -41.23 -36.64
CA VAL A 16 -19.67 -41.79 -35.62
C VAL A 16 -19.85 -43.30 -35.60
N SER A 17 -18.74 -44.03 -35.55
CA SER A 17 -18.74 -45.48 -35.43
C SER A 17 -17.63 -45.89 -34.47
N GLN A 18 -17.74 -47.10 -33.94
CA GLN A 18 -16.79 -47.61 -32.96
C GLN A 18 -16.45 -49.06 -33.29
N LEU A 19 -15.16 -49.36 -33.31
CA LEU A 19 -14.69 -50.71 -33.55
C LEU A 19 -14.95 -51.58 -32.32
N ASP A 20 -14.59 -52.86 -32.42
CA ASP A 20 -14.76 -53.78 -31.32
C ASP A 20 -13.69 -53.61 -30.23
N ASN A 21 -12.62 -52.88 -30.51
CA ASN A 21 -11.55 -52.65 -29.54
C ASN A 21 -11.64 -51.28 -28.87
N GLY A 22 -12.76 -50.57 -29.02
CA GLY A 22 -12.95 -49.30 -28.37
C GLY A 22 -12.54 -48.08 -29.18
N LEU A 23 -11.92 -48.27 -30.35
CA LEU A 23 -11.49 -47.14 -31.15
C LEU A 23 -12.69 -46.50 -31.85
N ARG A 24 -12.96 -45.24 -31.51
CA ARG A 24 -14.03 -44.50 -32.17
C ARG A 24 -13.54 -43.94 -33.50
N VAL A 25 -14.44 -43.90 -34.47
CA VAL A 25 -14.14 -43.50 -35.84
C VAL A 25 -15.23 -42.53 -36.27
N ALA A 26 -14.86 -41.26 -36.48
CA ALA A 26 -15.80 -40.20 -36.78
C ALA A 26 -15.37 -39.48 -38.05
N SER A 27 -16.36 -38.97 -38.78
CA SER A 27 -16.11 -38.32 -40.07
C SER A 27 -17.20 -37.31 -40.37
N GLU A 28 -16.83 -36.27 -41.12
CA GLU A 28 -17.76 -35.31 -41.69
C GLU A 28 -17.44 -35.18 -43.18
N GLN A 29 -18.31 -35.71 -44.03
CA GLN A 29 -18.08 -35.71 -45.46
C GLN A 29 -18.41 -34.35 -46.06
N SER A 30 -17.67 -34.01 -47.12
CA SER A 30 -17.94 -32.81 -47.91
C SER A 30 -17.60 -33.14 -49.36
N SER A 31 -17.63 -32.11 -50.22
CA SER A 31 -17.29 -32.25 -51.62
C SER A 31 -15.86 -31.86 -51.93
N GLN A 32 -15.01 -31.73 -50.91
CA GLN A 32 -13.67 -31.21 -51.12
C GLN A 32 -12.81 -32.26 -51.84
N PRO A 33 -11.75 -31.82 -52.56
CA PRO A 33 -10.80 -32.79 -53.13
C PRO A 33 -9.71 -33.17 -52.15
N THR A 34 -9.52 -32.36 -51.11
CA THR A 34 -8.56 -32.62 -50.05
C THR A 34 -9.29 -33.11 -48.80
N CYS A 35 -8.52 -33.43 -47.77
CA CYS A 35 -9.08 -33.93 -46.52
C CYS A 35 -8.01 -33.85 -45.44
N THR A 36 -8.45 -34.05 -44.20
CA THR A 36 -7.56 -34.14 -43.05
C THR A 36 -7.98 -35.34 -42.23
N VAL A 37 -7.00 -36.16 -41.82
CA VAL A 37 -7.23 -37.35 -41.02
C VAL A 37 -6.19 -37.38 -39.91
N GLY A 38 -6.60 -37.84 -38.74
CA GLY A 38 -5.66 -37.91 -37.63
C GLY A 38 -6.21 -38.73 -36.49
N VAL A 39 -5.33 -38.95 -35.50
CA VAL A 39 -5.65 -39.71 -34.30
C VAL A 39 -5.51 -38.76 -33.12
N TRP A 40 -6.58 -38.61 -32.35
CA TRP A 40 -6.59 -37.81 -31.14
C TRP A 40 -6.58 -38.75 -29.94
N ILE A 41 -5.56 -38.62 -29.10
CA ILE A 41 -5.33 -39.50 -27.96
C ILE A 41 -5.61 -38.72 -26.69
N ASP A 42 -6.24 -39.38 -25.72
CA ASP A 42 -6.58 -38.75 -24.44
C ASP A 42 -5.41 -38.85 -23.47
N ALA A 43 -4.30 -38.24 -23.88
CA ALA A 43 -3.05 -38.26 -23.12
C ALA A 43 -2.44 -36.87 -23.10
N GLY A 44 -1.64 -36.62 -22.08
CA GLY A 44 -1.02 -35.32 -21.90
C GLY A 44 -0.29 -35.26 -20.58
N SER A 45 0.26 -34.08 -20.30
CA SER A 45 1.07 -33.89 -19.10
C SER A 45 0.26 -34.09 -17.82
N ARG A 46 -1.06 -33.88 -17.87
CA ARG A 46 -1.87 -34.09 -16.67
C ARG A 46 -1.89 -35.55 -16.24
N TYR A 47 -1.64 -36.49 -17.15
CA TYR A 47 -1.52 -37.90 -16.81
C TYR A 47 -0.12 -38.28 -16.34
N GLU A 48 0.89 -37.48 -16.69
CA GLU A 48 2.27 -37.80 -16.34
C GLU A 48 2.54 -37.49 -14.87
N SER A 49 3.46 -38.24 -14.29
CA SER A 49 3.95 -37.98 -12.94
C SER A 49 5.19 -37.10 -12.99
N GLU A 50 5.64 -36.68 -11.81
CA GLU A 50 6.81 -35.80 -11.73
C GLU A 50 8.06 -36.46 -12.30
N LYS A 51 8.15 -37.79 -12.20
CA LYS A 51 9.36 -38.48 -12.64
C LYS A 51 9.42 -38.61 -14.15
N ASN A 52 8.28 -38.83 -14.80
CA ASN A 52 8.21 -38.99 -16.26
C ASN A 52 7.51 -37.82 -16.93
N ASN A 53 7.50 -36.64 -16.30
CA ASN A 53 6.90 -35.47 -16.91
C ASN A 53 7.69 -35.08 -18.15
N GLY A 54 6.97 -34.64 -19.18
CA GLY A 54 7.57 -34.35 -20.47
C GLY A 54 7.75 -35.56 -21.36
N ALA A 55 7.29 -36.74 -20.93
CA ALA A 55 7.47 -37.95 -21.74
C ALA A 55 6.65 -37.89 -23.01
N GLY A 56 5.43 -37.36 -22.94
CA GLY A 56 4.61 -37.24 -24.13
C GLY A 56 5.24 -36.29 -25.15
N TYR A 57 5.75 -35.15 -24.68
CA TYR A 57 6.44 -34.22 -25.57
C TYR A 57 7.68 -34.86 -26.18
N PHE A 58 8.32 -35.77 -25.45
CA PHE A 58 9.46 -36.51 -25.99
C PHE A 58 9.01 -37.44 -27.12
N VAL A 59 7.89 -38.14 -26.91
CA VAL A 59 7.39 -39.07 -27.92
C VAL A 59 7.00 -38.34 -29.19
N GLU A 60 6.52 -37.09 -29.07
CA GLU A 60 6.17 -36.31 -30.25
C GLU A 60 7.39 -36.09 -31.14
N HIS A 61 8.57 -35.91 -30.53
CA HIS A 61 9.79 -35.77 -31.32
C HIS A 61 10.21 -37.06 -32.00
N LEU A 62 9.73 -38.21 -31.52
CA LEU A 62 10.11 -39.51 -32.05
C LEU A 62 9.04 -40.14 -32.93
N ALA A 63 7.83 -39.59 -32.95
CA ALA A 63 6.73 -40.23 -33.67
C ALA A 63 6.97 -40.28 -35.18
N PHE A 64 7.62 -39.26 -35.73
CA PHE A 64 7.84 -39.15 -37.16
C PHE A 64 9.27 -39.50 -37.58
N LYS A 65 10.08 -40.04 -36.68
CA LYS A 65 11.50 -40.30 -36.95
C LYS A 65 11.79 -41.75 -37.32
N GLY A 66 10.80 -42.60 -37.38
CA GLY A 66 10.99 -43.98 -37.82
C GLY A 66 10.00 -44.93 -37.17
N THR A 67 9.63 -45.97 -37.93
CA THR A 67 8.78 -47.04 -37.46
C THR A 67 9.42 -48.37 -37.81
N LYS A 68 8.80 -49.47 -37.35
CA LYS A 68 9.34 -50.79 -37.62
C LYS A 68 9.28 -51.13 -39.10
N ASN A 69 8.19 -50.74 -39.78
CA ASN A 69 8.03 -51.02 -41.19
C ASN A 69 8.56 -49.91 -42.09
N ARG A 70 8.75 -48.70 -41.55
CA ARG A 70 9.23 -47.55 -42.31
C ARG A 70 10.31 -46.87 -41.49
N PRO A 71 11.53 -47.39 -41.48
CA PRO A 71 12.56 -46.83 -40.58
C PRO A 71 13.16 -45.55 -41.15
N GLY A 72 13.31 -44.57 -40.25
CA GLY A 72 13.98 -43.33 -40.58
C GLY A 72 13.26 -42.46 -41.59
N ASN A 73 13.94 -42.16 -42.71
CA ASN A 73 13.40 -41.27 -43.72
C ASN A 73 12.17 -41.82 -44.41
N ALA A 74 11.91 -43.13 -44.31
CA ALA A 74 10.88 -43.77 -45.12
C ALA A 74 9.51 -43.13 -44.93
N LEU A 75 9.18 -42.73 -43.69
CA LEU A 75 7.89 -42.12 -43.44
C LEU A 75 7.80 -40.75 -44.09
N GLU A 76 8.83 -39.92 -43.92
CA GLU A 76 8.82 -38.59 -44.50
C GLU A 76 8.74 -38.64 -46.03
N LYS A 77 9.50 -39.55 -46.65
CA LYS A 77 9.52 -39.61 -48.11
C LYS A 77 8.16 -39.98 -48.67
N GLU A 78 7.41 -40.84 -47.96
CA GLU A 78 6.08 -41.19 -48.43
C GLU A 78 5.12 -40.01 -48.29
N VAL A 79 5.16 -39.33 -47.14
CA VAL A 79 4.30 -38.17 -46.94
C VAL A 79 4.65 -37.06 -47.93
N GLU A 80 5.92 -36.72 -48.02
CA GLU A 80 6.35 -35.62 -48.89
C GLU A 80 6.07 -35.93 -50.35
N SER A 81 6.28 -37.17 -50.77
CA SER A 81 6.19 -37.49 -52.20
C SER A 81 4.77 -37.40 -52.74
N MET A 82 3.75 -37.55 -51.89
CA MET A 82 2.36 -37.39 -52.30
C MET A 82 1.82 -36.01 -51.95
N GLY A 83 2.68 -35.05 -51.66
CA GLY A 83 2.25 -33.68 -51.40
C GLY A 83 1.48 -33.49 -50.11
N ALA A 84 1.46 -34.49 -49.24
CA ALA A 84 0.72 -34.38 -48.00
C ALA A 84 1.54 -33.62 -46.95
N HIS A 85 0.87 -33.31 -45.84
CA HIS A 85 1.50 -32.63 -44.70
C HIS A 85 1.17 -33.40 -43.43
N LEU A 86 2.19 -33.61 -42.60
CA LEU A 86 2.07 -34.37 -41.36
C LEU A 86 2.43 -33.47 -40.19
N ASN A 87 1.57 -33.47 -39.16
CA ASN A 87 1.72 -32.55 -38.04
C ASN A 87 1.25 -33.23 -36.77
N ALA A 88 1.53 -32.60 -35.64
CA ALA A 88 1.16 -33.13 -34.33
C ALA A 88 1.27 -32.03 -33.29
N TYR A 89 0.57 -32.22 -32.17
CA TYR A 89 0.65 -31.29 -31.05
C TYR A 89 0.27 -32.01 -29.77
N SER A 90 0.55 -31.38 -28.64
CA SER A 90 0.30 -31.96 -27.33
C SER A 90 -0.04 -30.85 -26.35
N THR A 91 -1.23 -30.94 -25.76
CA THR A 91 -1.64 -30.08 -24.66
C THR A 91 -1.54 -30.85 -23.35
N ARG A 92 -2.02 -30.26 -22.27
CA ARG A 92 -2.02 -30.92 -20.97
C ARG A 92 -3.01 -32.07 -20.88
N GLU A 93 -3.94 -32.19 -21.84
CA GLU A 93 -4.97 -33.23 -21.80
C GLU A 93 -5.12 -34.01 -23.09
N HIS A 94 -4.57 -33.54 -24.22
CA HIS A 94 -4.80 -34.15 -25.51
C HIS A 94 -3.52 -34.19 -26.31
N THR A 95 -3.30 -35.30 -27.02
CA THR A 95 -2.23 -35.46 -27.99
C THR A 95 -2.85 -35.80 -29.32
N ALA A 96 -2.27 -35.28 -30.40
CA ALA A 96 -2.85 -35.42 -31.73
C ALA A 96 -1.76 -35.61 -32.78
N TYR A 97 -2.04 -36.49 -33.74
CA TYR A 97 -1.25 -36.63 -34.96
C TYR A 97 -2.22 -36.67 -36.12
N TYR A 98 -2.05 -35.76 -37.08
CA TYR A 98 -2.97 -35.69 -38.21
C TYR A 98 -2.20 -35.41 -39.50
N ILE A 99 -2.79 -35.84 -40.61
CA ILE A 99 -2.23 -35.70 -41.94
C ILE A 99 -3.20 -34.86 -42.77
N LYS A 100 -2.66 -33.98 -43.59
CA LYS A 100 -3.40 -33.30 -44.65
C LYS A 100 -2.95 -33.85 -45.98
N ALA A 101 -3.90 -34.32 -46.79
CA ALA A 101 -3.55 -34.97 -48.05
C ALA A 101 -4.76 -34.92 -48.98
N LEU A 102 -4.54 -35.38 -50.21
CA LEU A 102 -5.64 -35.51 -51.15
C LEU A 102 -6.63 -36.59 -50.68
N SER A 103 -7.84 -36.53 -51.23
CA SER A 103 -8.85 -37.50 -50.86
C SER A 103 -8.49 -38.91 -51.34
N LYS A 104 -7.89 -39.00 -52.53
CA LYS A 104 -7.48 -40.30 -53.05
C LYS A 104 -6.39 -40.94 -52.21
N ASP A 105 -5.61 -40.13 -51.47
CA ASP A 105 -4.56 -40.63 -50.60
C ASP A 105 -5.07 -40.99 -49.20
N LEU A 106 -6.39 -41.09 -49.02
CA LEU A 106 -6.95 -41.52 -47.74
C LEU A 106 -6.42 -42.86 -47.25
N PRO A 107 -6.39 -43.94 -48.07
CA PRO A 107 -5.94 -45.22 -47.51
C PRO A 107 -4.48 -45.21 -47.07
N LYS A 108 -3.60 -44.57 -47.86
CA LYS A 108 -2.20 -44.48 -47.46
C LYS A 108 -2.05 -43.63 -46.20
N ALA A 109 -2.85 -42.57 -46.08
CA ALA A 109 -2.75 -41.67 -44.93
C ALA A 109 -3.11 -42.40 -43.64
N VAL A 110 -4.23 -43.13 -43.64
CA VAL A 110 -4.63 -43.87 -42.45
C VAL A 110 -3.60 -44.95 -42.12
N GLU A 111 -3.06 -45.60 -43.16
CA GLU A 111 -2.04 -46.64 -42.95
C GLU A 111 -0.82 -46.08 -42.22
N LEU A 112 -0.41 -44.85 -42.57
CA LEU A 112 0.75 -44.27 -41.93
C LEU A 112 0.46 -43.91 -40.47
N LEU A 113 -0.73 -43.35 -40.20
CA LEU A 113 -1.09 -43.01 -38.83
C LEU A 113 -1.11 -44.24 -37.94
N ALA A 114 -1.57 -45.38 -38.48
CA ALA A 114 -1.56 -46.62 -37.72
C ALA A 114 -0.13 -47.06 -37.41
N ASP A 115 0.74 -47.04 -38.42
CA ASP A 115 2.13 -47.43 -38.21
C ASP A 115 2.83 -46.48 -37.24
N ILE A 116 2.41 -45.22 -37.18
CA ILE A 116 3.02 -44.25 -36.28
C ILE A 116 2.58 -44.50 -34.85
N VAL A 117 1.26 -44.61 -34.62
CA VAL A 117 0.74 -44.69 -33.27
C VAL A 117 1.10 -46.01 -32.60
N GLN A 118 1.25 -47.08 -33.39
CA GLN A 118 1.40 -48.43 -32.85
C GLN A 118 2.85 -48.92 -32.86
N ASN A 119 3.60 -48.67 -33.94
CA ASN A 119 4.90 -49.29 -34.18
C ASN A 119 6.02 -48.26 -34.17
N CYS A 120 6.00 -47.34 -33.20
CA CYS A 120 7.05 -46.34 -33.09
C CYS A 120 8.38 -47.02 -32.75
N SER A 121 9.43 -46.67 -33.50
CA SER A 121 10.72 -47.32 -33.32
C SER A 121 11.36 -46.96 -31.98
N LEU A 122 11.57 -45.66 -31.75
CA LEU A 122 12.23 -45.17 -30.54
C LEU A 122 13.66 -45.71 -30.44
N GLU A 123 14.41 -45.54 -31.53
CA GLU A 123 15.81 -45.95 -31.54
C GLU A 123 16.60 -45.15 -30.51
N ASP A 124 17.47 -45.84 -29.77
CA ASP A 124 18.28 -45.18 -28.75
C ASP A 124 19.18 -44.11 -29.35
N SER A 125 19.67 -44.34 -30.57
CA SER A 125 20.46 -43.30 -31.24
C SER A 125 19.61 -42.07 -31.52
N GLN A 126 18.32 -42.24 -31.77
CA GLN A 126 17.45 -41.11 -32.04
C GLN A 126 17.03 -40.40 -30.76
N ILE A 127 16.81 -41.16 -29.68
CA ILE A 127 16.43 -40.55 -28.40
C ILE A 127 17.51 -39.58 -27.93
N GLU A 128 18.77 -39.96 -28.07
CA GLU A 128 19.86 -39.06 -27.69
C GLU A 128 19.91 -37.84 -28.60
N LYS A 129 19.55 -37.99 -29.86
CA LYS A 129 19.50 -36.85 -30.76
C LYS A 129 18.40 -35.87 -30.34
N GLU A 130 17.21 -36.40 -30.03
CA GLU A 130 16.10 -35.52 -29.61
C GLU A 130 16.30 -34.97 -28.21
N ARG A 131 17.20 -35.57 -27.42
CA ARG A 131 17.48 -35.03 -26.09
C ARG A 131 18.03 -33.61 -26.20
N ASP A 132 19.02 -33.40 -27.08
CA ASP A 132 19.58 -32.06 -27.26
C ASP A 132 18.59 -31.14 -27.95
N VAL A 133 17.73 -31.67 -28.83
CA VAL A 133 16.80 -30.83 -29.58
C VAL A 133 15.76 -30.23 -28.64
N ILE A 134 15.19 -31.04 -27.76
CA ILE A 134 14.20 -30.53 -26.82
C ILE A 134 14.84 -29.50 -25.89
N LEU A 135 16.09 -29.73 -25.48
CA LEU A 135 16.76 -28.79 -24.60
C LEU A 135 16.93 -27.42 -25.27
N GLN A 136 17.26 -27.42 -26.57
CA GLN A 136 17.31 -26.15 -27.29
C GLN A 136 15.93 -25.50 -27.35
N GLU A 137 14.88 -26.31 -27.55
CA GLU A 137 13.54 -25.76 -27.58
C GLU A 137 13.15 -25.15 -26.23
N LEU A 138 13.63 -25.73 -25.12
CA LEU A 138 13.38 -25.14 -23.82
C LEU A 138 14.02 -23.76 -23.71
N GLN A 139 15.24 -23.61 -24.25
CA GLN A 139 15.88 -22.30 -24.26
C GLN A 139 15.13 -21.33 -25.15
N GLU A 140 14.58 -21.82 -26.27
CA GLU A 140 13.79 -20.98 -27.15
C GLU A 140 12.52 -20.49 -26.47
N ASN A 141 11.82 -21.38 -25.76
CA ASN A 141 10.56 -21.00 -25.12
C ASN A 141 10.77 -19.96 -24.03
N ASP A 142 11.94 -19.95 -23.40
CA ASP A 142 12.22 -18.96 -22.36
C ASP A 142 12.15 -17.54 -22.89
N THR A 143 12.44 -17.34 -24.18
CA THR A 143 12.39 -16.01 -24.76
C THR A 143 10.99 -15.55 -25.13
N SER A 144 10.02 -16.46 -25.17
CA SER A 144 8.62 -16.10 -25.39
C SER A 144 7.97 -15.83 -24.04
N MET A 145 7.83 -14.55 -23.69
CA MET A 145 7.24 -14.19 -22.41
C MET A 145 5.81 -14.69 -22.29
N ARG A 146 5.08 -14.77 -23.41
CA ARG A 146 3.70 -15.26 -23.35
C ARG A 146 3.67 -16.72 -22.92
N ASP A 147 4.55 -17.56 -23.50
CA ASP A 147 4.59 -18.96 -23.09
C ASP A 147 5.04 -19.09 -21.64
N VAL A 148 5.95 -18.22 -21.20
CA VAL A 148 6.43 -18.28 -19.83
C VAL A 148 5.31 -17.92 -18.85
N VAL A 149 4.63 -16.79 -19.09
CA VAL A 149 3.67 -16.30 -18.10
C VAL A 149 2.48 -17.23 -17.98
N PHE A 150 2.13 -17.95 -19.06
CA PHE A 150 1.02 -18.91 -18.97
C PHE A 150 1.45 -20.21 -18.32
N ASN A 151 2.72 -20.60 -18.44
CA ASN A 151 3.21 -21.73 -17.66
C ASN A 151 3.25 -21.39 -16.18
N TYR A 152 3.68 -20.17 -15.84
CA TYR A 152 3.64 -19.71 -14.46
C TYR A 152 2.22 -19.73 -13.92
N LEU A 153 1.25 -19.30 -14.74
CA LEU A 153 -0.13 -19.27 -14.29
C LEU A 153 -0.62 -20.67 -13.94
N HIS A 154 -0.35 -21.65 -14.80
CA HIS A 154 -0.67 -23.04 -14.48
C HIS A 154 0.11 -23.50 -13.27
N ALA A 155 1.38 -23.12 -13.17
CA ALA A 155 2.22 -23.57 -12.08
C ALA A 155 1.68 -23.12 -10.73
N THR A 156 1.21 -21.88 -10.65
CA THR A 156 0.71 -21.34 -9.38
C THR A 156 -0.77 -21.66 -9.16
N ALA A 157 -1.58 -21.66 -10.23
CA ALA A 157 -3.01 -21.87 -10.07
C ALA A 157 -3.32 -23.31 -9.65
N PHE A 158 -2.66 -24.29 -10.28
CA PHE A 158 -2.87 -25.71 -10.00
C PHE A 158 -1.70 -26.30 -9.21
N GLN A 159 -1.08 -25.50 -8.34
CA GLN A 159 0.08 -25.93 -7.60
C GLN A 159 -0.22 -27.18 -6.79
N GLY A 160 0.72 -28.12 -6.80
CA GLY A 160 0.56 -29.38 -6.10
C GLY A 160 -0.18 -30.45 -6.87
N THR A 161 -0.61 -30.17 -8.11
CA THR A 161 -1.40 -31.11 -8.89
C THR A 161 -0.71 -31.36 -10.24
N PRO A 162 -1.18 -32.34 -11.03
CA PRO A 162 -0.56 -32.55 -12.34
C PRO A 162 -0.72 -31.38 -13.30
N LEU A 163 -1.82 -30.64 -13.22
CA LEU A 163 -2.04 -29.53 -14.15
C LEU A 163 -1.00 -28.43 -14.01
N ALA A 164 -0.34 -28.32 -12.85
CA ALA A 164 0.75 -27.36 -12.71
C ALA A 164 1.91 -27.69 -13.63
N GLN A 165 2.06 -28.97 -13.98
CA GLN A 165 3.16 -29.38 -14.84
C GLN A 165 2.99 -28.83 -16.25
N SER A 166 4.09 -28.39 -16.83
CA SER A 166 4.11 -27.97 -18.22
C SER A 166 4.22 -29.18 -19.14
N VAL A 167 3.90 -28.97 -20.42
CA VAL A 167 3.90 -30.08 -21.37
C VAL A 167 5.33 -30.53 -21.66
N GLU A 168 6.25 -29.57 -21.82
CA GLU A 168 7.61 -29.92 -22.23
C GLU A 168 8.37 -30.64 -21.13
N GLY A 169 8.02 -30.39 -19.86
CA GLY A 169 8.70 -31.00 -18.75
C GLY A 169 9.90 -30.19 -18.31
N PRO A 170 10.45 -30.50 -17.14
CA PRO A 170 11.64 -29.78 -16.67
C PRO A 170 12.91 -30.29 -17.33
N SER A 171 13.92 -29.42 -17.35
CA SER A 171 15.16 -29.71 -18.06
C SER A 171 15.85 -30.96 -17.53
N GLU A 172 15.65 -31.28 -16.25
CA GLU A 172 16.28 -32.46 -15.66
C GLU A 172 15.62 -33.75 -16.11
N ASN A 173 14.32 -33.73 -16.36
CA ASN A 173 13.62 -34.95 -16.78
C ASN A 173 13.91 -35.29 -18.23
N VAL A 174 14.11 -34.29 -19.09
CA VAL A 174 14.46 -34.59 -20.47
C VAL A 174 15.86 -35.18 -20.54
N ARG A 175 16.72 -34.89 -19.57
CA ARG A 175 18.09 -35.41 -19.59
C ARG A 175 18.18 -36.83 -19.06
N LYS A 176 17.27 -37.25 -18.16
CA LYS A 176 17.33 -38.58 -17.55
C LYS A 176 16.19 -39.49 -18.00
N LEU A 177 15.43 -39.11 -19.02
CA LEU A 177 14.32 -39.94 -19.48
C LEU A 177 14.88 -41.07 -20.35
N SER A 178 14.60 -42.30 -19.94
CA SER A 178 15.09 -43.48 -20.65
C SER A 178 14.04 -44.00 -21.64
N ARG A 179 14.47 -44.90 -22.51
CA ARG A 179 13.56 -45.50 -23.47
C ARG A 179 12.45 -46.28 -22.78
N ALA A 180 12.75 -46.88 -21.62
CA ALA A 180 11.73 -47.65 -20.90
C ALA A 180 10.63 -46.73 -20.36
N ASP A 181 11.01 -45.51 -19.94
CA ASP A 181 10.00 -44.56 -19.47
C ASP A 181 9.01 -44.22 -20.59
N LEU A 182 9.49 -44.16 -21.83
CA LEU A 182 8.65 -43.77 -22.95
C LEU A 182 7.73 -44.91 -23.38
N THR A 183 8.27 -46.12 -23.50
CA THR A 183 7.44 -47.27 -23.85
C THR A 183 6.39 -47.53 -22.78
N GLU A 184 6.75 -47.32 -21.51
CA GLU A 184 5.77 -47.42 -20.43
C GLU A 184 4.66 -46.39 -20.62
N TYR A 185 5.01 -45.18 -21.08
CA TYR A 185 4.01 -44.15 -21.33
C TYR A 185 3.09 -44.54 -22.48
N LEU A 186 3.64 -45.19 -23.51
CA LEU A 186 2.85 -45.52 -24.70
C LEU A 186 1.88 -46.66 -24.42
N SER A 187 2.38 -47.78 -23.89
CA SER A 187 1.52 -48.91 -23.60
C SER A 187 0.44 -48.55 -22.57
N ARG A 188 0.71 -47.57 -21.72
CA ARG A 188 -0.23 -47.20 -20.67
C ARG A 188 -1.37 -46.33 -21.22
N HIS A 189 -1.06 -45.40 -22.12
CA HIS A 189 -2.01 -44.37 -22.54
C HIS A 189 -2.48 -44.51 -23.98
N TYR A 190 -1.66 -45.03 -24.89
CA TYR A 190 -2.05 -45.16 -26.30
C TYR A 190 -2.85 -46.46 -26.47
N LYS A 191 -4.04 -46.46 -25.87
CA LYS A 191 -4.93 -47.61 -25.88
C LYS A 191 -6.20 -47.25 -26.64
N ALA A 192 -6.71 -48.22 -27.41
CA ALA A 192 -7.80 -47.96 -28.36
C ALA A 192 -9.03 -47.30 -27.76
N PRO A 193 -9.50 -47.63 -26.54
CA PRO A 193 -10.65 -46.90 -25.99
C PRO A 193 -10.39 -45.43 -25.71
N ARG A 194 -9.13 -44.99 -25.73
CA ARG A 194 -8.76 -43.61 -25.42
C ARG A 194 -8.34 -42.83 -26.65
N MET A 195 -8.55 -43.38 -27.85
CA MET A 195 -8.19 -42.72 -29.10
C MET A 195 -9.43 -42.54 -29.98
N VAL A 196 -9.34 -41.58 -30.89
CA VAL A 196 -10.42 -41.25 -31.81
C VAL A 196 -9.81 -41.00 -33.18
N LEU A 197 -10.20 -41.81 -34.18
CA LEU A 197 -9.81 -41.58 -35.56
C LEU A 197 -10.82 -40.63 -36.19
N ALA A 198 -10.39 -39.39 -36.44
CA ALA A 198 -11.24 -38.36 -37.01
C ALA A 198 -10.80 -38.05 -38.44
N ALA A 199 -11.77 -37.73 -39.28
CA ALA A 199 -11.51 -37.34 -40.66
C ALA A 199 -12.50 -36.27 -41.07
N ALA A 200 -12.11 -35.47 -42.07
CA ALA A 200 -12.98 -34.43 -42.60
C ALA A 200 -12.53 -34.08 -44.01
N GLY A 201 -13.52 -33.91 -44.90
CA GLY A 201 -13.26 -33.58 -46.29
C GLY A 201 -14.03 -34.48 -47.23
N GLY A 202 -13.47 -34.73 -48.41
CA GLY A 202 -14.12 -35.57 -49.38
C GLY A 202 -13.84 -37.04 -49.15
N LEU A 203 -14.76 -37.72 -48.48
CA LEU A 203 -14.59 -39.12 -48.15
C LEU A 203 -15.90 -39.65 -47.58
N GLU A 204 -16.22 -40.89 -47.91
CA GLU A 204 -17.39 -41.57 -47.34
C GLU A 204 -16.99 -42.25 -46.04
N HIS A 205 -17.89 -42.21 -45.06
CA HIS A 205 -17.60 -42.78 -43.75
C HIS A 205 -17.33 -44.27 -43.81
N ARG A 206 -17.83 -44.97 -44.83
CA ARG A 206 -17.61 -46.41 -44.94
C ARG A 206 -16.13 -46.73 -45.10
N GLN A 207 -15.47 -46.08 -46.07
CA GLN A 207 -14.07 -46.41 -46.32
C GLN A 207 -13.18 -46.02 -45.15
N LEU A 208 -13.58 -45.03 -44.35
CA LEU A 208 -12.83 -44.73 -43.14
C LEU A 208 -12.99 -45.83 -42.11
N LEU A 209 -14.21 -46.32 -41.92
CA LEU A 209 -14.43 -47.39 -40.96
C LEU A 209 -13.80 -48.70 -41.42
N ASP A 210 -13.78 -48.95 -42.74
CA ASP A 210 -13.08 -50.11 -43.25
C ASP A 210 -11.58 -50.02 -42.99
N LEU A 211 -10.99 -48.87 -43.31
CA LEU A 211 -9.57 -48.67 -43.03
C LEU A 211 -9.28 -48.74 -41.53
N ALA A 212 -10.24 -48.34 -40.70
CA ALA A 212 -10.05 -48.47 -39.26
C ALA A 212 -9.96 -49.93 -38.85
N GLN A 213 -10.82 -50.79 -39.41
CA GLN A 213 -10.73 -52.21 -39.14
C GLN A 213 -9.49 -52.83 -39.76
N LYS A 214 -9.00 -52.26 -40.87
CA LYS A 214 -7.91 -52.88 -41.62
C LYS A 214 -6.57 -52.69 -40.92
N HIS A 215 -6.34 -51.53 -40.31
CA HIS A 215 -5.03 -51.16 -39.77
C HIS A 215 -4.99 -51.04 -38.26
N PHE A 216 -6.06 -50.59 -37.62
CA PHE A 216 -6.08 -50.39 -36.17
C PHE A 216 -6.67 -51.57 -35.41
N SER A 217 -7.07 -52.64 -36.10
CA SER A 217 -7.60 -53.81 -35.40
C SER A 217 -6.55 -54.44 -34.49
N GLY A 218 -5.30 -54.47 -34.93
CA GLY A 218 -4.23 -55.01 -34.13
C GLY A 218 -3.79 -54.08 -33.03
N LEU A 219 -4.69 -53.83 -32.06
CA LEU A 219 -4.41 -52.93 -30.96
C LEU A 219 -5.21 -53.40 -29.75
N SER A 220 -4.52 -53.68 -28.65
CA SER A 220 -5.19 -54.15 -27.44
C SER A 220 -6.21 -53.12 -26.97
N GLY A 221 -7.43 -53.59 -26.72
CA GLY A 221 -8.54 -52.69 -26.43
C GLY A 221 -9.62 -53.31 -25.60
N THR A 222 -10.30 -52.46 -24.83
CA THR A 222 -11.47 -52.76 -24.00
C THR A 222 -11.15 -53.50 -22.71
N TYR A 223 -9.96 -54.10 -22.59
CA TYR A 223 -9.47 -54.65 -21.33
C TYR A 223 -7.95 -54.77 -21.47
N ASP A 224 -7.21 -53.80 -20.92
CA ASP A 224 -5.75 -53.94 -20.92
C ASP A 224 -5.29 -54.78 -19.73
N GLU A 225 -5.48 -54.27 -18.51
CA GLU A 225 -5.06 -54.89 -17.27
C GLU A 225 -5.71 -54.08 -16.15
N ASP A 226 -5.36 -54.36 -14.90
CA ASP A 226 -5.75 -53.51 -13.77
C ASP A 226 -4.77 -52.33 -13.63
N ALA A 227 -4.70 -51.54 -14.70
CA ALA A 227 -3.81 -50.39 -14.78
C ALA A 227 -4.52 -49.21 -15.45
N VAL A 228 -5.80 -49.03 -15.12
CA VAL A 228 -6.63 -48.03 -15.79
C VAL A 228 -6.29 -46.63 -15.26
N PRO A 229 -5.89 -45.67 -16.11
CA PRO A 229 -5.73 -44.30 -15.61
C PRO A 229 -7.07 -43.61 -15.40
N THR A 230 -7.10 -42.75 -14.38
CA THR A 230 -8.27 -41.94 -14.07
C THR A 230 -7.81 -40.58 -13.58
N LEU A 231 -8.36 -39.52 -14.16
CA LEU A 231 -7.97 -38.16 -13.79
C LEU A 231 -8.73 -37.75 -12.54
N SER A 232 -8.00 -37.56 -11.44
CA SER A 232 -8.59 -37.03 -10.23
C SER A 232 -8.81 -35.53 -10.39
N PRO A 233 -9.62 -34.91 -9.53
CA PRO A 233 -9.74 -33.45 -9.56
C PRO A 233 -8.40 -32.79 -9.27
N CYS A 234 -8.31 -31.51 -9.64
CA CYS A 234 -7.10 -30.72 -9.43
C CYS A 234 -7.46 -29.45 -8.69
N ARG A 235 -6.88 -29.30 -7.50
CA ARG A 235 -7.14 -28.15 -6.65
C ARG A 235 -6.70 -26.86 -7.34
N PHE A 236 -7.60 -25.88 -7.37
CA PHE A 236 -7.25 -24.52 -7.75
C PHE A 236 -6.84 -23.75 -6.50
N THR A 237 -5.83 -22.89 -6.66
CA THR A 237 -5.29 -22.10 -5.54
C THR A 237 -5.19 -20.65 -5.95
N GLY A 238 -5.88 -19.78 -5.21
CA GLY A 238 -5.66 -18.35 -5.35
C GLY A 238 -4.25 -18.01 -4.88
N SER A 239 -3.43 -17.50 -5.78
CA SER A 239 -2.02 -17.32 -5.49
C SER A 239 -1.43 -16.36 -6.51
N GLN A 240 -0.16 -16.00 -6.30
CA GLN A 240 0.52 -15.03 -7.14
C GLN A 240 1.97 -15.45 -7.32
N ILE A 241 2.44 -15.39 -8.56
CA ILE A 241 3.84 -15.64 -8.90
C ILE A 241 4.33 -14.44 -9.71
N CYS A 242 5.43 -13.83 -9.26
CA CYS A 242 5.95 -12.59 -9.83
C CYS A 242 7.42 -12.78 -10.15
N HIS A 243 7.76 -12.82 -11.43
CA HIS A 243 9.15 -12.92 -11.89
C HIS A 243 9.59 -11.51 -12.28
N ARG A 244 10.22 -10.83 -11.34
CA ARG A 244 10.73 -9.49 -11.57
C ARG A 244 11.96 -9.55 -12.48
N GLU A 245 11.90 -8.85 -13.62
CA GLU A 245 13.05 -8.78 -14.53
C GLU A 245 12.95 -7.44 -15.27
N ASP A 246 13.69 -6.45 -14.77
CA ASP A 246 13.64 -5.11 -15.33
C ASP A 246 14.48 -4.93 -16.59
N GLY A 247 15.17 -5.98 -17.05
CA GLY A 247 15.84 -5.91 -18.33
C GLY A 247 14.92 -6.05 -19.52
N LEU A 248 13.74 -6.64 -19.33
CA LEU A 248 12.79 -6.81 -20.42
C LEU A 248 11.98 -5.53 -20.62
N PRO A 249 11.66 -5.16 -21.87
CA PRO A 249 11.08 -3.82 -22.09
C PRO A 249 9.59 -3.71 -21.80
N LEU A 250 8.86 -4.82 -21.75
CA LEU A 250 7.43 -4.80 -21.50
C LEU A 250 7.08 -5.93 -20.53
N ALA A 251 6.11 -5.67 -19.66
CA ALA A 251 5.67 -6.62 -18.67
C ALA A 251 4.56 -7.50 -19.24
N HIS A 252 4.49 -8.73 -18.76
CA HIS A 252 3.43 -9.68 -19.12
C HIS A 252 2.68 -10.06 -17.85
N VAL A 253 1.35 -10.02 -17.93
CA VAL A 253 0.49 -10.31 -16.78
C VAL A 253 -0.62 -11.24 -17.26
N ALA A 254 -0.88 -12.29 -16.49
CA ALA A 254 -1.98 -13.21 -16.73
C ALA A 254 -2.71 -13.43 -15.42
N ILE A 255 -4.01 -13.10 -15.40
CA ILE A 255 -4.84 -13.19 -14.21
C ILE A 255 -6.08 -14.00 -14.57
N ALA A 256 -6.51 -14.87 -13.66
CA ALA A 256 -7.64 -15.74 -13.97
C ALA A 256 -8.25 -16.28 -12.69
N VAL A 257 -9.49 -16.75 -12.83
CA VAL A 257 -10.23 -17.45 -11.77
C VAL A 257 -10.44 -18.89 -12.24
N GLU A 258 -11.06 -19.72 -11.40
CA GLU A 258 -11.28 -21.11 -11.74
C GLU A 258 -12.51 -21.24 -12.64
N GLY A 259 -12.33 -21.91 -13.78
CA GLY A 259 -13.43 -22.20 -14.68
C GLY A 259 -14.04 -23.56 -14.37
N PRO A 260 -15.20 -23.86 -14.95
CA PRO A 260 -15.92 -25.07 -14.57
C PRO A 260 -15.43 -26.36 -15.21
N GLY A 261 -14.98 -26.29 -16.46
CA GLY A 261 -14.52 -27.44 -17.21
C GLY A 261 -15.26 -27.60 -18.51
N TRP A 262 -14.89 -28.68 -19.24
CA TRP A 262 -15.36 -28.86 -20.61
C TRP A 262 -16.89 -28.96 -20.68
N ALA A 263 -17.47 -29.87 -19.90
CA ALA A 263 -18.86 -30.27 -20.11
C ALA A 263 -19.88 -29.29 -19.51
N HIS A 264 -19.44 -28.29 -18.77
CA HIS A 264 -20.39 -27.44 -18.07
C HIS A 264 -21.14 -26.54 -19.06
N PRO A 265 -22.46 -26.40 -18.98
CA PRO A 265 -23.16 -25.48 -19.89
C PRO A 265 -22.79 -24.01 -19.71
N ASP A 266 -22.14 -23.65 -18.60
CA ASP A 266 -21.84 -22.25 -18.33
C ASP A 266 -20.77 -21.68 -19.26
N ASN A 267 -20.02 -22.54 -19.96
CA ASN A 267 -18.95 -22.04 -20.83
C ASN A 267 -19.48 -21.16 -21.93
N VAL A 268 -20.70 -21.42 -22.41
CA VAL A 268 -21.26 -20.60 -23.49
C VAL A 268 -21.47 -19.16 -23.01
N ALA A 269 -22.11 -19.01 -21.84
CA ALA A 269 -22.33 -17.67 -21.31
C ALA A 269 -21.02 -16.99 -20.93
N LEU A 270 -20.03 -17.75 -20.47
CA LEU A 270 -18.73 -17.17 -20.16
C LEU A 270 -18.05 -16.63 -21.40
N GLN A 271 -18.11 -17.39 -22.50
CA GLN A 271 -17.51 -16.94 -23.75
C GLN A 271 -18.22 -15.70 -24.30
N VAL A 272 -19.52 -15.57 -24.05
CA VAL A 272 -20.23 -14.35 -24.43
C VAL A 272 -19.69 -13.16 -23.64
N ALA A 273 -19.47 -13.34 -22.33
CA ALA A 273 -18.95 -12.26 -21.51
C ALA A 273 -17.53 -11.90 -21.92
N ASN A 274 -16.69 -12.91 -22.20
CA ASN A 274 -15.34 -12.64 -22.67
C ASN A 274 -15.34 -11.93 -24.03
N ALA A 275 -16.30 -12.26 -24.88
CA ALA A 275 -16.37 -11.61 -26.19
C ALA A 275 -16.72 -10.13 -26.06
N ILE A 276 -17.51 -9.77 -25.05
CA ILE A 276 -17.81 -8.36 -24.80
C ILE A 276 -16.53 -7.60 -24.45
N ILE A 277 -15.73 -8.17 -23.55
CA ILE A 277 -14.43 -7.57 -23.24
C ILE A 277 -13.49 -7.71 -24.42
N GLY A 278 -13.52 -8.85 -25.10
CA GLY A 278 -12.82 -9.00 -26.36
C GLY A 278 -11.32 -9.03 -26.20
N HIS A 279 -10.64 -8.42 -27.17
CA HIS A 279 -9.18 -8.41 -27.21
C HIS A 279 -8.72 -7.21 -28.01
N TYR A 280 -7.47 -6.81 -27.80
CA TYR A 280 -6.92 -5.62 -28.43
C TYR A 280 -5.47 -5.87 -28.81
N ASP A 281 -5.03 -5.16 -29.85
CA ASP A 281 -3.64 -5.12 -30.25
C ASP A 281 -3.34 -3.73 -30.78
N CYS A 282 -2.07 -3.33 -30.72
CA CYS A 282 -1.70 -2.00 -31.19
C CYS A 282 -1.84 -1.84 -32.70
N THR A 283 -2.05 -2.92 -33.46
CA THR A 283 -2.26 -2.84 -34.90
C THR A 283 -3.73 -2.77 -35.29
N TYR A 284 -4.65 -2.84 -34.34
CA TYR A 284 -6.06 -2.68 -34.68
C TYR A 284 -6.32 -1.29 -35.23
N GLY A 285 -7.32 -1.19 -36.10
CA GLY A 285 -7.65 0.08 -36.72
C GLY A 285 -8.68 0.89 -35.96
N GLY A 286 -9.53 0.22 -35.19
CA GLY A 286 -10.66 0.91 -34.57
C GLY A 286 -10.22 1.93 -33.54
N GLY A 287 -9.43 1.51 -32.56
CA GLY A 287 -8.98 2.42 -31.52
C GLY A 287 -10.09 2.94 -30.63
N ALA A 288 -10.27 4.27 -30.62
CA ALA A 288 -11.12 4.90 -29.62
C ALA A 288 -12.59 4.52 -29.79
N HIS A 289 -13.02 4.19 -31.01
CA HIS A 289 -14.42 3.90 -31.27
C HIS A 289 -14.78 2.43 -31.08
N LEU A 290 -13.86 1.61 -30.57
CA LEU A 290 -14.16 0.20 -30.34
C LEU A 290 -15.26 0.06 -29.30
N SER A 291 -16.04 -1.03 -29.44
CA SER A 291 -17.18 -1.24 -28.55
C SER A 291 -16.74 -1.57 -27.14
N SER A 292 -15.79 -2.49 -27.00
CA SER A 292 -15.29 -2.91 -25.70
C SER A 292 -14.75 -1.69 -24.93
N PRO A 293 -15.30 -1.35 -23.77
CA PRO A 293 -14.72 -0.21 -23.02
C PRO A 293 -13.26 -0.40 -22.66
N LEU A 294 -12.84 -1.64 -22.40
CA LEU A 294 -11.43 -1.87 -22.09
C LEU A 294 -10.55 -1.60 -23.30
N ALA A 295 -10.98 -2.05 -24.49
CA ALA A 295 -10.19 -1.80 -25.69
C ALA A 295 -10.18 -0.33 -26.06
N SER A 296 -11.33 0.34 -25.93
CA SER A 296 -11.39 1.77 -26.22
C SER A 296 -10.47 2.57 -25.31
N ILE A 297 -10.53 2.30 -24.01
CA ILE A 297 -9.70 3.04 -23.06
C ILE A 297 -8.24 2.65 -23.22
N ALA A 298 -7.98 1.38 -23.52
CA ALA A 298 -6.60 0.94 -23.71
C ALA A 298 -5.97 1.59 -24.93
N ALA A 299 -6.76 1.85 -25.98
CA ALA A 299 -6.23 2.47 -27.18
C ALA A 299 -6.15 3.98 -27.04
N THR A 300 -7.13 4.60 -26.38
CA THR A 300 -7.14 6.05 -26.23
C THR A 300 -6.03 6.52 -25.32
N ASN A 301 -5.92 5.93 -24.13
CA ASN A 301 -4.88 6.29 -23.17
C ASN A 301 -3.61 5.48 -23.34
N LYS A 302 -3.55 4.54 -24.28
CA LYS A 302 -2.36 3.75 -24.56
C LYS A 302 -1.89 3.01 -23.30
N LEU A 303 -2.80 2.20 -22.76
CA LEU A 303 -2.52 1.45 -21.55
C LEU A 303 -1.80 0.13 -21.79
N CYS A 304 -1.74 -0.34 -23.03
CA CYS A 304 -1.14 -1.63 -23.30
C CYS A 304 -0.77 -1.71 -24.78
N GLN A 305 0.04 -2.72 -25.10
CA GLN A 305 0.27 -3.12 -26.48
C GLN A 305 -0.74 -4.16 -26.94
N SER A 306 -1.29 -4.95 -26.02
CA SER A 306 -2.29 -5.94 -26.36
C SER A 306 -2.92 -6.49 -25.09
N PHE A 307 -4.13 -7.02 -25.23
CA PHE A 307 -4.72 -7.87 -24.21
C PHE A 307 -5.61 -8.90 -24.90
N GLN A 308 -5.85 -9.99 -24.18
CA GLN A 308 -6.73 -11.06 -24.67
C GLN A 308 -7.43 -11.70 -23.49
N THR A 309 -8.73 -11.94 -23.63
CA THR A 309 -9.44 -12.80 -22.70
C THR A 309 -9.24 -14.26 -23.09
N PHE A 310 -9.53 -15.16 -22.14
CA PHE A 310 -9.44 -16.58 -22.43
C PHE A 310 -10.33 -17.36 -21.47
N ASN A 311 -10.78 -18.52 -21.94
CA ASN A 311 -11.50 -19.50 -21.12
C ASN A 311 -10.87 -20.86 -21.43
N ILE A 312 -9.80 -21.19 -20.73
CA ILE A 312 -9.11 -22.46 -20.94
C ILE A 312 -9.85 -23.54 -20.17
N CYS A 313 -10.18 -24.63 -20.86
CA CYS A 313 -10.99 -25.71 -20.32
C CYS A 313 -10.15 -26.96 -20.11
N TYR A 314 -10.28 -27.56 -18.93
CA TYR A 314 -9.76 -28.89 -18.63
C TYR A 314 -10.91 -29.70 -18.03
N ALA A 315 -10.63 -30.96 -17.72
CA ALA A 315 -11.64 -31.82 -17.13
C ALA A 315 -12.02 -31.29 -15.75
N ASP A 316 -13.26 -30.86 -15.60
CA ASP A 316 -13.83 -30.38 -14.34
C ASP A 316 -13.14 -29.14 -13.79
N THR A 317 -12.32 -28.45 -14.59
CA THR A 317 -11.61 -27.27 -14.13
C THR A 317 -11.16 -26.48 -15.35
N GLY A 318 -10.65 -25.28 -15.10
CA GLY A 318 -10.21 -24.42 -16.17
C GLY A 318 -9.68 -23.11 -15.62
N LEU A 319 -9.08 -22.34 -16.52
CA LEU A 319 -8.58 -21.01 -16.21
C LEU A 319 -9.37 -19.99 -17.02
N LEU A 320 -10.11 -19.13 -16.33
CA LEU A 320 -10.94 -18.10 -16.94
C LEU A 320 -10.36 -16.74 -16.55
N GLY A 321 -9.98 -15.94 -17.55
CA GLY A 321 -9.46 -14.63 -17.27
C GLY A 321 -8.92 -13.90 -18.48
N ALA A 322 -7.83 -13.15 -18.28
CA ALA A 322 -7.28 -12.31 -19.32
C ALA A 322 -5.77 -12.21 -19.17
N HIS A 323 -5.11 -11.86 -20.26
CA HIS A 323 -3.66 -11.69 -20.33
C HIS A 323 -3.38 -10.45 -21.13
N PHE A 324 -2.43 -9.64 -20.67
CA PHE A 324 -2.06 -8.41 -21.36
C PHE A 324 -0.57 -8.17 -21.22
N VAL A 325 -0.07 -7.23 -22.03
CA VAL A 325 1.32 -6.82 -22.01
C VAL A 325 1.36 -5.32 -22.20
N CYS A 326 2.17 -4.63 -21.40
CA CYS A 326 2.11 -3.17 -21.35
C CYS A 326 3.42 -2.62 -20.81
N ASP A 327 3.57 -1.31 -20.96
CA ASP A 327 4.67 -0.56 -20.35
C ASP A 327 4.63 -0.71 -18.84
N HIS A 328 5.79 -0.52 -18.21
CA HIS A 328 5.92 -0.74 -16.77
C HIS A 328 5.11 0.23 -15.93
N MET A 329 4.71 1.38 -16.48
CA MET A 329 3.90 2.36 -15.76
C MET A 329 2.42 2.27 -16.06
N SER A 330 1.97 1.24 -16.78
CA SER A 330 0.56 1.05 -17.13
C SER A 330 -0.02 -0.22 -16.54
N ILE A 331 0.72 -0.92 -15.67
CA ILE A 331 0.24 -2.20 -15.16
C ILE A 331 -0.93 -1.97 -14.21
N ASP A 332 -0.90 -0.88 -13.45
CA ASP A 332 -1.96 -0.62 -12.48
C ASP A 332 -3.23 -0.17 -13.18
N ASP A 333 -3.13 0.81 -14.09
CA ASP A 333 -4.29 1.28 -14.83
C ASP A 333 -4.94 0.12 -15.59
N MET A 334 -4.13 -0.73 -16.21
CA MET A 334 -4.68 -1.83 -16.99
C MET A 334 -5.43 -2.82 -16.10
N MET A 335 -4.87 -3.14 -14.94
CA MET A 335 -5.55 -4.05 -14.00
C MET A 335 -6.84 -3.42 -13.49
N PHE A 336 -6.85 -2.11 -13.28
CA PHE A 336 -8.04 -1.45 -12.76
C PHE A 336 -9.18 -1.50 -13.77
N VAL A 337 -8.89 -1.16 -15.03
CA VAL A 337 -9.93 -1.16 -16.05
C VAL A 337 -10.41 -2.58 -16.31
N LEU A 338 -9.50 -3.55 -16.27
CA LEU A 338 -9.88 -4.94 -16.50
C LEU A 338 -10.87 -5.42 -15.43
N GLN A 339 -10.51 -5.28 -14.16
CA GLN A 339 -11.38 -5.75 -13.09
C GLN A 339 -12.69 -4.98 -13.06
N GLY A 340 -12.67 -3.69 -13.41
CA GLY A 340 -13.89 -2.92 -13.45
C GLY A 340 -14.90 -3.44 -14.45
N GLN A 341 -14.42 -4.10 -15.52
CA GLN A 341 -15.32 -4.67 -16.51
C GLN A 341 -15.86 -6.02 -16.08
N TRP A 342 -15.08 -6.81 -15.35
CA TRP A 342 -15.63 -8.01 -14.72
C TRP A 342 -16.75 -7.63 -13.76
N MET A 343 -16.51 -6.63 -12.91
CA MET A 343 -17.53 -6.22 -11.94
C MET A 343 -18.73 -5.60 -12.62
N ARG A 344 -18.50 -4.81 -13.68
CA ARG A 344 -19.61 -4.20 -14.39
C ARG A 344 -20.53 -5.26 -15.00
N LEU A 345 -19.94 -6.33 -15.53
CA LEU A 345 -20.74 -7.40 -16.12
C LEU A 345 -21.39 -8.28 -15.07
N CYS A 346 -20.71 -8.47 -13.92
CA CYS A 346 -21.31 -9.24 -12.83
C CYS A 346 -22.60 -8.59 -12.34
N THR A 347 -22.61 -7.26 -12.25
CA THR A 347 -23.68 -6.52 -11.59
C THR A 347 -24.65 -5.84 -12.54
N SER A 348 -24.17 -5.23 -13.63
CA SER A 348 -24.98 -4.30 -14.42
C SER A 348 -24.77 -4.51 -15.92
N ALA A 349 -24.76 -5.76 -16.37
CA ALA A 349 -24.70 -6.02 -17.80
C ALA A 349 -26.00 -5.62 -18.47
N THR A 350 -25.89 -5.16 -19.71
CA THR A 350 -27.02 -4.65 -20.48
C THR A 350 -27.27 -5.54 -21.70
N GLU A 351 -28.46 -5.39 -22.28
CA GLU A 351 -28.94 -6.36 -23.26
C GLU A 351 -28.21 -6.22 -24.61
N SER A 352 -27.94 -4.99 -25.04
CA SER A 352 -27.36 -4.78 -26.36
C SER A 352 -25.95 -5.36 -26.45
N GLU A 353 -25.08 -5.02 -25.49
CA GLU A 353 -23.72 -5.52 -25.52
C GLU A 353 -23.68 -7.04 -25.42
N VAL A 354 -24.66 -7.64 -24.73
CA VAL A 354 -24.71 -9.10 -24.66
C VAL A 354 -25.05 -9.69 -26.03
N LEU A 355 -25.88 -9.00 -26.80
CA LEU A 355 -26.17 -9.45 -28.15
C LEU A 355 -24.91 -9.37 -29.01
N ARG A 356 -24.09 -8.34 -28.80
CA ARG A 356 -22.82 -8.26 -29.51
C ARG A 356 -21.92 -9.45 -29.17
N GLY A 357 -21.86 -9.82 -27.89
CA GLY A 357 -21.07 -10.97 -27.50
C GLY A 357 -21.57 -12.27 -28.09
N LYS A 358 -22.89 -12.39 -28.27
CA LYS A 358 -23.45 -13.56 -28.93
C LYS A 358 -23.12 -13.55 -30.42
N ASN A 359 -23.16 -12.37 -31.05
CA ASN A 359 -22.86 -12.29 -32.47
C ASN A 359 -21.38 -12.49 -32.74
N LEU A 360 -20.51 -11.98 -31.86
CA LEU A 360 -19.08 -12.25 -32.00
C LEU A 360 -18.80 -13.73 -31.89
N LEU A 361 -19.54 -14.44 -31.04
CA LEU A 361 -19.31 -15.87 -30.86
C LEU A 361 -19.81 -16.67 -32.05
N ARG A 362 -20.97 -16.31 -32.59
CA ARG A 362 -21.48 -16.99 -33.77
C ARG A 362 -20.51 -16.86 -34.95
N ASN A 363 -20.00 -15.64 -35.17
CA ASN A 363 -19.02 -15.44 -36.24
C ASN A 363 -17.73 -16.19 -35.95
N ALA A 364 -17.29 -16.21 -34.69
CA ALA A 364 -16.06 -16.91 -34.34
C ALA A 364 -16.21 -18.41 -34.56
N LEU A 365 -17.38 -18.96 -34.24
CA LEU A 365 -17.57 -20.41 -34.33
C LEU A 365 -17.61 -20.87 -35.79
N VAL A 366 -18.28 -20.12 -36.66
CA VAL A 366 -18.38 -20.53 -38.06
C VAL A 366 -17.09 -20.21 -38.81
N SER A 367 -16.42 -19.11 -38.48
CA SER A 367 -15.16 -18.80 -39.14
C SER A 367 -14.07 -19.80 -38.78
N HIS A 368 -14.14 -20.40 -37.59
CA HIS A 368 -13.11 -21.34 -37.19
C HIS A 368 -13.28 -22.69 -37.87
N LEU A 369 -14.51 -23.14 -38.05
CA LEU A 369 -14.79 -24.42 -38.72
C LEU A 369 -14.89 -24.20 -40.23
N ASP A 370 -13.80 -23.69 -40.80
CA ASP A 370 -13.69 -23.46 -42.25
C ASP A 370 -12.37 -24.07 -42.69
N GLY A 371 -12.47 -25.25 -43.32
CA GLY A 371 -11.31 -26.03 -43.69
C GLY A 371 -11.39 -27.44 -43.12
N THR A 372 -10.71 -28.39 -43.75
CA THR A 372 -10.80 -29.78 -43.30
C THR A 372 -10.06 -29.99 -41.98
N THR A 373 -9.02 -29.22 -41.71
CA THR A 373 -8.19 -29.45 -40.52
C THR A 373 -8.86 -28.90 -39.26
N PRO A 374 -9.44 -27.69 -39.28
CA PRO A 374 -10.25 -27.27 -38.12
C PRO A 374 -11.39 -28.22 -37.79
N VAL A 375 -12.12 -28.69 -38.81
CA VAL A 375 -13.25 -29.57 -38.55
C VAL A 375 -12.78 -30.91 -38.04
N CYS A 376 -11.67 -31.42 -38.58
CA CYS A 376 -11.12 -32.69 -38.09
C CYS A 376 -10.69 -32.56 -36.64
N GLU A 377 -10.16 -31.39 -36.25
CA GLU A 377 -9.81 -31.16 -34.85
C GLU A 377 -11.06 -31.10 -33.99
N ASP A 378 -12.10 -30.40 -34.45
CA ASP A 378 -13.34 -30.30 -33.67
C ASP A 378 -13.95 -31.67 -33.46
N ILE A 379 -13.83 -32.56 -34.46
CA ILE A 379 -14.37 -33.91 -34.32
C ILE A 379 -13.56 -34.69 -33.28
N GLY A 380 -12.24 -34.71 -33.42
CA GLY A 380 -11.42 -35.51 -32.53
C GLY A 380 -11.49 -35.03 -31.09
N ARG A 381 -11.33 -33.72 -30.87
CA ARG A 381 -11.31 -33.21 -29.51
C ARG A 381 -12.68 -33.34 -28.85
N SER A 382 -13.76 -33.14 -29.60
CA SER A 382 -15.09 -33.21 -29.03
C SER A 382 -15.43 -34.63 -28.56
N LEU A 383 -15.04 -35.64 -29.34
CA LEU A 383 -15.33 -37.02 -28.96
C LEU A 383 -14.62 -37.41 -27.67
N LEU A 384 -13.46 -36.81 -27.39
CA LEU A 384 -12.77 -37.09 -26.14
C LEU A 384 -13.38 -36.32 -24.97
N THR A 385 -13.76 -35.07 -25.21
CA THR A 385 -14.30 -34.22 -24.14
C THR A 385 -15.80 -34.42 -23.98
N TYR A 386 -16.57 -34.17 -25.05
CA TYR A 386 -18.02 -34.25 -25.00
C TYR A 386 -18.57 -35.64 -25.25
N GLY A 387 -17.76 -36.56 -25.75
CA GLY A 387 -18.28 -37.86 -26.15
C GLY A 387 -19.18 -37.83 -27.37
N ARG A 388 -19.23 -36.71 -28.08
CA ARG A 388 -20.09 -36.55 -29.24
C ARG A 388 -19.68 -35.27 -29.96
N ARG A 389 -20.17 -35.10 -31.18
CA ARG A 389 -20.04 -33.85 -31.91
C ARG A 389 -21.29 -33.02 -31.64
N ILE A 390 -21.11 -31.85 -31.05
CA ILE A 390 -22.21 -30.95 -30.78
C ILE A 390 -22.50 -30.18 -32.07
N PRO A 391 -23.64 -30.35 -32.74
CA PRO A 391 -23.86 -29.66 -34.01
C PRO A 391 -23.87 -28.15 -33.82
N LEU A 392 -23.59 -27.45 -34.93
CA LEU A 392 -23.61 -25.99 -34.90
C LEU A 392 -24.98 -25.46 -34.52
N ALA A 393 -26.05 -26.16 -34.91
CA ALA A 393 -27.39 -25.71 -34.55
C ALA A 393 -27.63 -25.77 -33.05
N GLU A 394 -26.95 -26.68 -32.35
CA GLU A 394 -27.07 -26.74 -30.90
C GLU A 394 -26.30 -25.60 -30.23
N TRP A 395 -25.11 -25.27 -30.73
CA TRP A 395 -24.38 -24.12 -30.21
C TRP A 395 -25.18 -22.84 -30.38
N GLU A 396 -25.90 -22.72 -31.50
CA GLU A 396 -26.75 -21.55 -31.71
C GLU A 396 -27.90 -21.51 -30.71
N SER A 397 -28.43 -22.68 -30.34
CA SER A 397 -29.50 -22.72 -29.36
C SER A 397 -29.01 -22.28 -27.99
N ARG A 398 -27.81 -22.71 -27.59
CA ARG A 398 -27.27 -22.31 -26.29
C ARG A 398 -26.84 -20.85 -26.30
N ILE A 399 -26.35 -20.36 -27.44
CA ILE A 399 -25.98 -18.95 -27.52
C ILE A 399 -27.23 -18.07 -27.46
N ALA A 400 -28.28 -18.45 -28.19
CA ALA A 400 -29.50 -17.67 -28.20
C ALA A 400 -30.19 -17.66 -26.84
N GLU A 401 -29.91 -18.64 -25.98
CA GLU A 401 -30.49 -18.64 -24.64
C GLU A 401 -29.88 -17.57 -23.76
N VAL A 402 -28.63 -17.18 -24.04
CA VAL A 402 -27.95 -16.20 -23.20
C VAL A 402 -28.61 -14.84 -23.35
N ASP A 403 -28.84 -14.16 -22.23
CA ASP A 403 -29.24 -12.77 -22.22
C ASP A 403 -28.48 -12.08 -21.08
N ALA A 404 -28.82 -10.82 -20.82
CA ALA A 404 -28.09 -10.04 -19.83
C ALA A 404 -28.19 -10.66 -18.44
N ARG A 405 -29.35 -11.23 -18.11
CA ARG A 405 -29.50 -11.88 -16.80
C ARG A 405 -28.57 -13.08 -16.68
N VAL A 406 -28.42 -13.86 -17.75
CA VAL A 406 -27.54 -15.02 -17.71
C VAL A 406 -26.10 -14.59 -17.49
N VAL A 407 -25.68 -13.51 -18.14
CA VAL A 407 -24.30 -13.05 -18.01
C VAL A 407 -24.05 -12.55 -16.60
N ARG A 408 -24.98 -11.79 -16.03
CA ARG A 408 -24.81 -11.28 -14.67
C ARG A 408 -24.73 -12.43 -13.66
N GLU A 409 -25.63 -13.40 -13.78
CA GLU A 409 -25.60 -14.55 -12.88
C GLU A 409 -24.35 -15.40 -13.11
N VAL A 410 -24.02 -15.67 -14.37
CA VAL A 410 -22.92 -16.58 -14.67
C VAL A 410 -21.58 -15.92 -14.35
N CYS A 411 -21.43 -14.63 -14.65
CA CYS A 411 -20.17 -13.97 -14.33
C CYS A 411 -19.97 -13.86 -12.82
N SER A 412 -21.03 -13.52 -12.07
CA SER A 412 -20.92 -13.46 -10.63
C SER A 412 -20.58 -14.81 -10.02
N LYS A 413 -21.04 -15.90 -10.65
CA LYS A 413 -20.78 -17.24 -10.12
C LYS A 413 -19.29 -17.57 -10.14
N TYR A 414 -18.53 -16.99 -11.08
CA TYR A 414 -17.12 -17.33 -11.27
C TYR A 414 -16.15 -16.19 -10.98
N PHE A 415 -16.60 -14.94 -11.04
CA PHE A 415 -15.73 -13.78 -10.85
C PHE A 415 -15.93 -13.09 -9.52
N TYR A 416 -17.16 -12.76 -9.15
CA TYR A 416 -17.41 -11.85 -8.04
C TYR A 416 -16.93 -12.44 -6.72
N ASP A 417 -15.97 -11.77 -6.10
CA ASP A 417 -15.47 -12.15 -4.77
C ASP A 417 -14.84 -13.54 -4.82
N GLN A 418 -13.92 -13.72 -5.76
CA GLN A 418 -13.20 -14.97 -5.94
C GLN A 418 -11.70 -14.68 -5.93
N CYS A 419 -10.93 -15.66 -5.46
CA CYS A 419 -9.49 -15.51 -5.39
C CYS A 419 -8.87 -15.82 -6.75
N PRO A 420 -8.23 -14.87 -7.42
CA PRO A 420 -7.62 -15.18 -8.71
C PRO A 420 -6.23 -15.78 -8.56
N ALA A 421 -5.78 -16.40 -9.65
CA ALA A 421 -4.39 -16.83 -9.80
C ALA A 421 -3.70 -15.82 -10.71
N VAL A 422 -2.66 -15.18 -10.19
CA VAL A 422 -1.96 -14.11 -10.89
C VAL A 422 -0.56 -14.59 -11.24
N ALA A 423 -0.13 -14.28 -12.47
CA ALA A 423 1.22 -14.59 -12.93
C ALA A 423 1.79 -13.35 -13.59
N GLY A 424 2.99 -12.98 -13.19
CA GLY A 424 3.64 -11.80 -13.72
C GLY A 424 5.07 -12.09 -14.11
N PHE A 425 5.57 -11.30 -15.07
CA PHE A 425 6.89 -11.50 -15.63
C PHE A 425 7.31 -10.22 -16.33
N GLY A 426 8.53 -9.77 -16.05
CA GLY A 426 9.07 -8.58 -16.66
C GLY A 426 9.22 -7.43 -15.67
N PRO A 427 9.17 -6.17 -16.15
CA PRO A 427 9.24 -5.03 -15.23
C PRO A 427 7.93 -4.81 -14.51
N ILE A 428 7.72 -5.52 -13.39
CA ILE A 428 6.41 -5.60 -12.74
C ILE A 428 6.45 -4.96 -11.35
N GLU A 429 7.30 -3.95 -11.17
CA GLU A 429 7.32 -3.22 -9.91
C GLU A 429 5.96 -2.61 -9.60
N GLN A 430 5.26 -2.13 -10.63
CA GLN A 430 3.96 -1.52 -10.48
C GLN A 430 2.81 -2.51 -10.49
N LEU A 431 3.09 -3.81 -10.54
CA LEU A 431 2.02 -4.80 -10.47
C LEU A 431 1.36 -4.70 -9.09
N PRO A 432 0.04 -4.53 -9.00
CA PRO A 432 -0.59 -4.37 -7.68
C PRO A 432 -0.38 -5.58 -6.77
N ASP A 433 -0.34 -5.29 -5.47
CA ASP A 433 -0.27 -6.34 -4.46
C ASP A 433 -1.50 -7.25 -4.57
N TYR A 434 -1.33 -8.51 -4.17
CA TYR A 434 -2.40 -9.49 -4.34
C TYR A 434 -3.65 -9.08 -3.57
N ASN A 435 -3.49 -8.53 -2.37
CA ASN A 435 -4.65 -8.07 -1.61
C ASN A 435 -5.41 -6.99 -2.37
N ARG A 436 -4.69 -6.05 -2.99
CA ARG A 436 -5.35 -5.04 -3.81
C ARG A 436 -6.02 -5.67 -5.02
N ILE A 437 -5.39 -6.68 -5.62
CA ILE A 437 -6.03 -7.40 -6.72
C ILE A 437 -7.27 -8.13 -6.21
N ARG A 438 -7.17 -8.77 -5.05
CA ARG A 438 -8.31 -9.48 -4.48
C ARG A 438 -9.44 -8.52 -4.15
N SER A 439 -9.13 -7.29 -3.73
CA SER A 439 -10.17 -6.31 -3.47
C SER A 439 -10.83 -5.82 -4.75
N GLY A 440 -10.14 -5.91 -5.88
CA GLY A 440 -10.75 -5.56 -7.16
C GLY A 440 -11.75 -6.57 -7.68
N MET A 441 -11.94 -7.68 -6.98
CA MET A 441 -12.90 -8.70 -7.37
C MET A 441 -14.28 -8.50 -6.76
N PHE A 442 -14.49 -7.40 -6.02
CA PHE A 442 -15.82 -7.02 -5.57
C PHE A 442 -15.92 -5.49 -5.56
N TRP A 443 -17.16 -5.00 -5.51
CA TRP A 443 -17.45 -3.58 -5.44
C TRP A 443 -18.17 -3.28 -4.13
N LEU A 444 -17.71 -2.25 -3.42
CA LEU A 444 -18.38 -1.81 -2.21
C LEU A 444 -19.72 -1.14 -2.50
N ARG A 445 -19.91 -0.62 -3.71
CA ARG A 445 -21.18 0.01 -4.05
C ARG A 445 -22.29 -1.02 -4.27
N PHE A 446 -21.94 -2.28 -4.52
CA PHE A 446 -22.92 -3.31 -4.82
C PHE A 446 -23.30 -4.12 -3.59
N ALA B 15 -28.78 -40.19 -44.59
CA ALA B 15 -27.55 -40.94 -44.80
C ALA B 15 -26.35 -40.18 -44.20
N GLY B 16 -26.32 -38.88 -44.44
CA GLY B 16 -25.26 -38.02 -43.97
C GLY B 16 -24.38 -37.41 -45.06
N VAL B 17 -24.84 -37.40 -46.31
CA VAL B 17 -24.07 -36.87 -47.43
C VAL B 17 -24.35 -35.38 -47.56
N PRO B 18 -23.48 -34.60 -48.20
CA PRO B 18 -23.72 -33.16 -48.31
C PRO B 18 -24.61 -32.85 -49.51
N PRO B 19 -25.05 -31.58 -49.65
CA PRO B 19 -25.89 -31.24 -50.82
C PRO B 19 -25.12 -31.27 -52.13
N HIS B 20 -25.79 -30.93 -53.22
CA HIS B 20 -25.12 -30.84 -54.52
C HIS B 20 -24.43 -29.47 -54.63
N PRO B 21 -23.10 -29.41 -54.75
CA PRO B 21 -22.43 -28.09 -54.70
C PRO B 21 -22.70 -27.29 -55.96
N GLN B 22 -23.05 -26.01 -55.76
CA GLN B 22 -23.35 -25.12 -56.87
C GLN B 22 -22.07 -24.77 -57.64
N ASP B 23 -22.26 -24.16 -58.80
CA ASP B 23 -21.17 -23.66 -59.61
C ASP B 23 -20.92 -22.18 -59.32
N LEU B 24 -19.70 -21.75 -59.58
CA LEU B 24 -19.35 -20.34 -59.48
C LEU B 24 -19.93 -19.58 -60.67
N GLU B 25 -20.68 -18.52 -60.38
CA GLU B 25 -21.18 -17.61 -61.41
C GLU B 25 -20.11 -16.55 -61.67
N PHE B 26 -19.97 -16.18 -62.94
CA PHE B 26 -18.93 -15.23 -63.35
C PHE B 26 -19.46 -14.36 -64.48
N THR B 27 -19.20 -13.05 -64.37
CA THR B 27 -19.76 -12.07 -65.30
C THR B 27 -18.78 -10.92 -65.47
N ARG B 28 -18.56 -10.52 -66.72
CA ARG B 28 -17.82 -9.31 -67.04
C ARG B 28 -18.81 -8.25 -67.51
N LEU B 29 -18.76 -7.07 -66.90
CA LEU B 29 -19.55 -5.94 -67.35
C LEU B 29 -18.81 -5.19 -68.45
N PRO B 30 -19.52 -4.45 -69.30
CA PRO B 30 -18.82 -3.75 -70.40
C PRO B 30 -17.84 -2.69 -69.93
N ASN B 31 -17.99 -2.17 -68.71
CA ASN B 31 -17.07 -1.16 -68.20
C ASN B 31 -15.76 -1.75 -67.69
N GLY B 32 -15.58 -3.07 -67.76
CA GLY B 32 -14.38 -3.74 -67.30
C GLY B 32 -14.51 -4.42 -65.96
N LEU B 33 -15.57 -4.13 -65.20
CA LEU B 33 -15.74 -4.73 -63.88
C LEU B 33 -16.03 -6.22 -64.00
N VAL B 34 -15.63 -6.97 -62.98
CA VAL B 34 -15.78 -8.42 -62.94
C VAL B 34 -16.50 -8.81 -61.66
N ILE B 35 -17.65 -9.46 -61.79
CA ILE B 35 -18.38 -10.01 -60.65
C ILE B 35 -18.27 -11.52 -60.70
N ALA B 36 -17.99 -12.13 -59.56
CA ALA B 36 -17.96 -13.59 -59.44
C ALA B 36 -18.52 -13.96 -58.07
N SER B 37 -19.44 -14.91 -58.05
CA SER B 37 -20.12 -15.30 -56.82
C SER B 37 -20.25 -16.82 -56.76
N LEU B 38 -20.30 -17.33 -55.54
CA LEU B 38 -20.56 -18.74 -55.29
C LEU B 38 -21.49 -18.84 -54.09
N GLU B 39 -22.59 -19.58 -54.25
CA GLU B 39 -23.52 -19.85 -53.16
C GLU B 39 -23.18 -21.23 -52.59
N ASN B 40 -22.45 -21.24 -51.49
CA ASN B 40 -22.07 -22.46 -50.79
C ASN B 40 -22.99 -22.79 -49.63
N TYR B 41 -24.05 -22.01 -49.40
CA TYR B 41 -25.03 -22.26 -48.35
C TYR B 41 -24.39 -22.31 -46.97
N ALA B 42 -23.29 -21.58 -46.78
CA ALA B 42 -22.61 -21.56 -45.50
C ALA B 42 -23.33 -20.62 -44.54
N PRO B 43 -23.11 -20.75 -43.23
CA PRO B 43 -23.73 -19.80 -42.30
C PRO B 43 -23.16 -18.41 -42.41
N ALA B 44 -21.91 -18.27 -42.83
CA ALA B 44 -21.25 -16.98 -42.98
C ALA B 44 -21.20 -16.58 -44.45
N SER B 45 -21.09 -15.28 -44.68
CA SER B 45 -20.88 -14.71 -45.99
C SER B 45 -19.54 -13.98 -46.01
N ARG B 46 -18.97 -13.84 -47.20
CA ARG B 46 -17.68 -13.19 -47.37
C ARG B 46 -17.69 -12.46 -48.70
N ILE B 47 -17.40 -11.16 -48.67
CA ILE B 47 -17.42 -10.32 -49.85
C ILE B 47 -16.10 -9.59 -49.93
N GLY B 48 -15.44 -9.68 -51.09
CA GLY B 48 -14.18 -8.99 -51.32
C GLY B 48 -14.22 -8.10 -52.55
N LEU B 49 -13.70 -6.88 -52.41
CA LEU B 49 -13.50 -5.98 -53.53
C LEU B 49 -12.01 -5.92 -53.79
N PHE B 50 -11.57 -6.53 -54.89
CA PHE B 50 -10.17 -6.59 -55.28
C PHE B 50 -9.89 -5.49 -56.28
N ILE B 51 -8.77 -4.78 -56.09
CA ILE B 51 -8.47 -3.56 -56.83
C ILE B 51 -7.02 -3.61 -57.27
N LYS B 52 -6.77 -3.26 -58.54
CA LYS B 52 -5.41 -3.05 -59.02
C LYS B 52 -4.93 -1.70 -58.51
N ALA B 53 -4.56 -1.66 -57.22
CA ALA B 53 -4.10 -0.44 -56.59
C ALA B 53 -2.94 -0.67 -55.64
N GLY B 54 -2.23 -1.79 -55.78
CA GLY B 54 -1.10 -2.09 -54.92
C GLY B 54 0.01 -1.08 -55.03
N SER B 55 1.11 -1.31 -54.30
CA SER B 55 2.18 -0.34 -54.21
C SER B 55 2.87 -0.07 -55.53
N ARG B 56 2.64 -0.89 -56.56
CA ARG B 56 3.33 -0.68 -57.83
C ARG B 56 2.88 0.59 -58.54
N TYR B 57 1.70 1.09 -58.23
CA TYR B 57 1.17 2.28 -58.87
C TYR B 57 1.51 3.56 -58.11
N GLU B 58 2.38 3.47 -57.10
CA GLU B 58 3.01 4.65 -56.53
C GLU B 58 4.19 5.07 -57.39
N ASN B 59 4.57 6.34 -57.26
CA ASN B 59 5.79 6.84 -57.87
C ASN B 59 6.62 7.57 -56.81
N SER B 60 7.73 8.19 -57.22
CA SER B 60 8.67 8.74 -56.26
C SER B 60 8.17 9.99 -55.55
N ASN B 61 6.95 10.47 -55.85
CA ASN B 61 6.38 11.63 -55.18
C ASN B 61 5.30 11.29 -54.17
N ASN B 62 4.75 10.08 -54.19
CA ASN B 62 3.69 9.69 -53.27
C ASN B 62 3.93 8.30 -52.70
N LEU B 63 5.19 7.97 -52.42
CA LEU B 63 5.51 6.68 -51.82
C LEU B 63 4.84 6.54 -50.46
N GLY B 64 4.31 5.34 -50.21
CA GLY B 64 3.62 5.06 -48.97
C GLY B 64 2.15 5.44 -48.94
N THR B 65 1.62 6.04 -50.00
CA THR B 65 0.22 6.45 -49.98
C THR B 65 -0.72 5.26 -49.90
N SER B 66 -0.34 4.12 -50.49
CA SER B 66 -1.19 2.94 -50.42
C SER B 66 -1.06 2.21 -49.10
N HIS B 67 0.02 2.41 -48.35
CA HIS B 67 0.08 1.90 -46.98
C HIS B 67 -0.89 2.66 -46.09
N LEU B 68 -0.80 4.00 -46.09
CA LEU B 68 -1.71 4.79 -45.26
C LEU B 68 -3.16 4.57 -45.68
N LEU B 69 -3.40 4.39 -46.98
CA LEU B 69 -4.73 4.05 -47.45
C LEU B 69 -5.16 2.70 -46.89
N ARG B 70 -4.24 1.73 -46.86
CA ARG B 70 -4.56 0.42 -46.30
C ARG B 70 -4.95 0.53 -44.83
N LEU B 71 -4.43 1.52 -44.11
CA LEU B 71 -4.72 1.72 -42.70
C LEU B 71 -5.95 2.57 -42.44
N ALA B 72 -6.56 3.16 -43.47
CA ALA B 72 -7.61 4.17 -43.31
C ALA B 72 -9.00 3.62 -43.63
N SER B 73 -9.21 2.32 -43.47
CA SER B 73 -10.47 1.71 -43.88
C SER B 73 -11.63 2.07 -42.95
N SER B 74 -11.36 2.52 -41.72
CA SER B 74 -12.39 2.89 -40.77
C SER B 74 -12.46 4.39 -40.52
N LEU B 75 -11.88 5.20 -41.39
CA LEU B 75 -12.09 6.64 -41.32
C LEU B 75 -13.46 6.99 -41.89
N THR B 76 -13.82 8.26 -41.75
CA THR B 76 -15.18 8.69 -42.03
C THR B 76 -15.45 8.72 -43.53
N THR B 77 -16.61 8.20 -43.90
CA THR B 77 -17.10 8.20 -45.29
C THR B 77 -18.31 9.11 -45.39
N LYS B 78 -18.78 9.29 -46.63
CA LYS B 78 -19.94 10.14 -46.85
C LYS B 78 -21.22 9.50 -46.31
N GLY B 79 -21.27 8.18 -46.26
CA GLY B 79 -22.46 7.46 -45.83
C GLY B 79 -22.38 6.89 -44.42
N ALA B 80 -21.20 6.95 -43.80
CA ALA B 80 -21.02 6.36 -42.48
C ALA B 80 -19.79 6.97 -41.82
N SER B 81 -19.97 7.47 -40.60
CA SER B 81 -18.86 8.02 -39.84
C SER B 81 -17.94 6.90 -39.36
N SER B 82 -16.74 7.28 -38.93
CA SER B 82 -15.79 6.31 -38.39
C SER B 82 -16.39 5.57 -37.19
N PHE B 83 -17.15 6.27 -36.36
CA PHE B 83 -17.79 5.64 -35.22
C PHE B 83 -18.77 4.57 -35.66
N LYS B 84 -19.61 4.89 -36.65
CA LYS B 84 -20.63 3.95 -37.10
C LYS B 84 -20.01 2.70 -37.73
N ILE B 85 -18.95 2.87 -38.52
CA ILE B 85 -18.32 1.73 -39.18
C ILE B 85 -17.80 0.75 -38.15
N THR B 86 -17.09 1.26 -37.14
CA THR B 86 -16.56 0.40 -36.10
C THR B 86 -17.67 -0.27 -35.30
N ARG B 87 -18.59 0.53 -34.75
CA ARG B 87 -19.67 -0.02 -33.93
C ARG B 87 -20.65 -0.84 -34.77
N GLY B 88 -20.90 -0.40 -36.01
CA GLY B 88 -21.87 -1.10 -36.84
C GLY B 88 -21.42 -2.50 -37.22
N ILE B 89 -20.13 -2.66 -37.51
CA ILE B 89 -19.61 -3.97 -37.90
C ILE B 89 -19.44 -4.86 -36.68
N GLU B 90 -18.92 -4.32 -35.58
CA GLU B 90 -18.75 -5.12 -34.37
C GLU B 90 -20.09 -5.56 -33.80
N ALA B 91 -21.16 -4.78 -34.02
CA ALA B 91 -22.46 -5.12 -33.47
C ALA B 91 -22.95 -6.45 -34.01
N VAL B 92 -22.71 -6.73 -35.29
CA VAL B 92 -23.08 -8.01 -35.91
C VAL B 92 -21.93 -9.00 -35.84
N GLY B 93 -20.85 -8.65 -35.14
CA GLY B 93 -19.71 -9.53 -35.05
C GLY B 93 -18.94 -9.68 -36.33
N GLY B 94 -19.04 -8.70 -37.24
CA GLY B 94 -18.41 -8.79 -38.54
C GLY B 94 -16.94 -8.45 -38.51
N LYS B 95 -16.37 -8.33 -39.70
CA LYS B 95 -14.95 -8.08 -39.88
C LYS B 95 -14.75 -7.22 -41.12
N LEU B 96 -13.76 -6.33 -41.06
CA LEU B 96 -13.33 -5.54 -42.21
C LEU B 96 -11.82 -5.60 -42.28
N SER B 97 -11.29 -6.10 -43.40
CA SER B 97 -9.86 -6.25 -43.58
C SER B 97 -9.43 -5.60 -44.90
N VAL B 98 -8.16 -5.21 -44.95
CA VAL B 98 -7.54 -4.68 -46.16
C VAL B 98 -6.22 -5.41 -46.34
N THR B 99 -6.11 -6.21 -47.41
CA THR B 99 -4.90 -6.93 -47.74
C THR B 99 -4.28 -6.32 -48.99
N SER B 100 -2.97 -6.08 -48.95
CA SER B 100 -2.25 -5.45 -50.04
C SER B 100 -1.08 -6.31 -50.48
N THR B 101 -0.90 -6.40 -51.78
CA THR B 101 0.31 -6.91 -52.41
C THR B 101 0.92 -5.77 -53.22
N ARG B 102 2.04 -6.06 -53.90
CA ARG B 102 2.63 -5.04 -54.76
C ARG B 102 1.75 -4.68 -55.94
N GLU B 103 0.74 -5.49 -56.25
CA GLU B 103 -0.16 -5.25 -57.37
C GLU B 103 -1.59 -4.94 -56.98
N ASN B 104 -2.11 -5.57 -55.92
CA ASN B 104 -3.52 -5.48 -55.57
C ASN B 104 -3.73 -4.90 -54.18
N MET B 105 -4.89 -4.28 -54.00
CA MET B 105 -5.49 -4.05 -52.69
C MET B 105 -6.82 -4.80 -52.66
N ALA B 106 -7.09 -5.46 -51.54
CA ALA B 106 -8.27 -6.32 -51.41
C ALA B 106 -9.00 -5.95 -50.12
N TYR B 107 -10.14 -5.28 -50.27
CA TYR B 107 -11.02 -4.96 -49.15
C TYR B 107 -11.98 -6.13 -48.96
N THR B 108 -11.83 -6.83 -47.84
CA THR B 108 -12.63 -8.01 -47.54
C THR B 108 -13.53 -7.74 -46.34
N VAL B 109 -14.74 -8.31 -46.38
CA VAL B 109 -15.75 -8.10 -45.35
C VAL B 109 -16.40 -9.44 -45.06
N GLU B 110 -16.60 -9.73 -43.76
CA GLU B 110 -17.13 -11.01 -43.33
C GLU B 110 -18.20 -10.79 -42.27
N CYS B 111 -19.24 -11.62 -42.32
CA CYS B 111 -20.35 -11.54 -41.38
C CYS B 111 -21.26 -12.74 -41.63
N LEU B 112 -22.20 -12.95 -40.71
CA LEU B 112 -23.23 -13.95 -40.91
C LEU B 112 -24.12 -13.52 -42.08
N ARG B 113 -24.67 -14.51 -42.79
CA ARG B 113 -25.32 -14.24 -44.06
C ARG B 113 -26.58 -13.39 -43.91
N ASP B 114 -27.16 -13.31 -42.70
CA ASP B 114 -28.30 -12.43 -42.48
C ASP B 114 -27.91 -10.95 -42.41
N ASP B 115 -26.62 -10.62 -42.37
CA ASP B 115 -26.16 -9.25 -42.21
C ASP B 115 -25.31 -8.78 -43.40
N VAL B 116 -25.45 -9.44 -44.56
CA VAL B 116 -24.67 -9.08 -45.73
C VAL B 116 -24.95 -7.64 -46.16
N ASP B 117 -26.23 -7.23 -46.08
CA ASP B 117 -26.60 -5.90 -46.55
C ASP B 117 -25.88 -4.81 -45.77
N ILE B 118 -25.78 -4.97 -44.45
CA ILE B 118 -25.16 -3.94 -43.62
C ILE B 118 -23.69 -3.77 -43.98
N LEU B 119 -22.96 -4.88 -44.09
CA LEU B 119 -21.52 -4.81 -44.34
C LEU B 119 -21.22 -4.44 -45.79
N MET B 120 -22.12 -4.75 -46.72
CA MET B 120 -21.97 -4.29 -48.09
C MET B 120 -21.97 -2.77 -48.15
N GLU B 121 -22.92 -2.15 -47.43
CA GLU B 121 -23.01 -0.69 -47.41
C GLU B 121 -21.74 -0.06 -46.85
N PHE B 122 -21.17 -0.64 -45.79
CA PHE B 122 -19.92 -0.13 -45.26
C PHE B 122 -18.79 -0.29 -46.27
N LEU B 123 -18.72 -1.46 -46.92
CA LEU B 123 -17.65 -1.73 -47.87
C LEU B 123 -17.65 -0.71 -49.01
N LEU B 124 -18.82 -0.44 -49.58
CA LEU B 124 -18.91 0.51 -50.68
C LEU B 124 -18.51 1.91 -50.23
N ASN B 125 -18.91 2.31 -49.02
CA ASN B 125 -18.56 3.62 -48.51
C ASN B 125 -17.05 3.75 -48.31
N VAL B 126 -16.41 2.71 -47.76
CA VAL B 126 -14.98 2.76 -47.53
C VAL B 126 -14.22 2.84 -48.84
N THR B 127 -14.72 2.17 -49.88
CA THR B 127 -14.00 2.04 -51.13
C THR B 127 -14.39 3.09 -52.17
N THR B 128 -15.59 3.66 -52.06
CA THR B 128 -16.10 4.59 -53.08
C THR B 128 -16.54 5.94 -52.53
N ALA B 129 -16.58 6.13 -51.21
CA ALA B 129 -16.87 7.45 -50.65
C ALA B 129 -16.04 7.79 -49.41
N PRO B 130 -14.73 7.62 -49.42
CA PRO B 130 -13.94 8.12 -48.29
C PRO B 130 -13.73 9.62 -48.39
N GLU B 131 -13.88 10.30 -47.25
CA GLU B 131 -13.65 11.74 -47.20
C GLU B 131 -12.19 12.09 -46.93
N PHE B 132 -11.46 11.24 -46.23
CA PHE B 132 -10.08 11.49 -45.82
C PHE B 132 -9.96 12.86 -45.14
N ARG B 133 -10.65 12.98 -44.01
CA ARG B 133 -10.67 14.26 -43.30
C ARG B 133 -9.26 14.60 -42.80
N ARG B 134 -8.94 15.89 -42.91
CA ARG B 134 -7.59 16.37 -42.61
C ARG B 134 -7.13 15.98 -41.21
N TRP B 135 -8.00 16.12 -40.22
CA TRP B 135 -7.62 15.78 -38.84
C TRP B 135 -7.62 14.28 -38.61
N GLU B 136 -8.54 13.54 -39.24
CA GLU B 136 -8.53 12.09 -39.10
C GLU B 136 -7.28 11.49 -39.71
N VAL B 137 -6.87 11.99 -40.88
CA VAL B 137 -5.66 11.48 -41.52
C VAL B 137 -4.43 11.82 -40.68
N ALA B 138 -4.38 13.02 -40.11
CA ALA B 138 -3.24 13.41 -39.29
C ALA B 138 -3.11 12.53 -38.06
N ALA B 139 -4.24 12.22 -37.41
CA ALA B 139 -4.20 11.33 -36.25
C ALA B 139 -3.76 9.92 -36.60
N LEU B 140 -3.90 9.51 -37.86
CA LEU B 140 -3.58 8.16 -38.29
C LEU B 140 -2.12 8.00 -38.73
N GLN B 141 -1.42 9.09 -39.01
CA GLN B 141 -0.04 9.00 -39.48
C GLN B 141 0.88 8.20 -38.56
N PRO B 142 0.86 8.35 -37.23
CA PRO B 142 1.78 7.56 -36.39
C PRO B 142 1.53 6.06 -36.45
N GLN B 143 0.38 5.62 -36.97
CA GLN B 143 0.14 4.19 -37.08
C GLN B 143 1.03 3.55 -38.14
N LEU B 144 1.46 4.32 -39.14
CA LEU B 144 2.42 3.82 -40.12
C LEU B 144 3.69 3.35 -39.44
N ARG B 145 4.16 4.09 -38.45
CA ARG B 145 5.38 3.70 -37.75
C ARG B 145 5.18 2.43 -36.93
N ILE B 146 3.99 2.28 -36.33
CA ILE B 146 3.71 1.10 -35.52
C ILE B 146 3.49 -0.12 -36.42
N ASP B 147 2.70 0.04 -37.48
CA ASP B 147 2.49 -1.03 -38.43
C ASP B 147 3.79 -1.53 -39.03
N LYS B 148 4.62 -0.59 -39.51
CA LYS B 148 5.87 -0.97 -40.15
C LYS B 148 6.83 -1.62 -39.16
N ALA B 149 6.85 -1.13 -37.91
CA ALA B 149 7.76 -1.70 -36.91
C ALA B 149 7.37 -3.13 -36.57
N VAL B 150 6.07 -3.40 -36.47
CA VAL B 150 5.61 -4.77 -36.20
C VAL B 150 5.95 -5.69 -37.37
N ALA B 151 5.81 -5.20 -38.60
CA ALA B 151 6.13 -6.03 -39.76
C ALA B 151 7.62 -6.31 -39.84
N LEU B 152 8.45 -5.30 -39.68
CA LEU B 152 9.88 -5.43 -39.93
C LEU B 152 10.64 -6.14 -38.82
N GLN B 153 9.98 -6.65 -37.79
CA GLN B 153 10.67 -7.49 -36.82
C GLN B 153 10.76 -8.94 -37.27
N ASN B 154 10.11 -9.29 -38.40
CA ASN B 154 10.48 -10.48 -39.15
C ASN B 154 11.61 -10.10 -40.10
N PRO B 155 12.82 -10.67 -39.98
CA PRO B 155 13.89 -10.30 -40.92
C PRO B 155 13.57 -10.63 -42.37
N GLN B 156 12.61 -11.54 -42.62
CA GLN B 156 12.20 -11.83 -43.98
C GLN B 156 11.61 -10.60 -44.66
N ALA B 157 10.91 -9.74 -43.91
CA ALA B 157 10.19 -8.64 -44.52
C ALA B 157 11.14 -7.63 -45.16
N HIS B 158 12.20 -7.24 -44.43
CA HIS B 158 13.10 -6.23 -44.96
C HIS B 158 14.00 -6.79 -46.06
N VAL B 159 14.35 -8.08 -45.98
CA VAL B 159 15.15 -8.71 -47.03
C VAL B 159 14.39 -8.71 -48.35
N ILE B 160 13.08 -8.99 -48.30
CA ILE B 160 12.29 -9.05 -49.52
C ILE B 160 11.90 -7.65 -49.99
N GLU B 161 11.84 -6.69 -49.07
CA GLU B 161 11.73 -5.29 -49.49
C GLU B 161 12.97 -4.87 -50.29
N ASN B 162 14.15 -5.22 -49.77
CA ASN B 162 15.38 -4.84 -50.47
C ASN B 162 15.60 -5.68 -51.72
N LEU B 163 15.16 -6.95 -51.71
CA LEU B 163 15.28 -7.78 -52.90
C LEU B 163 14.56 -7.18 -54.08
N HIS B 164 13.36 -6.62 -53.84
CA HIS B 164 12.62 -5.98 -54.90
C HIS B 164 13.20 -4.61 -55.24
N ALA B 165 13.69 -3.88 -54.23
CA ALA B 165 14.35 -2.61 -54.49
C ALA B 165 15.58 -2.80 -55.37
N ALA B 166 16.27 -3.93 -55.21
CA ALA B 166 17.48 -4.19 -55.99
C ALA B 166 17.16 -4.71 -57.39
N ALA B 167 16.03 -5.41 -57.55
CA ALA B 167 15.75 -6.08 -58.81
C ALA B 167 15.19 -5.12 -59.87
N TYR B 168 14.38 -4.14 -59.45
CA TYR B 168 13.61 -3.32 -60.36
C TYR B 168 14.00 -1.85 -60.25
N ARG B 169 13.98 -1.16 -61.38
CA ARG B 169 14.19 0.30 -61.38
C ARG B 169 12.98 1.06 -60.90
N ASN B 170 11.80 0.45 -60.98
CA ASN B 170 10.54 1.16 -60.83
C ASN B 170 9.45 0.17 -60.51
N ALA B 171 8.46 0.61 -59.73
CA ALA B 171 7.13 0.03 -59.74
C ALA B 171 7.03 -1.35 -59.09
N LEU B 172 8.14 -2.00 -58.80
CA LEU B 172 8.13 -3.12 -57.87
C LEU B 172 9.23 -2.98 -56.85
N ALA B 173 10.23 -2.13 -57.11
CA ALA B 173 11.11 -1.62 -56.07
C ALA B 173 10.34 -0.92 -54.96
N ASN B 174 9.16 -0.39 -55.27
CA ASN B 174 8.34 0.27 -54.25
C ASN B 174 8.01 -0.70 -53.13
N SER B 175 8.18 -0.25 -51.90
CA SER B 175 7.95 -1.12 -50.76
C SER B 175 6.47 -1.22 -50.45
N LEU B 176 6.12 -2.33 -49.81
CA LEU B 176 4.78 -2.52 -49.28
C LEU B 176 4.49 -1.60 -48.10
N TYR B 177 5.53 -1.09 -47.45
CA TYR B 177 5.42 -0.24 -46.29
C TYR B 177 5.99 1.14 -46.59
N CYS B 178 5.50 2.13 -45.86
CA CYS B 178 5.79 3.51 -46.17
C CYS B 178 7.25 3.84 -45.81
N PRO B 179 8.00 4.54 -46.67
CA PRO B 179 9.35 4.95 -46.27
C PRO B 179 9.29 5.89 -45.07
N ASP B 180 10.31 5.79 -44.21
CA ASP B 180 10.32 6.56 -42.97
C ASP B 180 10.19 8.05 -43.23
N TYR B 181 10.88 8.56 -44.25
CA TYR B 181 10.84 10.00 -44.52
C TYR B 181 9.45 10.47 -44.94
N ARG B 182 8.55 9.56 -45.31
CA ARG B 182 7.20 9.90 -45.74
C ARG B 182 6.17 9.83 -44.62
N ILE B 183 6.51 9.24 -43.48
CA ILE B 183 5.54 9.13 -42.39
C ILE B 183 5.24 10.53 -41.86
N GLY B 184 3.97 10.92 -41.92
CA GLY B 184 3.55 12.26 -41.60
C GLY B 184 3.48 13.20 -42.78
N LYS B 185 4.02 12.81 -43.93
CA LYS B 185 4.02 13.65 -45.13
C LYS B 185 2.94 13.27 -46.13
N VAL B 186 2.33 12.09 -46.01
CA VAL B 186 1.26 11.69 -46.90
C VAL B 186 0.05 12.59 -46.64
N THR B 187 -0.44 13.26 -47.70
CA THR B 187 -1.49 14.26 -47.55
C THR B 187 -2.86 13.68 -47.88
N PRO B 188 -3.94 14.31 -47.43
CA PRO B 188 -5.28 13.86 -47.86
C PRO B 188 -5.51 14.02 -49.36
N VAL B 189 -4.86 14.99 -50.01
CA VAL B 189 -4.99 15.12 -51.46
C VAL B 189 -4.42 13.88 -52.15
N GLU B 190 -3.27 13.39 -51.67
CA GLU B 190 -2.66 12.20 -52.28
C GLU B 190 -3.55 10.98 -52.11
N LEU B 191 -4.28 10.89 -51.00
CA LEU B 191 -5.19 9.77 -50.81
C LEU B 191 -6.41 9.88 -51.73
N HIS B 192 -6.97 11.08 -51.86
CA HIS B 192 -8.07 11.29 -52.80
C HIS B 192 -7.63 10.97 -54.23
N ASP B 193 -6.44 11.46 -54.62
CA ASP B 193 -5.97 11.21 -55.97
C ASP B 193 -5.68 9.73 -56.20
N TYR B 194 -5.23 9.01 -55.17
CA TYR B 194 -4.94 7.59 -55.33
C TYR B 194 -6.23 6.81 -55.57
N VAL B 195 -7.30 7.17 -54.88
CA VAL B 195 -8.56 6.45 -55.01
C VAL B 195 -9.21 6.77 -56.36
N GLN B 196 -9.20 8.05 -56.75
CA GLN B 196 -9.81 8.42 -58.03
C GLN B 196 -9.09 7.77 -59.20
N ASN B 197 -7.78 7.61 -59.10
CA ASN B 197 -6.99 7.10 -60.22
C ASN B 197 -7.08 5.58 -60.34
N HIS B 198 -7.12 4.86 -59.21
CA HIS B 198 -6.96 3.41 -59.21
C HIS B 198 -8.21 2.63 -58.82
N PHE B 199 -9.15 3.25 -58.10
CA PHE B 199 -10.36 2.53 -57.66
C PHE B 199 -11.48 2.77 -58.68
N THR B 200 -11.30 2.16 -59.85
CA THR B 200 -12.18 2.35 -60.99
C THR B 200 -12.68 1.01 -61.49
N SER B 201 -13.72 1.07 -62.33
CA SER B 201 -14.43 -0.14 -62.77
C SER B 201 -13.50 -1.12 -63.46
N ALA B 202 -12.71 -0.65 -64.42
CA ALA B 202 -11.84 -1.54 -65.19
C ALA B 202 -10.64 -2.04 -64.38
N ARG B 203 -10.52 -1.67 -63.10
CA ARG B 203 -9.43 -2.11 -62.24
C ARG B 203 -9.94 -2.87 -61.03
N MET B 204 -11.19 -3.33 -61.05
CA MET B 204 -11.88 -3.84 -59.88
C MET B 204 -12.53 -5.19 -60.16
N ALA B 205 -12.75 -5.94 -59.09
CA ALA B 205 -13.49 -7.19 -59.15
C ALA B 205 -14.24 -7.39 -57.84
N LEU B 206 -15.57 -7.57 -57.94
CA LEU B 206 -16.43 -7.77 -56.78
C LEU B 206 -16.69 -9.26 -56.61
N ILE B 207 -16.11 -9.86 -55.58
CA ILE B 207 -16.20 -11.30 -55.32
C ILE B 207 -17.05 -11.51 -54.08
N GLY B 208 -17.88 -12.55 -54.10
CA GLY B 208 -18.76 -12.84 -52.99
C GLY B 208 -18.99 -14.32 -52.72
N LEU B 209 -19.02 -14.68 -51.45
CA LEU B 209 -19.39 -16.02 -51.00
C LEU B 209 -20.62 -15.92 -50.09
N GLY B 210 -21.49 -16.91 -50.18
CA GLY B 210 -22.75 -16.84 -49.45
C GLY B 210 -23.63 -15.70 -49.88
N VAL B 211 -23.47 -15.21 -51.12
CA VAL B 211 -24.27 -14.13 -51.68
C VAL B 211 -24.73 -14.58 -53.06
N SER B 212 -25.90 -14.09 -53.46
CA SER B 212 -26.42 -14.41 -54.78
C SER B 212 -25.73 -13.55 -55.83
N HIS B 213 -25.74 -14.04 -57.06
CA HIS B 213 -25.14 -13.33 -58.17
C HIS B 213 -25.94 -12.09 -58.57
N PRO B 214 -27.28 -12.11 -58.56
CA PRO B 214 -28.02 -10.88 -58.91
C PRO B 214 -27.71 -9.69 -58.01
N VAL B 215 -27.61 -9.87 -56.69
CA VAL B 215 -27.44 -8.71 -55.81
C VAL B 215 -26.05 -8.11 -55.99
N LEU B 216 -25.02 -8.95 -56.19
CA LEU B 216 -23.70 -8.42 -56.49
C LEU B 216 -23.71 -7.66 -57.80
N LYS B 217 -24.27 -8.26 -58.85
CA LYS B 217 -24.37 -7.59 -60.14
C LYS B 217 -25.22 -6.32 -60.02
N GLN B 218 -26.24 -6.34 -59.17
CA GLN B 218 -27.02 -5.13 -58.91
C GLN B 218 -26.16 -4.09 -58.21
N VAL B 219 -25.45 -4.49 -57.16
CA VAL B 219 -24.55 -3.57 -56.45
C VAL B 219 -23.48 -3.05 -57.40
N ALA B 220 -22.95 -3.93 -58.25
CA ALA B 220 -21.88 -3.53 -59.16
C ALA B 220 -22.34 -2.44 -60.11
N GLU B 221 -23.60 -2.50 -60.56
CA GLU B 221 -24.11 -1.54 -61.52
C GLU B 221 -24.60 -0.26 -60.87
N GLN B 222 -24.96 -0.30 -59.60
CA GLN B 222 -25.47 0.88 -58.90
C GLN B 222 -24.36 1.77 -58.33
N PHE B 223 -23.26 1.17 -57.86
CA PHE B 223 -22.26 1.90 -57.08
C PHE B 223 -20.86 1.79 -57.65
N LEU B 224 -20.49 0.64 -58.22
CA LEU B 224 -19.13 0.41 -58.68
C LEU B 224 -18.91 0.82 -60.14
N ASN B 225 -19.73 1.73 -60.66
CA ASN B 225 -19.54 2.26 -62.02
C ASN B 225 -18.79 3.58 -61.94
N ILE B 226 -17.51 3.48 -61.59
CA ILE B 226 -16.60 4.63 -61.53
C ILE B 226 -15.75 4.59 -62.79
N ARG B 227 -15.90 5.60 -63.64
CA ARG B 227 -15.21 5.63 -64.91
C ARG B 227 -13.75 6.03 -64.72
N GLY B 228 -12.88 5.41 -65.51
CA GLY B 228 -11.44 5.50 -65.34
C GLY B 228 -10.86 6.91 -65.29
N GLY B 229 -10.32 7.28 -64.13
CA GLY B 229 -9.47 8.46 -64.03
C GLY B 229 -8.06 8.22 -64.52
N LEU B 230 -7.61 6.97 -64.51
CA LEU B 230 -6.31 6.58 -65.05
C LEU B 230 -6.47 5.20 -65.67
N GLY B 231 -6.16 5.08 -66.96
CA GLY B 231 -6.33 3.83 -67.66
C GLY B 231 -5.42 2.74 -67.14
N LEU B 232 -5.56 1.54 -67.70
CA LEU B 232 -4.68 0.44 -67.30
C LEU B 232 -3.25 0.78 -67.70
N SER B 233 -2.44 1.12 -66.70
CA SER B 233 -1.14 1.73 -66.96
C SER B 233 -0.21 0.78 -67.69
N GLY B 234 0.53 1.33 -68.66
CA GLY B 234 1.60 0.62 -69.34
C GLY B 234 2.95 0.89 -68.72
N ALA B 235 2.98 1.22 -67.43
CA ALA B 235 4.22 1.48 -66.70
C ALA B 235 4.84 0.13 -66.33
N LYS B 236 5.45 -0.51 -67.31
CA LYS B 236 5.94 -1.87 -67.14
C LYS B 236 7.13 -1.91 -66.20
N ALA B 237 7.16 -2.92 -65.34
CA ALA B 237 8.29 -3.13 -64.46
C ALA B 237 9.53 -3.48 -65.29
N LYS B 238 10.62 -2.78 -65.01
CA LYS B 238 11.88 -2.95 -65.75
C LYS B 238 12.89 -3.62 -64.83
N TYR B 239 13.17 -4.90 -65.08
CA TYR B 239 14.20 -5.60 -64.32
C TYR B 239 15.56 -5.00 -64.61
N HIS B 240 16.33 -4.78 -63.55
CA HIS B 240 17.65 -4.16 -63.64
C HIS B 240 18.73 -4.96 -62.92
N GLY B 241 18.41 -5.54 -61.76
CA GLY B 241 19.38 -6.30 -61.02
C GLY B 241 20.31 -5.43 -60.20
N GLY B 242 20.94 -6.05 -59.22
CA GLY B 242 21.81 -5.35 -58.30
C GLY B 242 21.78 -6.04 -56.96
N GLU B 243 22.26 -5.34 -55.92
CA GLU B 243 22.30 -5.95 -54.61
C GLU B 243 22.26 -4.89 -53.51
N ILE B 244 21.53 -5.19 -52.45
CA ILE B 244 21.43 -4.34 -51.27
C ILE B 244 21.82 -5.18 -50.06
N ARG B 245 22.78 -4.68 -49.28
CA ARG B 245 23.33 -5.38 -48.14
C ARG B 245 23.13 -4.55 -46.88
N GLU B 246 22.62 -5.19 -45.83
CA GLU B 246 22.26 -4.51 -44.58
C GLU B 246 23.07 -5.14 -43.44
N GLN B 247 24.17 -4.49 -43.08
CA GLN B 247 24.93 -4.91 -41.91
C GLN B 247 24.17 -4.51 -40.65
N ASN B 248 23.77 -5.49 -39.84
CA ASN B 248 23.05 -5.23 -38.61
C ASN B 248 23.55 -6.18 -37.54
N GLY B 249 22.82 -6.24 -36.42
CA GLY B 249 23.18 -7.07 -35.28
C GLY B 249 22.28 -8.27 -35.10
N ASP B 250 21.64 -8.74 -36.16
CA ASP B 250 20.89 -9.98 -36.10
C ASP B 250 21.83 -11.15 -35.86
N SER B 251 21.28 -12.21 -35.26
CA SER B 251 22.09 -13.37 -34.92
C SER B 251 22.40 -14.24 -36.12
N LEU B 252 21.53 -14.24 -37.13
CA LEU B 252 21.65 -15.07 -38.32
C LEU B 252 21.64 -14.20 -39.56
N VAL B 253 22.28 -14.69 -40.61
CA VAL B 253 22.28 -14.02 -41.90
C VAL B 253 21.09 -14.53 -42.71
N HIS B 254 20.22 -13.62 -43.13
CA HIS B 254 19.19 -13.89 -44.11
C HIS B 254 19.69 -13.41 -45.47
N ALA B 255 19.48 -14.22 -46.50
CA ALA B 255 19.95 -13.87 -47.83
C ALA B 255 19.05 -14.50 -48.87
N ALA B 256 18.72 -13.72 -49.91
CA ALA B 256 17.90 -14.18 -51.02
C ALA B 256 18.63 -13.87 -52.31
N LEU B 257 18.78 -14.87 -53.18
CA LEU B 257 19.41 -14.74 -54.48
C LEU B 257 18.40 -15.12 -55.54
N VAL B 258 18.24 -14.26 -56.55
CA VAL B 258 17.05 -14.30 -57.40
C VAL B 258 17.42 -13.83 -58.80
N ALA B 259 16.67 -14.31 -59.79
CA ALA B 259 16.78 -13.83 -61.17
C ALA B 259 15.37 -13.68 -61.74
N GLU B 260 15.26 -12.89 -62.80
CA GLU B 260 13.97 -12.68 -63.43
C GLU B 260 13.48 -13.98 -64.06
N SER B 261 12.23 -14.35 -63.80
CA SER B 261 11.72 -15.66 -64.19
C SER B 261 10.60 -15.58 -65.22
N ALA B 262 9.42 -15.07 -64.87
CA ALA B 262 8.28 -15.13 -65.77
C ALA B 262 7.05 -14.46 -65.19
N ALA B 263 6.21 -13.88 -66.05
CA ALA B 263 4.97 -13.27 -65.61
C ALA B 263 3.91 -14.34 -65.35
N ILE B 264 3.00 -14.04 -64.42
CA ILE B 264 2.03 -15.01 -63.97
C ILE B 264 1.03 -15.32 -65.08
N GLY B 265 0.50 -16.55 -65.07
CA GLY B 265 -0.44 -17.00 -66.07
C GLY B 265 0.19 -17.61 -67.31
N SER B 266 1.44 -17.26 -67.63
CA SER B 266 2.11 -17.88 -68.76
C SER B 266 2.52 -19.31 -68.41
N ALA B 267 2.74 -20.11 -69.47
CA ALA B 267 3.16 -21.49 -69.26
C ALA B 267 4.53 -21.56 -68.60
N GLU B 268 5.40 -20.60 -68.86
CA GLU B 268 6.72 -20.60 -68.24
C GLU B 268 6.63 -20.40 -66.73
N ALA B 269 5.58 -19.73 -66.25
CA ALA B 269 5.38 -19.56 -64.82
C ALA B 269 5.13 -20.90 -64.14
N ASN B 270 4.32 -21.76 -64.75
CA ASN B 270 4.07 -23.08 -64.18
C ASN B 270 5.35 -23.90 -64.10
N ALA B 271 6.28 -23.72 -65.04
CA ALA B 271 7.55 -24.42 -64.97
C ALA B 271 8.34 -24.01 -63.74
N PHE B 272 8.38 -22.71 -63.45
CA PHE B 272 9.08 -22.25 -62.26
C PHE B 272 8.40 -22.73 -60.99
N SER B 273 7.07 -22.84 -60.99
CA SER B 273 6.38 -23.35 -59.82
C SER B 273 6.73 -24.81 -59.56
N VAL B 274 6.88 -25.60 -60.63
CA VAL B 274 7.34 -26.98 -60.47
C VAL B 274 8.80 -27.00 -60.01
N LEU B 275 9.64 -26.14 -60.60
CA LEU B 275 11.03 -26.04 -60.17
C LEU B 275 11.13 -25.64 -58.70
N GLN B 276 10.17 -24.86 -58.20
CA GLN B 276 10.18 -24.48 -56.80
C GLN B 276 10.04 -25.71 -55.90
N HIS B 277 9.16 -26.64 -56.28
CA HIS B 277 8.91 -27.83 -55.47
C HIS B 277 9.90 -28.95 -55.75
N VAL B 278 10.60 -28.92 -56.88
CA VAL B 278 11.73 -29.82 -57.08
C VAL B 278 12.86 -29.46 -56.12
N LEU B 279 13.07 -28.15 -55.89
CA LEU B 279 14.16 -27.70 -55.05
C LEU B 279 13.78 -27.74 -53.58
N GLY B 280 12.54 -27.39 -53.25
CA GLY B 280 12.03 -27.42 -51.88
C GLY B 280 11.59 -26.03 -51.46
N ALA B 281 10.36 -25.96 -50.94
CA ALA B 281 9.79 -24.69 -50.47
C ALA B 281 8.84 -25.01 -49.31
N GLY B 282 9.36 -24.92 -48.09
CA GLY B 282 8.57 -25.15 -46.90
C GLY B 282 8.44 -26.63 -46.60
N PRO B 283 8.37 -27.01 -45.33
CA PRO B 283 8.35 -28.44 -44.98
C PRO B 283 6.95 -29.03 -45.00
N HIS B 284 6.91 -30.37 -44.95
CA HIS B 284 5.67 -31.12 -44.88
C HIS B 284 5.51 -31.90 -43.58
N VAL B 285 6.57 -32.05 -42.79
CA VAL B 285 6.55 -32.88 -41.58
C VAL B 285 7.13 -32.06 -40.44
N LYS B 286 6.46 -32.09 -39.29
CA LYS B 286 6.92 -31.34 -38.13
C LYS B 286 8.25 -31.91 -37.65
N ARG B 287 9.30 -31.07 -37.70
CA ARG B 287 10.64 -31.45 -37.29
C ARG B 287 11.16 -32.62 -38.14
N GLY B 288 11.01 -32.47 -39.46
CA GLY B 288 11.48 -33.48 -40.40
C GLY B 288 12.79 -33.07 -41.05
N SER B 289 13.54 -34.08 -41.49
CA SER B 289 14.82 -33.84 -42.15
C SER B 289 14.68 -33.34 -43.58
N ASN B 290 13.46 -33.31 -44.13
CA ASN B 290 13.21 -32.78 -45.47
C ASN B 290 14.03 -33.54 -46.52
N ALA B 291 13.72 -34.84 -46.64
CA ALA B 291 14.47 -35.71 -47.55
C ALA B 291 14.27 -35.29 -49.00
N THR B 292 13.03 -35.02 -49.40
CA THR B 292 12.72 -34.73 -50.80
C THR B 292 13.08 -33.30 -51.22
N SER B 293 13.67 -32.50 -50.34
CA SER B 293 14.11 -31.15 -50.69
C SER B 293 15.58 -31.23 -51.11
N SER B 294 15.84 -31.08 -52.41
CA SER B 294 17.21 -31.21 -52.90
C SER B 294 18.09 -30.05 -52.45
N LEU B 295 17.50 -28.86 -52.25
CA LEU B 295 18.29 -27.74 -51.75
C LEU B 295 18.74 -27.99 -50.31
N TYR B 296 17.85 -28.47 -49.46
CA TYR B 296 18.21 -28.70 -48.06
C TYR B 296 19.26 -29.80 -47.95
N GLN B 297 19.09 -30.90 -48.68
CA GLN B 297 20.06 -31.98 -48.63
C GLN B 297 21.40 -31.55 -49.21
N ALA B 298 21.38 -30.68 -50.23
CA ALA B 298 22.64 -30.22 -50.83
C ALA B 298 23.45 -29.38 -49.86
N VAL B 299 22.78 -28.54 -49.07
CA VAL B 299 23.48 -27.72 -48.10
C VAL B 299 23.92 -28.56 -46.90
N ALA B 300 23.07 -29.49 -46.47
CA ALA B 300 23.40 -30.34 -45.32
C ALA B 300 24.62 -31.21 -45.58
N LYS B 301 24.99 -31.43 -46.84
CA LYS B 301 26.23 -32.13 -47.16
C LYS B 301 27.43 -31.42 -46.55
N GLY B 302 27.67 -30.18 -46.96
CA GLY B 302 28.83 -29.42 -46.54
C GLY B 302 28.62 -28.48 -45.37
N VAL B 303 27.44 -28.48 -44.75
CA VAL B 303 27.15 -27.62 -43.61
C VAL B 303 26.44 -28.45 -42.55
N HIS B 304 26.97 -28.42 -41.33
CA HIS B 304 26.42 -29.18 -40.21
C HIS B 304 25.92 -28.28 -39.08
N GLN B 305 25.91 -26.96 -39.30
CA GLN B 305 25.36 -26.02 -38.33
C GLN B 305 23.85 -25.91 -38.57
N PRO B 306 23.11 -25.25 -37.68
CA PRO B 306 21.70 -24.95 -37.99
C PRO B 306 21.59 -23.98 -39.16
N PHE B 307 20.60 -24.22 -40.01
CA PHE B 307 20.33 -23.37 -41.16
C PHE B 307 18.93 -23.67 -41.67
N ASP B 308 18.52 -22.87 -42.66
CA ASP B 308 17.33 -23.18 -43.44
C ASP B 308 17.56 -22.69 -44.87
N VAL B 309 16.89 -23.33 -45.82
CA VAL B 309 16.97 -22.94 -47.22
C VAL B 309 15.66 -23.29 -47.90
N SER B 310 15.20 -22.42 -48.80
CA SER B 310 13.92 -22.60 -49.46
C SER B 310 13.94 -21.90 -50.81
N ALA B 311 13.34 -22.54 -51.80
CA ALA B 311 13.15 -21.90 -53.10
C ALA B 311 12.14 -20.76 -52.97
N PHE B 312 12.45 -19.65 -53.64
CA PHE B 312 11.63 -18.44 -53.63
C PHE B 312 11.01 -18.27 -55.01
N ASN B 313 9.71 -18.03 -55.06
CA ASN B 313 8.98 -17.88 -56.32
C ASN B 313 7.96 -16.77 -56.16
N ALA B 314 8.14 -15.67 -56.90
CA ALA B 314 7.28 -14.50 -56.83
C ALA B 314 6.91 -14.12 -58.27
N SER B 315 5.65 -14.34 -58.62
CA SER B 315 5.16 -14.13 -59.98
C SER B 315 4.19 -12.97 -60.01
N TYR B 316 4.40 -12.04 -60.94
CA TYR B 316 3.61 -10.82 -61.04
C TYR B 316 3.02 -10.71 -62.45
N SER B 317 2.32 -9.59 -62.69
CA SER B 317 1.56 -9.44 -63.92
C SER B 317 2.45 -9.36 -65.15
N ASP B 318 3.61 -8.71 -65.02
CA ASP B 318 4.49 -8.42 -66.15
C ASP B 318 5.93 -8.81 -65.89
N SER B 319 6.20 -9.58 -64.84
CA SER B 319 7.56 -10.01 -64.51
C SER B 319 7.45 -11.07 -63.41
N GLY B 320 8.60 -11.55 -62.97
CA GLY B 320 8.65 -12.52 -61.88
C GLY B 320 10.05 -12.61 -61.34
N LEU B 321 10.16 -13.15 -60.13
CA LEU B 321 11.43 -13.38 -59.47
C LEU B 321 11.46 -14.81 -58.95
N PHE B 322 12.45 -15.59 -59.39
CA PHE B 322 12.67 -16.94 -58.88
C PHE B 322 14.09 -17.06 -58.36
N GLY B 323 14.24 -17.83 -57.29
CA GLY B 323 15.53 -18.07 -56.69
C GLY B 323 15.44 -18.91 -55.43
N PHE B 324 16.22 -18.55 -54.41
CA PHE B 324 16.15 -19.25 -53.13
C PHE B 324 16.48 -18.28 -52.01
N TYR B 325 16.11 -18.69 -50.80
CA TYR B 325 16.24 -17.89 -49.59
C TYR B 325 16.96 -18.73 -48.55
N THR B 326 17.99 -18.17 -47.92
CA THR B 326 18.83 -18.89 -46.97
C THR B 326 18.81 -18.21 -45.61
N ILE B 327 18.87 -19.02 -44.56
CA ILE B 327 19.12 -18.55 -43.19
C ILE B 327 20.24 -19.42 -42.62
N SER B 328 21.29 -18.77 -42.13
CA SER B 328 22.44 -19.52 -41.63
C SER B 328 23.22 -18.66 -40.64
N GLN B 329 24.16 -19.31 -39.96
CA GLN B 329 25.13 -18.60 -39.15
C GLN B 329 25.95 -17.67 -40.04
N ALA B 330 26.48 -16.61 -39.43
CA ALA B 330 27.16 -15.58 -40.21
C ALA B 330 28.38 -16.14 -40.93
N ALA B 331 29.09 -17.09 -40.32
CA ALA B 331 30.29 -17.65 -40.93
C ALA B 331 29.99 -18.67 -42.00
N SER B 332 28.81 -19.31 -41.97
CA SER B 332 28.42 -20.30 -42.96
C SER B 332 27.61 -19.70 -44.11
N ALA B 333 27.46 -18.38 -44.17
CA ALA B 333 26.56 -17.77 -45.14
C ALA B 333 27.02 -18.04 -46.57
N GLY B 334 28.33 -17.96 -46.83
CA GLY B 334 28.81 -18.22 -48.17
C GLY B 334 28.76 -19.69 -48.53
N ASP B 335 29.05 -20.57 -47.58
CA ASP B 335 29.00 -22.00 -47.85
C ASP B 335 27.58 -22.45 -48.15
N VAL B 336 26.59 -21.89 -47.45
CA VAL B 336 25.21 -22.26 -47.68
C VAL B 336 24.74 -21.76 -49.05
N ILE B 337 25.09 -20.52 -49.39
CA ILE B 337 24.60 -19.93 -50.63
C ILE B 337 25.22 -20.61 -51.84
N LYS B 338 26.53 -20.83 -51.80
CA LYS B 338 27.21 -21.48 -52.93
C LYS B 338 26.74 -22.92 -53.09
N ALA B 339 26.51 -23.63 -51.99
CA ALA B 339 25.99 -25.00 -52.09
C ALA B 339 24.60 -25.01 -52.71
N ALA B 340 23.72 -24.09 -52.28
CA ALA B 340 22.39 -24.03 -52.85
C ALA B 340 22.43 -23.63 -54.31
N TYR B 341 23.25 -22.64 -54.66
CA TYR B 341 23.34 -22.18 -56.04
C TYR B 341 23.89 -23.26 -56.95
N ASN B 342 24.89 -24.02 -56.48
CA ASN B 342 25.40 -25.14 -57.24
C ASN B 342 24.34 -26.22 -57.44
N GLN B 343 23.46 -26.41 -56.45
CA GLN B 343 22.41 -27.41 -56.58
C GLN B 343 21.42 -27.03 -57.67
N VAL B 344 21.22 -25.73 -57.90
CA VAL B 344 20.38 -25.31 -59.03
C VAL B 344 21.10 -25.53 -60.35
N LYS B 345 22.43 -25.45 -60.35
CA LYS B 345 23.19 -25.65 -61.58
C LYS B 345 23.08 -27.09 -62.07
N THR B 346 23.14 -28.06 -61.15
CA THR B 346 23.05 -29.45 -61.56
C THR B 346 21.72 -29.77 -62.22
N ILE B 347 20.66 -29.08 -61.82
CA ILE B 347 19.37 -29.23 -62.49
C ILE B 347 19.40 -28.54 -63.85
N ALA B 348 20.11 -27.41 -63.94
CA ALA B 348 20.26 -26.73 -65.23
C ALA B 348 21.18 -27.49 -66.17
N GLN B 349 22.06 -28.34 -65.64
CA GLN B 349 22.89 -29.21 -66.46
C GLN B 349 22.16 -30.47 -66.92
N GLY B 350 20.92 -30.70 -66.47
CA GLY B 350 20.11 -31.82 -66.92
C GLY B 350 19.86 -32.88 -65.87
N ASN B 351 20.54 -32.84 -64.72
CA ASN B 351 20.42 -33.88 -63.71
C ASN B 351 19.08 -33.72 -63.00
N LEU B 352 18.04 -34.27 -63.61
CA LEU B 352 16.68 -34.18 -63.07
C LEU B 352 15.91 -35.39 -63.56
N SER B 353 15.50 -36.25 -62.63
CA SER B 353 14.77 -37.46 -62.99
C SER B 353 13.30 -37.12 -63.24
N ASN B 354 12.58 -38.11 -63.79
CA ASN B 354 11.15 -37.96 -63.98
C ASN B 354 10.39 -38.19 -62.67
N PRO B 355 10.75 -39.19 -61.85
CA PRO B 355 10.12 -39.28 -60.53
C PRO B 355 10.29 -38.04 -59.68
N ASP B 356 11.41 -37.33 -59.79
CA ASP B 356 11.60 -36.10 -59.03
C ASP B 356 10.60 -35.04 -59.46
N VAL B 357 10.34 -34.93 -60.76
CA VAL B 357 9.39 -33.94 -61.24
C VAL B 357 7.96 -34.30 -60.85
N GLN B 358 7.64 -35.60 -60.84
CA GLN B 358 6.28 -36.01 -60.48
C GLN B 358 5.98 -35.73 -59.02
N ALA B 359 6.94 -35.99 -58.13
CA ALA B 359 6.75 -35.66 -56.73
C ALA B 359 6.59 -34.16 -56.53
N ALA B 360 7.28 -33.34 -57.34
CA ALA B 360 7.10 -31.90 -57.28
C ALA B 360 5.71 -31.50 -57.73
N LYS B 361 5.22 -32.10 -58.82
CA LYS B 361 3.87 -31.81 -59.28
C LYS B 361 2.83 -32.21 -58.25
N ASN B 362 3.09 -33.28 -57.48
CA ASN B 362 2.15 -33.68 -56.44
C ASN B 362 2.14 -32.66 -55.30
N LYS B 363 3.31 -32.17 -54.88
CA LYS B 363 3.34 -31.15 -53.85
C LYS B 363 2.67 -29.86 -54.33
N LEU B 364 2.91 -29.49 -55.58
CA LEU B 364 2.29 -28.29 -56.13
C LEU B 364 0.78 -28.46 -56.26
N LYS B 365 0.35 -29.54 -56.91
CA LYS B 365 -1.08 -29.75 -57.11
C LYS B 365 -1.81 -29.92 -55.79
N ALA B 366 -1.22 -30.67 -54.85
CA ALA B 366 -1.84 -30.85 -53.55
C ALA B 366 -1.91 -29.53 -52.79
N GLY B 367 -0.82 -28.76 -52.80
CA GLY B 367 -0.81 -27.51 -52.07
C GLY B 367 -1.80 -26.49 -52.61
N TYR B 368 -1.99 -26.48 -53.93
CA TYR B 368 -2.94 -25.55 -54.52
C TYR B 368 -4.36 -25.86 -54.03
N LEU B 369 -4.74 -27.14 -54.07
CA LEU B 369 -6.07 -27.53 -53.63
C LEU B 369 -6.26 -27.23 -52.14
N MET B 370 -5.24 -27.51 -51.33
CA MET B 370 -5.33 -27.22 -49.90
C MET B 370 -5.49 -25.74 -49.64
N SER B 371 -4.85 -24.89 -50.46
CA SER B 371 -4.91 -23.45 -50.27
C SER B 371 -6.25 -22.84 -50.63
N VAL B 372 -7.21 -23.61 -51.15
CA VAL B 372 -8.55 -23.13 -51.46
C VAL B 372 -9.61 -23.96 -50.74
N GLU B 373 -9.24 -24.68 -49.68
CA GLU B 373 -10.24 -25.33 -48.83
C GLU B 373 -11.10 -24.30 -48.12
N SER B 374 -10.47 -23.25 -47.60
CA SER B 374 -11.15 -22.26 -46.80
C SER B 374 -11.74 -21.16 -47.66
N SER B 375 -12.78 -20.52 -47.14
CA SER B 375 -13.38 -19.37 -47.83
C SER B 375 -12.37 -18.23 -47.96
N GLU B 376 -11.50 -18.06 -46.97
CA GLU B 376 -10.49 -17.02 -47.03
C GLU B 376 -9.54 -17.24 -48.19
N GLY B 377 -9.06 -18.48 -48.35
CA GLY B 377 -8.15 -18.77 -49.44
C GLY B 377 -8.83 -18.90 -50.79
N PHE B 378 -10.10 -19.33 -50.79
CA PHE B 378 -10.83 -19.42 -52.05
C PHE B 378 -11.18 -18.03 -52.58
N LEU B 379 -11.64 -17.13 -51.70
CA LEU B 379 -11.99 -15.78 -52.13
C LEU B 379 -10.77 -15.05 -52.67
N ASP B 380 -9.61 -15.23 -52.03
CA ASP B 380 -8.40 -14.56 -52.48
C ASP B 380 -7.95 -15.07 -53.84
N GLU B 381 -8.11 -16.37 -54.09
CA GLU B 381 -7.74 -16.96 -55.37
C GLU B 381 -8.64 -16.45 -56.48
N VAL B 382 -9.95 -16.45 -56.24
CA VAL B 382 -10.90 -15.98 -57.26
C VAL B 382 -10.69 -14.50 -57.54
N GLY B 383 -10.44 -13.71 -56.50
CA GLY B 383 -10.20 -12.29 -56.70
C GLY B 383 -8.92 -12.03 -57.49
N SER B 384 -7.87 -12.78 -57.19
CA SER B 384 -6.61 -12.59 -57.91
C SER B 384 -6.72 -13.05 -59.36
N GLN B 385 -7.43 -14.15 -59.61
CA GLN B 385 -7.65 -14.59 -60.98
C GLN B 385 -8.43 -13.56 -61.78
N ALA B 386 -9.40 -12.90 -61.14
CA ALA B 386 -10.25 -11.94 -61.85
C ALA B 386 -9.44 -10.75 -62.33
N LEU B 387 -8.49 -10.27 -61.53
CA LEU B 387 -7.67 -9.13 -61.94
C LEU B 387 -6.53 -9.57 -62.86
N ALA B 388 -5.87 -10.67 -62.52
CA ALA B 388 -4.76 -11.14 -63.34
C ALA B 388 -5.22 -11.62 -64.71
N ALA B 389 -6.28 -12.44 -64.74
CA ALA B 389 -6.71 -13.15 -65.94
C ALA B 389 -8.02 -12.66 -66.52
N GLY B 390 -8.85 -11.96 -65.76
CA GLY B 390 -10.18 -11.64 -66.23
C GLY B 390 -11.07 -12.85 -66.40
N SER B 391 -10.76 -13.95 -65.72
CA SER B 391 -11.52 -15.19 -65.84
C SER B 391 -11.37 -15.97 -64.55
N TYR B 392 -12.11 -17.07 -64.45
CA TYR B 392 -11.97 -18.03 -63.37
C TYR B 392 -11.60 -19.38 -63.95
N THR B 393 -10.43 -19.89 -63.57
CA THR B 393 -9.96 -21.19 -64.02
C THR B 393 -10.22 -22.20 -62.93
N PRO B 394 -11.08 -23.21 -63.12
CA PRO B 394 -11.38 -24.14 -62.03
C PRO B 394 -10.17 -24.96 -61.65
N PRO B 395 -10.19 -25.63 -60.50
CA PRO B 395 -8.97 -26.34 -60.06
C PRO B 395 -8.57 -27.48 -60.99
N SER B 396 -9.53 -28.22 -61.53
CA SER B 396 -9.19 -29.34 -62.41
C SER B 396 -8.44 -28.86 -63.65
N THR B 397 -8.73 -27.65 -64.12
CA THR B 397 -7.96 -27.08 -65.21
C THR B 397 -6.57 -26.64 -64.75
N VAL B 398 -6.45 -26.20 -63.49
CA VAL B 398 -5.15 -25.83 -62.95
C VAL B 398 -4.25 -27.05 -62.86
N LEU B 399 -4.78 -28.17 -62.36
CA LEU B 399 -4.00 -29.40 -62.30
C LEU B 399 -3.62 -29.86 -63.70
N GLN B 400 -4.51 -29.64 -64.67
CA GLN B 400 -4.20 -29.99 -66.05
C GLN B 400 -3.02 -29.18 -66.57
N GLN B 401 -2.96 -27.89 -66.22
CA GLN B 401 -1.83 -27.06 -66.64
C GLN B 401 -0.55 -27.46 -65.93
N ILE B 402 -0.63 -27.95 -64.69
CA ILE B 402 0.55 -28.41 -63.99
C ILE B 402 1.07 -29.70 -64.62
N ASP B 403 0.16 -30.58 -65.05
CA ASP B 403 0.58 -31.82 -65.69
C ASP B 403 1.25 -31.56 -67.03
N ALA B 404 0.89 -30.47 -67.71
CA ALA B 404 1.48 -30.14 -69.00
C ALA B 404 2.92 -29.65 -68.90
N VAL B 405 3.43 -29.38 -67.70
CA VAL B 405 4.82 -28.98 -67.55
C VAL B 405 5.71 -30.18 -67.82
N ALA B 406 6.65 -30.02 -68.75
CA ALA B 406 7.59 -31.07 -69.12
C ALA B 406 8.85 -30.98 -68.28
N ASP B 407 9.56 -32.11 -68.17
CA ASP B 407 10.84 -32.12 -67.50
C ASP B 407 11.80 -31.11 -68.13
N ALA B 408 11.76 -30.97 -69.44
CA ALA B 408 12.62 -30.00 -70.11
C ALA B 408 12.24 -28.58 -69.75
N ASP B 409 10.95 -28.31 -69.51
CA ASP B 409 10.53 -26.97 -69.09
C ASP B 409 11.11 -26.64 -67.72
N VAL B 410 11.15 -27.62 -66.81
CA VAL B 410 11.75 -27.40 -65.50
C VAL B 410 13.24 -27.13 -65.63
N ILE B 411 13.89 -27.82 -66.57
CA ILE B 411 15.33 -27.64 -66.76
C ILE B 411 15.60 -26.26 -67.35
N ASN B 412 14.84 -25.87 -68.38
CA ASN B 412 15.05 -24.56 -69.01
C ASN B 412 14.77 -23.43 -68.03
N ALA B 413 13.87 -23.64 -67.07
CA ALA B 413 13.65 -22.63 -66.03
C ALA B 413 14.87 -22.52 -65.12
N ALA B 414 15.49 -23.64 -64.78
CA ALA B 414 16.75 -23.60 -64.03
C ALA B 414 17.84 -22.92 -64.84
N LYS B 415 17.88 -23.19 -66.15
CA LYS B 415 18.87 -22.54 -67.01
C LYS B 415 18.68 -21.02 -67.03
N LYS B 416 17.43 -20.56 -67.08
CA LYS B 416 17.16 -19.12 -67.08
C LYS B 416 17.64 -18.47 -65.80
N PHE B 417 17.55 -19.17 -64.67
CA PHE B 417 18.05 -18.63 -63.41
C PHE B 417 19.57 -18.55 -63.41
N VAL B 418 20.24 -19.61 -63.84
CA VAL B 418 21.70 -19.67 -63.75
C VAL B 418 22.34 -18.62 -64.63
N SER B 419 21.79 -18.39 -65.82
CA SER B 419 22.35 -17.45 -66.77
C SER B 419 21.82 -16.03 -66.62
N GLY B 420 20.80 -15.82 -65.80
CA GLY B 420 20.18 -14.51 -65.70
C GLY B 420 20.92 -13.57 -64.77
N ARG B 421 20.81 -12.27 -65.08
CA ARG B 421 21.36 -11.23 -64.22
C ARG B 421 20.69 -11.29 -62.85
N LYS B 422 21.50 -11.40 -61.81
CA LYS B 422 21.00 -11.72 -60.48
C LYS B 422 20.61 -10.47 -59.70
N SER B 423 19.72 -10.68 -58.74
CA SER B 423 19.38 -9.69 -57.71
C SER B 423 19.54 -10.37 -56.36
N MET B 424 20.13 -9.66 -55.40
CA MET B 424 20.45 -10.24 -54.11
C MET B 424 20.17 -9.25 -52.99
N ALA B 425 19.57 -9.74 -51.90
CA ALA B 425 19.40 -8.97 -50.69
C ALA B 425 19.85 -9.79 -49.50
N ALA B 426 20.55 -9.16 -48.57
CA ALA B 426 21.07 -9.87 -47.40
C ALA B 426 21.09 -8.94 -46.19
N SER B 427 20.85 -9.53 -45.02
CA SER B 427 20.90 -8.80 -43.76
C SER B 427 21.50 -9.69 -42.69
N GLY B 428 22.29 -9.10 -41.80
CA GLY B 428 22.98 -9.80 -40.75
C GLY B 428 24.40 -9.29 -40.62
N ASN B 429 25.26 -10.09 -39.99
CA ASN B 429 26.70 -9.86 -40.03
C ASN B 429 27.21 -10.48 -41.34
N LEU B 430 27.55 -9.63 -42.30
CA LEU B 430 27.79 -10.05 -43.67
C LEU B 430 29.27 -10.21 -44.00
N GLY B 431 30.10 -10.47 -42.98
CA GLY B 431 31.53 -10.61 -43.21
C GLY B 431 31.91 -11.79 -44.07
N HIS B 432 31.07 -12.83 -44.12
CA HIS B 432 31.31 -14.01 -44.95
C HIS B 432 30.15 -14.24 -45.92
N THR B 433 29.39 -13.20 -46.27
CA THR B 433 28.30 -13.30 -47.21
C THR B 433 28.79 -12.80 -48.58
N PRO B 434 28.87 -13.63 -49.60
CA PRO B 434 29.47 -13.18 -50.86
C PRO B 434 28.65 -12.12 -51.55
N PHE B 435 29.34 -11.30 -52.36
CA PHE B 435 28.67 -10.47 -53.35
C PHE B 435 28.27 -11.33 -54.54
N ILE B 436 27.51 -10.73 -55.46
CA ILE B 436 26.99 -11.49 -56.60
C ILE B 436 28.14 -12.00 -57.47
N ASP B 437 29.09 -11.12 -57.78
CA ASP B 437 30.18 -11.53 -58.66
C ASP B 437 31.08 -12.61 -58.07
N GLU B 438 30.98 -12.87 -56.76
CA GLU B 438 31.76 -13.90 -56.10
C GLU B 438 31.07 -15.27 -56.10
N LEU B 439 29.95 -15.41 -56.82
CA LEU B 439 29.21 -16.67 -56.87
C LEU B 439 29.48 -17.43 -58.16
N THR C 2 -8.29 8.30 -16.19
CA THR C 2 -8.40 6.85 -16.03
C THR C 2 -9.00 6.50 -14.68
N ASN C 3 -8.20 6.66 -13.62
CA ASN C 3 -8.63 6.35 -12.25
C ASN C 3 -8.92 7.65 -11.51
N ILE C 4 -10.12 7.74 -10.94
CA ILE C 4 -10.55 8.97 -10.27
C ILE C 4 -9.69 9.23 -9.05
N ARG C 5 -9.27 8.17 -8.35
CA ARG C 5 -8.50 8.32 -7.13
C ARG C 5 -7.13 8.96 -7.39
N LYS C 6 -6.60 8.84 -8.61
CA LYS C 6 -5.25 9.29 -8.94
C LYS C 6 -5.23 10.67 -9.58
N SER C 7 -6.28 11.06 -10.31
CA SER C 7 -6.26 12.26 -11.13
C SER C 7 -6.98 13.45 -10.51
N HIS C 8 -7.90 13.23 -9.58
CA HIS C 8 -8.62 14.34 -8.96
C HIS C 8 -7.64 15.15 -8.10
N PRO C 9 -7.70 16.49 -8.17
CA PRO C 9 -6.70 17.28 -7.40
C PRO C 9 -6.73 17.04 -5.91
N LEU C 10 -7.87 16.68 -5.34
CA LEU C 10 -8.00 16.45 -3.91
C LEU C 10 -7.62 15.02 -3.52
N MET C 11 -8.17 14.03 -4.23
CA MET C 11 -7.96 12.64 -3.84
C MET C 11 -6.53 12.19 -4.11
N LYS C 12 -5.83 12.80 -5.07
CA LYS C 12 -4.47 12.37 -5.37
C LYS C 12 -3.53 12.65 -4.21
N ILE C 13 -3.81 13.68 -3.42
CA ILE C 13 -2.98 13.97 -2.25
C ILE C 13 -3.24 12.93 -1.16
N VAL C 14 -4.51 12.58 -0.94
CA VAL C 14 -4.82 11.51 0.00
C VAL C 14 -4.32 10.17 -0.52
N ASN C 15 -4.44 9.95 -1.83
CA ASN C 15 -4.01 8.69 -2.42
C ASN C 15 -2.50 8.52 -2.30
N ASN C 16 -1.74 9.57 -2.61
CA ASN C 16 -0.28 9.52 -2.56
C ASN C 16 0.29 9.67 -1.16
N ALA C 17 -0.56 9.65 -0.12
CA ALA C 17 -0.12 9.79 1.26
C ALA C 17 -0.56 8.64 2.15
N PHE C 18 -1.77 8.09 1.94
CA PHE C 18 -2.34 7.07 2.81
C PHE C 18 -2.71 5.77 2.10
N ILE C 19 -2.64 5.71 0.77
CA ILE C 19 -3.19 4.57 0.03
C ILE C 19 -2.12 3.90 -0.82
N ASP C 20 -1.59 4.63 -1.80
CA ASP C 20 -0.62 4.08 -2.75
C ASP C 20 0.82 4.41 -2.39
N LEU C 21 1.05 5.03 -1.23
CA LEU C 21 2.39 5.37 -0.80
C LEU C 21 3.24 4.10 -0.70
N PRO C 22 4.36 3.97 -1.41
CA PRO C 22 5.25 2.82 -1.17
C PRO C 22 5.93 2.95 0.18
N ALA C 23 5.67 2.00 1.06
CA ALA C 23 6.24 1.95 2.40
C ALA C 23 7.09 0.70 2.57
N PRO C 24 8.08 0.70 3.45
CA PRO C 24 8.91 -0.50 3.62
C PRO C 24 8.11 -1.67 4.17
N SER C 25 8.50 -2.87 3.78
CA SER C 25 7.80 -4.08 4.18
C SER C 25 8.09 -4.51 5.61
N ASN C 26 9.07 -3.88 6.28
CA ASN C 26 9.60 -4.38 7.55
C ASN C 26 9.59 -3.35 8.67
N ILE C 27 8.87 -2.23 8.52
CA ILE C 27 8.79 -1.28 9.63
C ILE C 27 8.00 -1.90 10.77
N SER C 28 8.50 -1.72 11.98
CA SER C 28 8.01 -2.40 13.17
C SER C 28 7.02 -1.51 13.92
N SER C 29 6.65 -1.94 15.13
CA SER C 29 5.68 -1.19 15.93
C SER C 29 6.16 0.20 16.31
N TRP C 30 7.48 0.44 16.31
CA TRP C 30 7.99 1.76 16.62
C TRP C 30 7.66 2.79 15.54
N TRP C 31 7.20 2.35 14.37
CA TRP C 31 6.71 3.26 13.33
C TRP C 31 5.22 3.57 13.45
N ASN C 32 4.51 2.95 14.40
CA ASN C 32 3.10 3.27 14.61
C ASN C 32 2.89 4.61 15.29
N PHE C 33 3.92 5.13 15.98
CA PHE C 33 3.73 6.34 16.78
C PHE C 33 3.58 7.60 15.92
N GLY C 34 3.91 7.53 14.63
CA GLY C 34 3.60 8.64 13.76
C GLY C 34 2.10 8.92 13.68
N SER C 35 1.32 7.88 13.37
CA SER C 35 -0.13 8.05 13.28
C SER C 35 -0.73 8.30 14.66
N LEU C 36 -0.20 7.64 15.70
CA LEU C 36 -0.74 7.84 17.05
C LEU C 36 -0.59 9.29 17.50
N LEU C 37 0.52 9.93 17.14
CA LEU C 37 0.66 11.35 17.43
C LEU C 37 -0.40 12.16 16.70
N GLY C 38 -0.68 11.80 15.44
CA GLY C 38 -1.75 12.46 14.71
C GLY C 38 -3.11 12.27 15.39
N ILE C 39 -3.36 11.08 15.93
CA ILE C 39 -4.62 10.82 16.61
C ILE C 39 -4.68 11.61 17.92
N CYS C 40 -3.58 11.61 18.68
CA CYS C 40 -3.56 12.36 19.94
C CYS C 40 -3.81 13.84 19.70
N LEU C 41 -3.21 14.40 18.64
CA LEU C 41 -3.41 15.81 18.33
C LEU C 41 -4.87 16.09 18.02
N ILE C 42 -5.49 15.23 17.20
CA ILE C 42 -6.92 15.39 16.91
C ILE C 42 -7.74 15.17 18.18
N LEU C 43 -7.41 14.12 18.94
CA LEU C 43 -8.14 13.82 20.15
C LEU C 43 -8.07 14.97 21.14
N GLN C 44 -6.91 15.63 21.24
CA GLN C 44 -6.77 16.76 22.14
C GLN C 44 -7.52 17.97 21.64
N ILE C 45 -7.72 18.10 20.33
CA ILE C 45 -8.43 19.25 19.80
C ILE C 45 -9.94 19.10 20.02
N LEU C 46 -10.48 17.90 19.80
CA LEU C 46 -11.91 17.69 20.00
C LEU C 46 -12.29 17.90 21.47
N THR C 47 -11.64 17.17 22.38
CA THR C 47 -11.91 17.36 23.79
C THR C 47 -11.57 18.78 24.24
N GLY C 48 -10.48 19.33 23.71
CA GLY C 48 -10.12 20.70 24.03
C GLY C 48 -11.20 21.70 23.64
N LEU C 49 -11.78 21.53 22.45
CA LEU C 49 -12.85 22.42 22.02
C LEU C 49 -14.08 22.27 22.91
N PHE C 50 -14.49 21.02 23.18
CA PHE C 50 -15.68 20.79 23.98
C PHE C 50 -15.52 21.28 25.41
N LEU C 51 -14.28 21.38 25.90
CA LEU C 51 -14.05 22.01 27.20
C LEU C 51 -14.13 23.53 27.11
N ALA C 52 -13.80 24.10 25.95
CA ALA C 52 -13.85 25.55 25.78
C ALA C 52 -15.28 26.06 25.67
N MET C 53 -16.25 25.19 25.44
CA MET C 53 -17.65 25.59 25.46
C MET C 53 -18.18 25.85 26.86
N HIS C 54 -17.40 25.50 27.90
CA HIS C 54 -17.81 25.66 29.29
C HIS C 54 -16.77 26.31 30.18
N TYR C 55 -15.50 26.35 29.77
CA TYR C 55 -14.45 26.98 30.56
C TYR C 55 -14.46 28.48 30.36
N THR C 56 -14.16 29.22 31.44
CA THR C 56 -14.00 30.66 31.41
C THR C 56 -12.61 31.02 31.90
N SER C 57 -11.96 31.94 31.20
CA SER C 57 -10.56 32.30 31.46
C SER C 57 -10.47 33.54 32.36
N ASP C 58 -11.07 33.43 33.55
CA ASP C 58 -11.00 34.49 34.54
C ASP C 58 -10.79 33.86 35.92
N THR C 59 -9.94 34.49 36.72
CA THR C 59 -9.53 33.89 37.99
C THR C 59 -10.71 33.66 38.91
N THR C 60 -11.70 34.54 38.88
CA THR C 60 -12.85 34.42 39.77
C THR C 60 -13.72 33.20 39.44
N THR C 61 -13.60 32.65 38.23
CA THR C 61 -14.39 31.49 37.82
C THR C 61 -13.61 30.44 37.05
N ALA C 62 -12.32 30.61 36.82
CA ALA C 62 -11.54 29.62 36.08
C ALA C 62 -11.51 28.29 36.81
N PHE C 63 -11.28 28.31 38.13
CA PHE C 63 -11.25 27.07 38.89
C PHE C 63 -12.63 26.42 38.94
N SER C 64 -13.67 27.22 39.18
CA SER C 64 -15.01 26.66 39.37
C SER C 64 -15.68 26.28 38.05
N SER C 65 -15.30 26.94 36.95
CA SER C 65 -15.83 26.52 35.65
C SER C 65 -15.35 25.12 35.30
N VAL C 66 -14.12 24.78 35.67
CA VAL C 66 -13.63 23.42 35.50
C VAL C 66 -14.41 22.46 36.40
N THR C 67 -14.65 22.86 37.64
CA THR C 67 -15.51 22.07 38.53
C THR C 67 -16.91 21.92 37.95
N HIS C 68 -17.45 23.00 37.37
CA HIS C 68 -18.78 22.96 36.76
C HIS C 68 -18.86 21.90 35.66
N ILE C 69 -17.75 21.65 34.97
CA ILE C 69 -17.75 20.67 33.87
C ILE C 69 -17.84 19.26 34.44
N CYS C 70 -17.00 18.92 35.41
CA CYS C 70 -16.92 17.56 35.92
C CYS C 70 -18.17 17.16 36.71
N ARG C 71 -18.97 18.11 37.17
CA ARG C 71 -20.14 17.83 38.01
C ARG C 71 -21.46 18.00 37.27
N ASP C 72 -21.69 19.16 36.66
CA ASP C 72 -22.99 19.49 36.08
C ASP C 72 -23.08 19.15 34.60
N VAL C 73 -22.02 19.36 33.83
CA VAL C 73 -22.07 19.15 32.39
C VAL C 73 -22.16 17.66 32.09
N ASN C 74 -23.02 17.31 31.13
CA ASN C 74 -23.24 15.91 30.79
C ASN C 74 -21.97 15.32 30.20
N TYR C 75 -21.41 14.33 30.90
CA TYR C 75 -20.17 13.68 30.47
C TYR C 75 -19.04 14.70 30.32
N GLY C 76 -19.02 15.67 31.23
CA GLY C 76 -17.93 16.63 31.26
C GLY C 76 -16.70 16.01 31.88
N TRP C 77 -16.92 15.18 32.92
CA TRP C 77 -15.81 14.54 33.61
C TRP C 77 -15.04 13.60 32.68
N ILE C 78 -15.74 12.89 31.79
CA ILE C 78 -15.05 12.01 30.86
C ILE C 78 -14.29 12.82 29.81
N ILE C 79 -14.79 14.01 29.46
CA ILE C 79 -14.13 14.82 28.46
C ILE C 79 -12.88 15.48 29.04
N ARG C 80 -12.91 15.87 30.31
CA ARG C 80 -11.76 16.51 30.92
C ARG C 80 -10.61 15.53 31.08
N TYR C 81 -10.86 14.39 31.74
CA TYR C 81 -9.80 13.44 32.01
C TYR C 81 -9.24 12.85 30.73
N MET C 82 -10.04 12.77 29.67
CA MET C 82 -9.50 12.44 28.36
C MET C 82 -8.49 13.50 27.92
N HIS C 83 -8.80 14.78 28.18
CA HIS C 83 -7.90 15.85 27.78
C HIS C 83 -6.61 15.83 28.61
N ALA C 84 -6.74 15.66 29.92
CA ALA C 84 -5.56 15.66 30.79
C ALA C 84 -4.70 14.43 30.54
N ASN C 85 -5.31 13.26 30.43
CA ASN C 85 -4.54 12.04 30.17
C ASN C 85 -4.14 11.92 28.71
N GLY C 86 -4.94 12.48 27.79
CA GLY C 86 -4.53 12.52 26.40
C GLY C 86 -3.23 13.28 26.21
N ALA C 87 -3.02 14.32 27.00
CA ALA C 87 -1.75 15.05 26.95
C ALA C 87 -0.60 14.15 27.37
N SER C 88 -0.80 13.32 28.39
CA SER C 88 0.25 12.40 28.82
C SER C 88 0.51 11.33 27.76
N MET C 89 -0.56 10.77 27.18
CA MET C 89 -0.38 9.84 26.06
C MET C 89 0.32 10.51 24.89
N PHE C 90 0.01 11.79 24.66
CA PHE C 90 0.74 12.58 23.65
C PHE C 90 2.23 12.53 23.90
N PHE C 91 2.65 12.68 25.15
CA PHE C 91 4.08 12.72 25.46
C PHE C 91 4.71 11.34 25.52
N ILE C 92 3.93 10.31 25.87
CA ILE C 92 4.42 8.94 25.71
C ILE C 92 4.79 8.71 24.25
N CYS C 93 3.86 9.01 23.34
CA CYS C 93 4.09 8.77 21.93
C CYS C 93 5.22 9.63 21.39
N LEU C 94 5.30 10.90 21.83
CA LEU C 94 6.39 11.77 21.39
C LEU C 94 7.75 11.20 21.74
N TYR C 95 7.88 10.63 22.94
CA TYR C 95 9.18 10.13 23.39
C TYR C 95 9.52 8.81 22.72
N MET C 96 8.55 7.93 22.50
CA MET C 96 8.79 6.77 21.65
C MET C 96 9.14 7.20 20.23
N HIS C 97 8.41 8.19 19.71
CA HIS C 97 8.64 8.69 18.35
C HIS C 97 10.06 9.24 18.20
N VAL C 98 10.54 10.01 19.18
CA VAL C 98 11.88 10.56 19.11
C VAL C 98 12.92 9.46 19.32
N GLY C 99 12.69 8.57 20.30
CA GLY C 99 13.65 7.51 20.55
C GLY C 99 13.81 6.56 19.38
N ARG C 100 12.71 6.30 18.67
CA ARG C 100 12.79 5.54 17.43
C ARG C 100 13.73 6.20 16.44
N GLY C 101 13.70 7.54 16.37
CA GLY C 101 14.53 8.25 15.42
C GLY C 101 16.00 8.22 15.76
N LEU C 102 16.33 8.25 17.06
CA LEU C 102 17.73 8.17 17.49
C LEU C 102 18.29 6.79 17.23
N TYR C 103 17.58 5.75 17.68
CA TYR C 103 18.08 4.38 17.57
C TYR C 103 18.29 3.98 16.11
N TYR C 104 17.29 4.23 15.27
CA TYR C 104 17.29 3.72 13.90
C TYR C 104 17.87 4.68 12.88
N GLY C 105 18.34 5.86 13.30
CA GLY C 105 19.02 6.76 12.39
C GLY C 105 18.12 7.61 11.52
N SER C 106 16.83 7.71 11.84
CA SER C 106 15.91 8.49 11.01
C SER C 106 16.27 9.97 10.98
N TYR C 107 17.07 10.45 11.93
CA TYR C 107 17.44 11.86 11.97
C TYR C 107 18.23 12.31 10.74
N THR C 108 18.75 11.36 9.95
CA THR C 108 19.46 11.73 8.71
C THR C 108 18.54 12.46 7.74
N PHE C 109 17.23 12.29 7.86
CA PHE C 109 16.28 13.19 7.20
C PHE C 109 16.29 14.54 7.91
N LEU C 110 17.17 15.45 7.49
CA LEU C 110 17.38 16.69 8.22
C LEU C 110 16.10 17.52 8.32
N GLU C 111 15.45 17.75 7.18
CA GLU C 111 14.28 18.63 7.17
C GLU C 111 13.14 18.03 7.98
N THR C 112 12.90 16.72 7.83
CA THR C 112 11.88 16.06 8.62
C THR C 112 12.21 16.10 10.10
N TRP C 113 13.48 15.91 10.44
CA TRP C 113 13.88 15.82 11.85
C TRP C 113 13.83 17.17 12.54
N ASN C 114 14.41 18.20 11.91
CA ASN C 114 14.43 19.52 12.53
C ASN C 114 13.03 20.10 12.67
N ILE C 115 12.14 19.81 11.73
CA ILE C 115 10.75 20.21 11.89
C ILE C 115 10.12 19.41 13.03
N GLY C 116 10.60 18.20 13.26
CA GLY C 116 10.15 17.45 14.43
C GLY C 116 10.54 18.13 15.72
N VAL C 117 11.76 18.64 15.80
CA VAL C 117 12.22 19.36 16.99
C VAL C 117 11.31 20.56 17.24
N ILE C 118 10.91 21.27 16.19
CA ILE C 118 9.98 22.37 16.35
C ILE C 118 8.62 21.87 16.82
N LEU C 119 8.22 20.67 16.38
CA LEU C 119 6.96 20.10 16.85
C LEU C 119 7.03 19.72 18.32
N LEU C 120 8.20 19.23 18.77
CA LEU C 120 8.35 18.90 20.18
C LEU C 120 8.25 20.14 21.06
N LEU C 121 8.89 21.23 20.63
CA LEU C 121 8.90 22.46 21.41
C LEU C 121 7.49 23.06 21.52
N THR C 122 6.75 23.10 20.41
CA THR C 122 5.44 23.73 20.43
C THR C 122 4.42 22.88 21.18
N VAL C 123 4.59 21.56 21.20
CA VAL C 123 3.70 20.70 21.98
C VAL C 123 4.01 20.88 23.47
N MET C 124 5.28 21.03 23.81
CA MET C 124 5.64 21.28 25.21
C MET C 124 5.10 22.63 25.67
N ALA C 125 5.26 23.66 24.84
CA ALA C 125 4.70 24.97 25.19
C ALA C 125 3.19 24.92 25.30
N THR C 126 2.54 24.06 24.51
CA THR C 126 1.09 23.94 24.58
C THR C 126 0.65 23.34 25.91
N ALA C 127 1.23 22.21 26.30
CA ALA C 127 0.86 21.56 27.55
C ALA C 127 1.22 22.42 28.75
N PHE C 128 2.33 23.16 28.68
CA PHE C 128 2.72 24.04 29.78
C PHE C 128 1.66 25.11 30.04
N MET C 129 1.09 25.66 28.97
CA MET C 129 0.05 26.68 29.13
C MET C 129 -1.29 26.07 29.48
N GLY C 130 -1.55 24.83 29.05
CA GLY C 130 -2.80 24.17 29.41
C GLY C 130 -2.90 23.91 30.90
N TYR C 131 -1.78 23.55 31.53
CA TYR C 131 -1.76 23.26 32.95
C TYR C 131 -2.03 24.49 33.81
N VAL C 132 -1.88 25.69 33.24
CA VAL C 132 -2.17 26.91 34.00
C VAL C 132 -3.67 27.17 34.06
N LEU C 133 -4.41 26.73 33.04
CA LEU C 133 -5.81 27.15 32.90
C LEU C 133 -6.71 26.75 34.06
N PRO C 134 -6.66 25.53 34.63
CA PRO C 134 -7.54 25.25 35.78
C PRO C 134 -7.23 26.10 36.99
N TRP C 135 -6.04 26.70 37.07
CA TRP C 135 -5.72 27.70 38.08
C TRP C 135 -5.67 27.11 39.49
N GLY C 136 -5.21 25.86 39.60
CA GLY C 136 -4.94 25.25 40.88
C GLY C 136 -3.62 25.75 41.46
N GLN C 137 -3.23 25.13 42.58
CA GLN C 137 -1.97 25.49 43.23
C GLN C 137 -0.79 25.27 42.30
N MET C 138 -0.66 24.06 41.77
CA MET C 138 0.46 23.77 40.87
C MET C 138 0.36 24.55 39.58
N SER C 139 -0.87 24.83 39.12
CA SER C 139 -1.05 25.68 37.95
C SER C 139 -0.39 27.04 38.13
N PHE C 140 -0.56 27.64 39.31
CA PHE C 140 0.00 28.95 39.59
C PHE C 140 1.51 28.87 39.84
N TRP C 141 1.93 27.97 40.71
CA TRP C 141 3.33 27.95 41.14
C TRP C 141 4.22 27.28 40.10
N GLY C 142 3.69 26.34 39.33
CA GLY C 142 4.42 25.87 38.16
C GLY C 142 4.67 26.99 37.17
N ALA C 143 3.69 27.86 36.97
CA ALA C 143 3.87 29.00 36.09
C ALA C 143 4.86 30.01 36.66
N THR C 144 4.91 30.13 37.99
CA THR C 144 5.77 31.14 38.61
C THR C 144 7.24 30.76 38.52
N VAL C 145 7.58 29.53 38.89
CA VAL C 145 8.98 29.14 38.94
C VAL C 145 9.59 29.06 37.55
N ILE C 146 8.79 28.75 36.53
CA ILE C 146 9.33 28.59 35.18
C ILE C 146 9.50 29.94 34.50
N THR C 147 8.46 30.79 34.55
CA THR C 147 8.54 32.10 33.91
C THR C 147 9.57 32.99 34.59
N ASN C 148 9.82 32.80 35.89
CA ASN C 148 10.85 33.58 36.57
C ASN C 148 12.24 33.27 36.03
N LEU C 149 12.45 32.10 35.42
CA LEU C 149 13.75 31.79 34.85
C LEU C 149 14.15 32.80 33.77
N LEU C 150 13.17 33.36 33.06
CA LEU C 150 13.48 34.32 32.00
C LEU C 150 14.10 35.61 32.53
N SER C 151 13.94 35.90 33.83
CA SER C 151 14.57 37.10 34.39
C SER C 151 16.09 36.97 34.45
N ALA C 152 16.63 35.75 34.34
CA ALA C 152 18.07 35.54 34.36
C ALA C 152 18.75 35.90 33.04
N ILE C 153 18.00 36.15 31.98
CA ILE C 153 18.63 36.61 30.73
C ILE C 153 19.29 37.98 30.99
N PRO C 154 20.54 38.21 30.58
CA PRO C 154 21.18 39.48 30.94
C PRO C 154 20.62 40.65 30.13
N TYR C 155 20.35 41.75 30.84
CA TYR C 155 20.07 43.09 30.34
C TYR C 155 18.66 43.23 29.76
N ILE C 156 17.90 42.15 29.54
CA ILE C 156 16.51 42.26 29.13
C ILE C 156 15.63 41.27 29.89
N GLY C 157 16.15 40.72 30.99
CA GLY C 157 15.43 39.69 31.72
C GLY C 157 14.09 40.15 32.26
N THR C 158 14.10 41.16 33.14
CA THR C 158 12.87 41.59 33.79
C THR C 158 11.87 42.16 32.79
N ASN C 159 12.35 42.96 31.83
CA ASN C 159 11.45 43.53 30.83
C ASN C 159 10.75 42.45 30.02
N LEU C 160 11.44 41.33 29.76
CA LEU C 160 10.84 40.24 29.01
C LEU C 160 9.85 39.46 29.87
N VAL C 161 10.17 39.25 31.14
CA VAL C 161 9.28 38.49 32.02
C VAL C 161 8.01 39.28 32.29
N GLU C 162 8.15 40.58 32.57
CA GLU C 162 6.99 41.42 32.83
C GLU C 162 6.12 41.59 31.58
N TRP C 163 6.69 41.44 30.39
CA TRP C 163 5.89 41.52 29.16
C TRP C 163 5.08 40.23 28.98
N ILE C 164 5.67 39.08 29.26
CA ILE C 164 4.94 37.82 29.15
C ILE C 164 3.87 37.73 30.23
N TRP C 165 4.12 38.32 31.40
CA TRP C 165 3.14 38.29 32.48
C TRP C 165 1.99 39.26 32.25
N GLY C 166 2.26 40.41 31.64
CA GLY C 166 1.26 41.47 31.59
C GLY C 166 1.12 42.20 32.91
N GLY C 167 2.17 42.22 33.71
CA GLY C 167 2.14 42.82 35.03
C GLY C 167 3.44 42.60 35.76
N PHE C 168 3.35 42.19 37.03
CA PHE C 168 4.51 41.92 37.87
C PHE C 168 4.54 40.51 38.42
N SER C 169 3.60 39.65 38.04
CA SER C 169 3.59 38.26 38.47
C SER C 169 2.55 37.52 37.62
N VAL C 170 2.46 36.21 37.82
CA VAL C 170 1.39 35.43 37.23
C VAL C 170 0.08 35.90 37.83
N ASP C 171 -0.81 36.43 37.00
CA ASP C 171 -1.99 37.14 37.48
C ASP C 171 -3.11 36.93 36.47
N LYS C 172 -4.15 37.78 36.55
CA LYS C 172 -5.30 37.66 35.66
C LYS C 172 -4.89 37.74 34.19
N ALA C 173 -4.04 38.72 33.86
CA ALA C 173 -3.63 38.90 32.47
C ALA C 173 -2.83 37.71 31.96
N THR C 174 -2.07 37.05 32.84
CA THR C 174 -1.29 35.89 32.43
C THR C 174 -2.20 34.69 32.16
N LEU C 175 -3.27 34.54 32.95
CA LEU C 175 -4.15 33.39 32.79
C LEU C 175 -4.93 33.47 31.49
N THR C 176 -5.38 34.67 31.11
CA THR C 176 -6.24 34.80 29.94
C THR C 176 -5.46 34.56 28.65
N ARG C 177 -4.27 35.15 28.53
CA ARG C 177 -3.50 35.00 27.31
C ARG C 177 -3.01 33.58 27.13
N PHE C 178 -2.69 32.89 28.23
CA PHE C 178 -2.31 31.48 28.13
C PHE C 178 -3.44 30.65 27.54
N PHE C 179 -4.69 31.00 27.85
CA PHE C 179 -5.82 30.32 27.22
C PHE C 179 -5.86 30.59 25.72
N ALA C 180 -5.64 31.85 25.33
CA ALA C 180 -5.62 32.20 23.92
C ALA C 180 -4.48 31.48 23.20
N PHE C 181 -3.29 31.50 23.81
CA PHE C 181 -2.14 30.81 23.21
C PHE C 181 -2.33 29.31 23.22
N HIS C 182 -2.93 28.77 24.28
CA HIS C 182 -3.22 27.34 24.32
C HIS C 182 -4.25 26.93 23.28
N PHE C 183 -5.03 27.87 22.76
CA PHE C 183 -6.03 27.62 21.73
C PHE C 183 -5.41 27.68 20.34
N ILE C 184 -4.59 28.70 20.08
CA ILE C 184 -4.05 28.93 18.73
C ILE C 184 -2.99 27.90 18.37
N LEU C 185 -2.20 27.45 19.34
CA LEU C 185 -0.99 26.68 19.03
C LEU C 185 -1.29 25.30 18.43
N PRO C 186 -2.24 24.53 18.96
CA PRO C 186 -2.52 23.21 18.38
C PRO C 186 -2.88 23.22 16.90
N PHE C 187 -3.40 24.34 16.37
CA PHE C 187 -3.63 24.43 14.93
C PHE C 187 -2.35 24.77 14.20
N ILE C 188 -1.53 25.64 14.78
CA ILE C 188 -0.19 25.87 14.25
C ILE C 188 0.61 24.57 14.26
N ILE C 189 0.42 23.76 15.31
CA ILE C 189 1.08 22.46 15.38
C ILE C 189 0.64 21.58 14.22
N MET C 190 -0.68 21.51 13.98
CA MET C 190 -1.18 20.61 12.95
C MET C 190 -0.68 21.01 11.56
N ALA C 191 -0.56 22.32 11.32
CA ALA C 191 -0.01 22.77 10.04
C ALA C 191 1.45 22.36 9.89
N ILE C 192 2.22 22.48 10.98
CA ILE C 192 3.62 22.07 10.92
C ILE C 192 3.74 20.56 10.80
N ALA C 193 2.75 19.82 11.31
CA ALA C 193 2.74 18.37 11.14
C ALA C 193 2.45 17.98 9.69
N MET C 194 1.80 18.85 8.92
CA MET C 194 1.63 18.59 7.50
C MET C 194 2.92 18.84 6.74
N VAL C 195 3.66 19.89 7.09
CA VAL C 195 4.98 20.10 6.51
C VAL C 195 5.93 19.00 6.98
N HIS C 196 5.71 18.48 8.19
CA HIS C 196 6.48 17.33 8.68
C HIS C 196 6.32 16.14 7.75
N LEU C 197 5.11 15.95 7.19
CA LEU C 197 4.87 14.88 6.25
C LEU C 197 5.32 15.23 4.84
N LEU C 198 5.29 16.51 4.48
CA LEU C 198 5.72 16.92 3.14
C LEU C 198 7.18 16.53 2.91
N PHE C 199 8.06 16.84 3.86
CA PHE C 199 9.46 16.49 3.72
C PHE C 199 9.69 14.99 3.84
N LEU C 200 8.84 14.29 4.60
CA LEU C 200 9.01 12.85 4.76
C LEU C 200 8.75 12.12 3.46
N HIS C 201 7.62 12.41 2.82
CA HIS C 201 7.24 11.68 1.60
C HIS C 201 8.21 11.94 0.45
N GLU C 202 9.03 13.00 0.54
CA GLU C 202 10.09 13.23 -0.43
C GLU C 202 11.07 12.06 -0.47
N THR C 203 11.22 11.32 0.63
CA THR C 203 12.18 10.23 0.75
C THR C 203 11.56 8.88 1.11
N GLY C 204 10.38 8.85 1.71
CA GLY C 204 9.84 7.62 2.24
C GLY C 204 10.40 7.33 3.62
N SER C 205 9.90 6.26 4.22
CA SER C 205 10.27 5.90 5.58
C SER C 205 11.60 5.16 5.63
N ASN C 206 12.31 5.35 6.75
CA ASN C 206 13.41 4.47 7.13
C ASN C 206 12.81 3.13 7.56
N ASN C 207 13.68 2.18 7.91
CA ASN C 207 13.24 0.87 8.39
C ASN C 207 14.24 0.39 9.42
N PRO C 208 13.92 -0.68 10.16
CA PRO C 208 14.79 -1.11 11.26
C PRO C 208 16.24 -1.39 10.87
N THR C 209 16.50 -1.80 9.64
CA THR C 209 17.86 -2.14 9.24
C THR C 209 18.69 -0.93 8.86
N GLY C 210 18.06 0.20 8.55
CA GLY C 210 18.78 1.34 8.03
C GLY C 210 19.24 1.20 6.60
N ILE C 211 18.94 0.08 5.95
CA ILE C 211 19.27 -0.17 4.55
C ILE C 211 18.07 0.27 3.71
N SER C 212 18.34 0.75 2.51
CA SER C 212 17.28 1.17 1.62
C SER C 212 16.33 0.02 1.32
N SER C 213 15.04 0.33 1.27
CA SER C 213 13.99 -0.65 1.04
C SER C 213 13.29 -0.47 -0.30
N ASP C 214 13.92 0.27 -1.24
CA ASP C 214 13.31 0.45 -2.56
C ASP C 214 13.19 -0.88 -3.30
N VAL C 215 14.07 -1.85 -3.00
CA VAL C 215 13.96 -3.17 -3.60
C VAL C 215 12.80 -3.97 -3.04
N ASP C 216 12.22 -3.55 -1.91
CA ASP C 216 11.11 -4.29 -1.30
C ASP C 216 10.19 -3.26 -0.62
N LYS C 217 9.19 -2.80 -1.37
CA LYS C 217 8.18 -1.87 -0.89
C LYS C 217 6.81 -2.51 -1.01
N ILE C 218 5.88 -2.06 -0.15
CA ILE C 218 4.49 -2.50 -0.22
C ILE C 218 3.60 -1.27 -0.12
N PRO C 219 2.37 -1.29 -0.65
CA PRO C 219 1.51 -0.12 -0.51
C PRO C 219 1.05 0.06 0.92
N PHE C 220 0.86 1.33 1.30
CA PHE C 220 0.46 1.63 2.67
C PHE C 220 -0.90 1.04 3.01
N HIS C 221 -1.79 0.94 2.01
CA HIS C 221 -3.07 0.28 2.15
C HIS C 221 -3.02 -1.08 1.46
N PRO C 222 -3.51 -2.17 2.07
CA PRO C 222 -4.16 -2.36 3.37
C PRO C 222 -3.21 -2.66 4.53
N TYR C 223 -1.92 -2.77 4.23
CA TYR C 223 -0.99 -3.36 5.20
C TYR C 223 -0.78 -2.46 6.42
N TYR C 224 -0.60 -1.17 6.20
CA TYR C 224 -0.34 -0.24 7.30
C TYR C 224 -1.54 0.62 7.66
N THR C 225 -2.61 0.59 6.88
CA THR C 225 -3.87 1.14 7.36
C THR C 225 -4.43 0.29 8.50
N ILE C 226 -4.40 -1.03 8.35
CA ILE C 226 -4.91 -1.92 9.39
C ILE C 226 -3.95 -1.97 10.57
N LYS C 227 -2.65 -1.82 10.32
CA LYS C 227 -1.67 -1.86 11.41
C LYS C 227 -1.75 -0.60 12.26
N ASP C 228 -2.04 0.55 11.65
CA ASP C 228 -2.24 1.77 12.42
C ASP C 228 -3.57 1.77 13.13
N ILE C 229 -4.60 1.15 12.54
CA ILE C 229 -5.88 1.02 13.21
C ILE C 229 -5.73 0.16 14.46
N LEU C 230 -5.05 -0.97 14.34
CA LEU C 230 -4.78 -1.82 15.50
C LEU C 230 -3.99 -1.06 16.55
N GLY C 231 -2.96 -0.33 16.13
CA GLY C 231 -2.19 0.47 17.07
C GLY C 231 -3.01 1.56 17.72
N ALA C 232 -3.90 2.19 16.95
CA ALA C 232 -4.81 3.19 17.51
C ALA C 232 -5.74 2.56 18.54
N LEU C 233 -6.13 1.30 18.33
CA LEU C 233 -7.00 0.62 19.28
C LEU C 233 -6.29 0.39 20.60
N LEU C 234 -5.00 0.04 20.55
CA LEU C 234 -4.21 -0.06 21.79
C LEU C 234 -4.06 1.29 22.47
N LEU C 235 -3.97 2.37 21.68
CA LEU C 235 -3.89 3.69 22.28
C LEU C 235 -5.14 4.03 23.06
N ILE C 236 -6.32 3.69 22.52
CA ILE C 236 -7.56 3.95 23.23
C ILE C 236 -7.64 3.09 24.48
N LEU C 237 -7.11 1.87 24.44
CA LEU C 237 -7.04 1.04 25.64
C LEU C 237 -6.22 1.72 26.73
N ALA C 238 -5.03 2.19 26.37
CA ALA C 238 -4.17 2.83 27.36
C ALA C 238 -4.80 4.12 27.90
N LEU C 239 -5.42 4.91 27.03
CA LEU C 239 -6.08 6.14 27.48
C LEU C 239 -7.24 5.82 28.39
N MET C 240 -8.15 4.94 27.95
CA MET C 240 -9.36 4.70 28.71
C MET C 240 -9.09 3.99 30.03
N LEU C 241 -8.01 3.21 30.12
CA LEU C 241 -7.62 2.62 31.40
C LEU C 241 -7.28 3.71 32.40
N LEU C 242 -6.64 4.79 31.93
CA LEU C 242 -6.35 5.91 32.82
C LEU C 242 -7.61 6.73 33.10
N VAL C 243 -8.51 6.86 32.14
CA VAL C 243 -9.67 7.72 32.33
C VAL C 243 -10.71 7.04 33.22
N LEU C 244 -10.90 5.73 33.07
CA LEU C 244 -12.01 5.02 33.70
C LEU C 244 -11.60 4.23 34.95
N PHE C 245 -10.31 4.12 35.25
CA PHE C 245 -9.84 3.40 36.43
C PHE C 245 -8.81 4.15 37.26
N ALA C 246 -8.15 5.18 36.74
CA ALA C 246 -7.16 5.91 37.52
C ALA C 246 -6.94 7.31 36.95
N PRO C 247 -7.97 8.16 36.92
CA PRO C 247 -7.82 9.48 36.29
C PRO C 247 -6.94 10.45 37.07
N ASP C 248 -6.62 10.16 38.33
CA ASP C 248 -5.82 11.03 39.18
C ASP C 248 -4.43 10.46 39.47
N LEU C 249 -4.00 9.46 38.70
CA LEU C 249 -2.72 8.82 38.97
C LEU C 249 -1.55 9.73 38.56
N LEU C 250 -1.62 10.31 37.37
CA LEU C 250 -0.53 11.14 36.86
C LEU C 250 -0.62 12.59 37.33
N GLY C 251 -1.77 13.02 37.85
CA GLY C 251 -1.93 14.39 38.29
C GLY C 251 -1.50 14.59 39.74
N ASP C 252 -1.28 15.86 40.09
CA ASP C 252 -0.87 16.24 41.43
C ASP C 252 -2.07 16.65 42.28
N PRO C 253 -2.21 16.21 43.54
CA PRO C 253 -3.38 16.64 44.33
C PRO C 253 -3.45 18.14 44.57
N ASP C 254 -2.32 18.84 44.55
CA ASP C 254 -2.33 20.29 44.82
C ASP C 254 -3.22 21.03 43.83
N ASN C 255 -3.32 20.55 42.59
CA ASN C 255 -4.13 21.24 41.60
C ASN C 255 -5.63 21.16 41.90
N TYR C 256 -6.06 20.35 42.87
CA TYR C 256 -7.42 20.36 43.35
C TYR C 256 -7.65 21.39 44.46
N THR C 257 -6.65 22.24 44.73
CA THR C 257 -6.79 23.40 45.60
C THR C 257 -6.68 24.65 44.75
N PRO C 258 -7.54 25.65 44.90
CA PRO C 258 -7.41 26.87 44.08
C PRO C 258 -6.06 27.56 44.29
N ALA C 259 -5.74 28.44 43.34
CA ALA C 259 -4.47 29.15 43.39
C ALA C 259 -4.38 30.00 44.63
N ASN C 260 -3.14 30.24 45.08
CA ASN C 260 -2.89 30.97 46.33
C ASN C 260 -1.50 31.59 46.20
N PRO C 261 -1.41 32.86 45.79
CA PRO C 261 -0.07 33.48 45.64
C PRO C 261 0.72 33.57 46.94
N LEU C 262 0.07 33.44 48.10
CA LEU C 262 0.74 33.58 49.39
C LEU C 262 1.22 32.23 49.93
N ASN C 263 0.33 31.24 49.98
CA ASN C 263 0.68 29.92 50.47
C ASN C 263 1.29 29.09 49.34
N THR C 264 2.50 28.58 49.56
CA THR C 264 3.23 27.77 48.58
C THR C 264 3.08 26.30 48.93
N PRO C 265 2.80 25.39 47.98
CA PRO C 265 2.79 23.96 48.32
C PRO C 265 4.18 23.50 48.72
N PRO C 266 4.28 22.38 49.45
CA PRO C 266 5.60 21.94 49.92
C PRO C 266 6.52 21.49 48.79
N HIS C 267 6.01 20.64 47.90
CA HIS C 267 6.80 20.06 46.80
C HIS C 267 6.15 20.45 45.48
N ILE C 268 6.81 21.34 44.75
CA ILE C 268 6.34 21.78 43.43
C ILE C 268 7.01 20.88 42.41
N LYS C 269 6.24 19.91 41.87
CA LYS C 269 6.73 18.96 40.89
C LYS C 269 5.92 19.06 39.60
N PRO C 270 6.56 19.07 38.41
CA PRO C 270 5.78 19.04 37.17
C PRO C 270 5.10 17.70 36.91
N GLU C 271 4.35 17.63 35.81
CA GLU C 271 3.89 16.35 35.30
C GLU C 271 5.10 15.48 34.94
N TRP C 272 4.84 14.17 34.82
CA TRP C 272 5.93 13.21 34.64
C TRP C 272 6.74 13.50 33.38
N TYR C 273 6.11 14.05 32.34
CA TYR C 273 6.80 14.28 31.08
C TYR C 273 7.66 15.54 31.09
N PHE C 274 7.80 16.22 32.22
CA PHE C 274 8.73 17.34 32.37
C PHE C 274 9.73 17.13 33.50
N LEU C 275 9.70 15.99 34.20
CA LEU C 275 10.55 15.83 35.38
C LEU C 275 12.03 15.77 34.99
N PHE C 276 12.34 15.17 33.85
CA PHE C 276 13.74 15.03 33.44
C PHE C 276 14.39 16.40 33.23
N ALA C 277 13.62 17.37 32.69
CA ALA C 277 14.15 18.70 32.44
C ALA C 277 14.07 19.57 33.69
N TYR C 278 13.12 19.29 34.58
CA TYR C 278 13.08 19.96 35.87
C TYR C 278 14.29 19.58 36.72
N ALA C 279 14.73 18.33 36.63
CA ALA C 279 15.92 17.91 37.38
C ALA C 279 17.16 18.59 36.85
N ILE C 280 17.32 18.65 35.52
CA ILE C 280 18.47 19.33 34.92
C ILE C 280 18.51 20.80 35.33
N LEU C 281 17.33 21.42 35.50
CA LEU C 281 17.29 22.82 35.91
C LEU C 281 17.84 23.00 37.32
N ARG C 282 17.36 22.18 38.26
CA ARG C 282 17.74 22.35 39.67
C ARG C 282 19.13 21.84 39.98
N SER C 283 19.71 20.99 39.13
CA SER C 283 21.06 20.49 39.36
C SER C 283 22.13 21.54 39.07
N ILE C 284 21.83 22.53 38.24
CA ILE C 284 22.76 23.61 37.95
C ILE C 284 22.56 24.69 39.01
N PRO C 285 23.61 25.08 39.77
CA PRO C 285 23.39 26.11 40.80
C PRO C 285 23.08 27.47 40.21
N ASN C 286 23.85 27.88 39.20
CA ASN C 286 23.66 29.19 38.59
C ASN C 286 22.28 29.27 37.94
N LYS C 287 21.73 30.49 37.93
CA LYS C 287 20.39 30.70 37.39
C LYS C 287 20.41 30.76 35.86
N LEU C 288 21.24 31.64 35.30
CA LEU C 288 21.35 31.74 33.85
C LEU C 288 21.89 30.44 33.26
N GLY C 289 22.80 29.77 33.95
CA GLY C 289 23.27 28.49 33.49
C GLY C 289 22.20 27.43 33.48
N GLY C 290 21.26 27.50 34.43
CA GLY C 290 20.16 26.55 34.45
C GLY C 290 19.22 26.74 33.28
N VAL C 291 18.99 27.99 32.87
CA VAL C 291 18.12 28.26 31.73
C VAL C 291 18.76 27.74 30.45
N LEU C 292 20.04 28.00 30.25
CA LEU C 292 20.71 27.55 29.04
C LEU C 292 20.74 26.03 28.97
N ALA C 293 21.09 25.37 30.08
CA ALA C 293 21.07 23.91 30.11
C ALA C 293 19.64 23.39 29.94
N LEU C 294 18.65 24.11 30.46
CA LEU C 294 17.27 23.69 30.32
C LEU C 294 16.81 23.81 28.88
N ALA C 295 17.25 24.86 28.18
CA ALA C 295 16.94 25.01 26.76
C ALA C 295 17.81 24.09 25.91
N PHE C 296 19.05 23.87 26.31
CA PHE C 296 19.93 22.97 25.56
C PHE C 296 19.55 21.51 25.75
N SER C 297 18.73 21.18 26.75
CA SER C 297 18.33 19.80 26.96
C SER C 297 17.47 19.27 25.81
N ILE C 298 16.79 20.16 25.10
CA ILE C 298 15.91 19.78 24.00
C ILE C 298 16.48 20.22 22.66
N LEU C 299 17.10 21.39 22.59
CA LEU C 299 17.74 21.84 21.35
C LEU C 299 18.93 20.99 20.95
N ILE C 300 19.44 20.16 21.86
CA ILE C 300 20.55 19.26 21.51
C ILE C 300 20.13 18.28 20.44
N LEU C 301 18.83 17.96 20.35
CA LEU C 301 18.35 17.03 19.33
C LEU C 301 18.69 17.51 17.93
N ALA C 302 18.72 18.83 17.71
CA ALA C 302 19.08 19.37 16.41
C ALA C 302 20.54 19.15 16.05
N LEU C 303 21.37 18.72 17.00
CA LEU C 303 22.79 18.47 16.74
C LEU C 303 23.09 17.01 16.43
N ILE C 304 22.14 16.10 16.63
CA ILE C 304 22.42 14.66 16.43
C ILE C 304 22.85 14.37 15.00
N PRO C 305 22.22 14.91 13.94
CA PRO C 305 22.72 14.64 12.59
C PRO C 305 24.16 15.07 12.38
N LEU C 306 24.60 16.13 13.05
CA LEU C 306 25.98 16.59 12.92
C LEU C 306 26.96 15.73 13.69
N LEU C 307 26.48 14.96 14.66
CA LEU C 307 27.32 14.11 15.50
C LEU C 307 27.22 12.63 15.13
N HIS C 308 26.84 12.33 13.89
CA HIS C 308 26.73 10.96 13.41
C HIS C 308 28.06 10.56 12.77
N THR C 309 28.73 9.58 13.38
CA THR C 309 30.03 9.12 12.90
C THR C 309 29.99 7.75 12.23
N SER C 310 28.94 6.97 12.45
CA SER C 310 28.92 5.59 11.98
C SER C 310 28.71 5.51 10.47
N LYS C 311 29.45 4.59 9.84
CA LYS C 311 29.21 4.28 8.43
C LYS C 311 27.86 3.62 8.21
N GLN C 312 27.29 3.01 9.25
CA GLN C 312 25.97 2.42 9.21
C GLN C 312 24.94 3.40 9.78
N ARG C 313 23.71 3.29 9.30
CA ARG C 313 22.67 4.24 9.69
C ARG C 313 22.00 3.82 10.99
N SER C 314 21.50 2.60 11.06
CA SER C 314 20.72 2.13 12.21
C SER C 314 21.64 1.49 13.25
N MET C 315 21.22 1.58 14.51
CA MET C 315 21.94 0.92 15.60
C MET C 315 21.69 -0.58 15.66
N MET C 316 20.86 -1.12 14.77
CA MET C 316 20.53 -2.55 14.79
C MET C 316 21.79 -3.41 14.71
N PHE C 317 22.79 -2.96 13.95
CA PHE C 317 24.02 -3.71 13.74
C PHE C 317 25.20 -3.08 14.49
N ARG C 318 24.92 -2.41 15.60
CA ARG C 318 25.93 -1.67 16.36
C ARG C 318 25.72 -1.91 17.84
N PRO C 319 26.24 -3.03 18.37
CA PRO C 319 26.02 -3.33 19.80
C PRO C 319 26.58 -2.28 20.75
N LEU C 320 27.78 -1.75 20.48
CA LEU C 320 28.39 -0.78 21.38
C LEU C 320 27.58 0.51 21.44
N SER C 321 26.84 0.84 20.38
CA SER C 321 25.95 2.00 20.40
C SER C 321 24.61 1.67 21.05
N GLN C 322 24.16 0.42 20.95
CA GLN C 322 22.92 0.02 21.63
C GLN C 322 23.04 0.19 23.13
N CYS C 323 24.16 -0.25 23.71
CA CYS C 323 24.35 -0.11 25.15
C CYS C 323 24.34 1.35 25.58
N LEU C 324 24.97 2.22 24.80
CA LEU C 324 24.95 3.64 25.12
C LEU C 324 23.57 4.24 24.91
N PHE C 325 22.78 3.69 23.98
CA PHE C 325 21.42 4.20 23.78
C PHE C 325 20.55 3.93 25.00
N TRP C 326 20.60 2.72 25.54
CA TRP C 326 19.83 2.40 26.73
C TRP C 326 20.43 3.03 27.98
N ALA C 327 21.71 3.37 27.96
CA ALA C 327 22.28 4.22 29.00
C ALA C 327 21.66 5.61 28.97
N LEU C 328 21.25 6.08 27.78
CA LEU C 328 20.58 7.37 27.69
C LEU C 328 19.15 7.27 28.22
N VAL C 329 18.47 6.16 27.98
CA VAL C 329 17.11 5.98 28.48
C VAL C 329 17.13 5.86 30.00
N ALA C 330 17.98 4.98 30.53
CA ALA C 330 18.05 4.80 31.98
C ALA C 330 18.51 6.08 32.66
N ASP C 331 19.43 6.82 32.04
CA ASP C 331 19.84 8.10 32.59
C ASP C 331 18.69 9.12 32.54
N LEU C 332 17.84 9.03 31.53
CA LEU C 332 16.65 9.88 31.48
C LEU C 332 15.58 9.41 32.46
N LEU C 333 15.49 8.10 32.68
CA LEU C 333 14.62 7.58 33.73
C LEU C 333 15.15 7.94 35.12
N THR C 334 16.45 8.23 35.24
CA THR C 334 17.01 8.72 36.49
C THR C 334 16.67 10.19 36.71
N LEU C 335 16.78 11.01 35.67
CA LEU C 335 16.42 12.42 35.78
C LEU C 335 14.92 12.57 36.07
N THR C 336 14.10 11.72 35.44
CA THR C 336 12.67 11.71 35.74
C THR C 336 12.43 11.43 37.21
N TRP C 337 13.11 10.41 37.75
CA TRP C 337 12.96 10.06 39.15
C TRP C 337 13.44 11.19 40.05
N ILE C 338 14.62 11.75 39.76
CA ILE C 338 15.15 12.85 40.58
C ILE C 338 14.27 14.07 40.50
N GLY C 339 13.60 14.30 39.37
CA GLY C 339 12.80 15.50 39.22
C GLY C 339 11.61 15.54 40.16
N GLY C 340 11.08 14.38 40.54
CA GLY C 340 9.95 14.31 41.44
C GLY C 340 10.31 14.14 42.90
N GLN C 341 11.53 14.54 43.27
CA GLN C 341 12.05 14.39 44.62
C GLN C 341 12.61 15.72 45.10
N PRO C 342 12.67 15.95 46.41
CA PRO C 342 13.16 17.24 46.91
C PRO C 342 14.66 17.39 46.70
N VAL C 343 15.10 18.64 46.68
CA VAL C 343 16.51 18.97 46.37
C VAL C 343 17.27 18.85 47.68
N GLU C 344 17.65 17.62 48.00
CA GLU C 344 18.34 17.31 49.24
C GLU C 344 19.32 16.16 48.99
N HIS C 345 20.18 15.92 49.96
CA HIS C 345 21.16 14.85 49.83
C HIS C 345 20.46 13.49 49.83
N PRO C 346 20.89 12.53 48.98
CA PRO C 346 21.93 12.53 47.94
C PRO C 346 21.38 12.86 46.55
N TYR C 347 20.10 13.26 46.47
CA TYR C 347 19.48 13.53 45.19
C TYR C 347 20.15 14.68 44.44
N ILE C 348 20.77 15.61 45.18
CA ILE C 348 21.48 16.71 44.53
C ILE C 348 22.63 16.16 43.69
N THR C 349 23.45 15.29 44.29
CA THR C 349 24.61 14.76 43.60
C THR C 349 24.20 13.84 42.45
N ILE C 350 23.18 13.01 42.66
CA ILE C 350 22.74 12.11 41.60
C ILE C 350 22.19 12.89 40.43
N GLY C 351 21.42 13.95 40.72
CA GLY C 351 20.88 14.78 39.65
C GLY C 351 21.94 15.51 38.85
N GLN C 352 23.06 15.86 39.50
CA GLN C 352 24.16 16.49 38.77
C GLN C 352 24.90 15.47 37.92
N LEU C 353 25.14 14.28 38.46
CA LEU C 353 25.80 13.23 37.69
C LEU C 353 24.96 12.83 36.49
N ALA C 354 23.66 12.64 36.70
CA ALA C 354 22.77 12.27 35.58
C ALA C 354 22.68 13.38 34.55
N SER C 355 22.77 14.64 34.99
CA SER C 355 22.71 15.76 34.04
C SER C 355 23.95 15.79 33.16
N VAL C 356 25.13 15.62 33.76
CA VAL C 356 26.36 15.58 32.97
C VAL C 356 26.37 14.34 32.07
N LEU C 357 25.89 13.21 32.59
CA LEU C 357 25.85 11.98 31.80
C LEU C 357 24.94 12.14 30.58
N TYR C 358 23.87 12.92 30.72
CA TYR C 358 22.97 13.16 29.59
C TYR C 358 23.71 13.82 28.44
N PHE C 359 24.33 14.98 28.70
CA PHE C 359 25.03 15.70 27.64
C PHE C 359 26.32 14.99 27.23
N LEU C 360 26.94 14.22 28.13
CA LEU C 360 28.15 13.50 27.75
C LEU C 360 27.83 12.34 26.82
N LEU C 361 26.71 11.66 27.06
CA LEU C 361 26.32 10.55 26.19
C LEU C 361 26.03 11.03 24.78
N ILE C 362 25.38 12.18 24.64
CA ILE C 362 24.93 12.64 23.33
C ILE C 362 26.08 13.31 22.57
N LEU C 363 26.91 14.07 23.27
CA LEU C 363 27.94 14.87 22.60
C LEU C 363 29.25 14.12 22.40
N VAL C 364 29.62 13.21 23.31
CA VAL C 364 30.96 12.64 23.34
C VAL C 364 30.93 11.12 23.15
N LEU C 365 30.21 10.41 24.03
CA LEU C 365 30.35 8.97 24.09
C LEU C 365 29.73 8.28 22.87
N MET C 366 28.50 8.64 22.52
CA MET C 366 27.83 7.97 21.42
C MET C 366 28.50 8.26 20.07
N PRO C 367 28.95 9.48 19.81
CA PRO C 367 29.78 9.68 18.60
C PRO C 367 31.06 8.87 18.61
N THR C 368 31.71 8.73 19.77
CA THR C 368 32.94 7.96 19.85
C THR C 368 32.70 6.47 19.61
N ALA C 369 31.55 5.96 20.05
CA ALA C 369 31.25 4.55 19.83
C ALA C 369 31.10 4.23 18.36
N GLY C 370 30.45 5.12 17.61
CA GLY C 370 30.31 4.90 16.18
C GLY C 370 31.63 4.84 15.45
N THR C 371 32.63 5.59 15.93
CA THR C 371 33.96 5.54 15.33
C THR C 371 34.68 4.24 15.67
N ILE C 372 34.60 3.81 16.94
CA ILE C 372 35.16 2.53 17.33
C ILE C 372 34.52 1.40 16.52
N GLU C 373 33.21 1.47 16.31
CA GLU C 373 32.52 0.44 15.55
C GLU C 373 32.98 0.42 14.10
N ASN C 374 33.32 1.57 13.53
CA ASN C 374 33.86 1.60 12.18
C ASN C 374 35.20 0.89 12.09
N LYS C 375 36.06 1.09 13.09
CA LYS C 375 37.39 0.47 13.07
C LYS C 375 37.29 -1.05 13.19
N LEU C 376 36.37 -1.53 14.03
CA LEU C 376 36.23 -2.98 14.21
C LEU C 376 35.76 -3.67 12.93
N LEU C 377 35.02 -2.96 12.09
CA LEU C 377 34.61 -3.47 10.78
C LEU C 377 35.61 -3.12 9.67
N LYS C 378 36.70 -2.42 9.99
CA LYS C 378 37.78 -2.11 9.05
C LYS C 378 37.34 -1.13 7.97
N TRP C 379 36.61 -0.09 8.35
CA TRP C 379 36.32 1.01 7.43
C TRP C 379 36.17 2.35 8.16
N SER D 1 9.82 20.35 57.14
CA SER D 1 11.07 19.55 57.23
C SER D 1 11.06 18.61 58.44
N ASP D 2 9.86 18.16 58.82
CA ASP D 2 9.71 17.27 59.96
C ASP D 2 9.72 15.81 59.49
N LEU D 3 9.67 14.90 60.47
CA LEU D 3 9.39 13.49 60.20
C LEU D 3 7.98 13.32 59.65
N GLU D 4 7.80 12.30 58.82
CA GLU D 4 6.53 12.01 58.16
C GLU D 4 6.02 10.64 58.58
N LEU D 5 4.70 10.55 58.73
CA LEU D 5 3.96 9.29 58.87
C LEU D 5 2.94 9.19 57.75
N HIS D 6 3.10 8.16 56.87
CA HIS D 6 2.14 8.00 55.78
C HIS D 6 0.98 7.13 56.24
N PRO D 7 -0.24 7.34 55.73
CA PRO D 7 -1.38 6.53 56.19
C PRO D 7 -1.34 5.12 55.60
N PRO D 8 -1.77 4.10 56.35
CA PRO D 8 -1.93 2.77 55.76
C PRO D 8 -3.12 2.75 54.81
N SER D 9 -3.27 1.63 54.10
CA SER D 9 -4.35 1.43 53.15
C SER D 9 -5.47 0.64 53.81
N TYR D 10 -6.59 1.31 54.08
CA TYR D 10 -7.77 0.65 54.63
C TYR D 10 -8.58 -0.01 53.50
N PRO D 11 -9.22 -1.16 53.76
CA PRO D 11 -9.94 -1.84 52.65
C PRO D 11 -11.34 -1.29 52.44
N TRP D 12 -11.40 -0.03 52.02
CA TRP D 12 -12.66 0.59 51.62
C TRP D 12 -13.39 -0.28 50.60
N SER D 13 -14.72 -0.25 50.65
CA SER D 13 -15.50 -1.10 49.77
C SER D 13 -15.57 -0.55 48.34
N HIS D 14 -15.08 0.68 48.11
CA HIS D 14 -14.94 1.26 46.78
C HIS D 14 -13.51 1.25 46.30
N ARG D 15 -12.61 0.52 46.99
CA ARG D 15 -11.21 0.44 46.58
C ARG D 15 -11.03 -0.33 45.29
N GLY D 16 -11.75 -1.43 45.10
CA GLY D 16 -11.51 -2.27 43.93
C GLY D 16 -11.80 -1.54 42.63
N LEU D 17 -11.26 -2.10 41.55
CA LEU D 17 -11.36 -1.47 40.24
C LEU D 17 -12.81 -1.34 39.78
N LEU D 18 -13.64 -2.34 40.07
CA LEU D 18 -15.03 -2.37 39.64
C LEU D 18 -16.01 -2.10 40.77
N SER D 19 -15.53 -1.66 41.93
CA SER D 19 -16.33 -1.61 43.15
C SER D 19 -16.93 -0.22 43.34
N SER D 20 -18.26 -0.16 43.43
CA SER D 20 -18.97 1.09 43.61
C SER D 20 -18.85 1.57 45.05
N LEU D 21 -19.18 2.84 45.27
CA LEU D 21 -19.43 3.34 46.61
C LEU D 21 -20.59 2.58 47.27
N ASP D 22 -20.58 2.56 48.59
CA ASP D 22 -21.68 2.03 49.38
C ASP D 22 -22.60 3.21 49.66
N HIS D 23 -23.77 3.23 49.02
CA HIS D 23 -24.63 4.40 49.07
C HIS D 23 -25.33 4.56 50.42
N THR D 24 -25.46 3.48 51.18
CA THR D 24 -25.95 3.62 52.55
C THR D 24 -24.94 4.36 53.41
N SER D 25 -23.65 4.11 53.17
CA SER D 25 -22.59 4.79 53.90
C SER D 25 -22.46 6.25 53.46
N ILE D 26 -22.68 6.53 52.18
CA ILE D 26 -22.83 7.91 51.70
C ILE D 26 -23.91 8.62 52.51
N ARG D 27 -25.10 8.03 52.58
CA ARG D 27 -26.20 8.62 53.33
C ARG D 27 -25.80 8.95 54.77
N ARG D 28 -25.17 8.00 55.46
CA ARG D 28 -24.72 8.26 56.82
C ARG D 28 -23.63 9.33 56.86
N GLY D 29 -22.75 9.33 55.87
CA GLY D 29 -21.67 10.30 55.84
C GLY D 29 -22.13 11.74 55.66
N PHE D 30 -23.21 11.94 54.90
CA PHE D 30 -23.79 13.28 54.79
C PHE D 30 -24.26 13.79 56.14
N GLN D 31 -24.83 12.89 56.95
CA GLN D 31 -25.33 13.28 58.27
C GLN D 31 -24.19 13.73 59.16
N VAL D 32 -23.01 13.11 59.03
CA VAL D 32 -21.85 13.54 59.79
C VAL D 32 -21.41 14.94 59.37
N TYR D 33 -21.31 15.18 58.05
CA TYR D 33 -20.92 16.51 57.57
C TYR D 33 -21.88 17.58 58.09
N LYS D 34 -23.18 17.35 57.94
CA LYS D 34 -24.19 18.31 58.36
C LYS D 34 -24.09 18.60 59.85
N GLN D 35 -24.12 17.55 60.67
CA GLN D 35 -24.22 17.73 62.11
C GLN D 35 -22.91 18.18 62.75
N VAL D 36 -21.78 17.67 62.28
CA VAL D 36 -20.48 17.90 62.92
C VAL D 36 -19.62 18.88 62.14
N CYS D 37 -19.40 18.61 60.85
CA CYS D 37 -18.38 19.34 60.10
C CYS D 37 -18.85 20.68 59.56
N SER D 38 -20.14 20.82 59.25
CA SER D 38 -20.61 21.98 58.49
C SER D 38 -20.48 23.30 59.26
N SER D 39 -20.30 23.24 60.58
CA SER D 39 -20.15 24.46 61.38
C SER D 39 -18.78 25.13 61.22
N CYS D 40 -17.76 24.40 60.76
CA CYS D 40 -16.45 24.99 60.47
C CYS D 40 -16.03 24.86 59.01
N HIS D 41 -16.50 23.86 58.29
CA HIS D 41 -16.03 23.56 56.94
C HIS D 41 -17.12 23.82 55.91
N SER D 42 -16.78 24.58 54.87
CA SER D 42 -17.68 24.74 53.74
C SER D 42 -17.59 23.53 52.82
N MET D 43 -18.56 23.43 51.90
CA MET D 43 -18.52 22.49 50.78
C MET D 43 -19.15 23.24 49.61
N ASP D 44 -18.37 24.16 49.02
CA ASP D 44 -18.94 25.14 48.10
C ASP D 44 -19.45 24.55 46.79
N TYR D 45 -19.07 23.32 46.44
CA TYR D 45 -19.38 22.75 45.13
C TYR D 45 -20.39 21.61 45.16
N VAL D 46 -21.03 21.35 46.30
CA VAL D 46 -22.08 20.34 46.38
C VAL D 46 -23.39 21.04 46.75
N ALA D 47 -24.45 20.69 46.02
CA ALA D 47 -25.79 21.23 46.22
C ALA D 47 -26.75 20.10 46.58
N TYR D 48 -27.88 20.48 47.18
CA TYR D 48 -28.82 19.49 47.68
C TYR D 48 -29.34 18.59 46.57
N ARG D 49 -29.52 19.15 45.37
CA ARG D 49 -29.99 18.39 44.21
C ARG D 49 -29.04 17.26 43.82
N HIS D 50 -27.74 17.41 44.06
CA HIS D 50 -26.81 16.30 43.81
C HIS D 50 -27.10 15.07 44.65
N LEU D 51 -27.80 15.22 45.78
CA LEU D 51 -28.11 14.08 46.62
C LEU D 51 -29.21 13.20 46.01
N VAL D 52 -30.04 13.77 45.13
CA VAL D 52 -31.24 13.09 44.67
C VAL D 52 -30.86 11.86 43.86
N GLY D 53 -31.42 10.71 44.22
CA GLY D 53 -31.11 9.47 43.53
C GLY D 53 -29.74 8.90 43.80
N VAL D 54 -28.99 9.48 44.73
CA VAL D 54 -27.71 8.91 45.19
C VAL D 54 -27.86 8.33 46.59
N CYS D 55 -28.30 9.14 47.55
CA CYS D 55 -28.47 8.71 48.93
C CYS D 55 -29.77 9.19 49.57
N TYR D 56 -30.55 10.05 48.91
CA TYR D 56 -31.85 10.48 49.40
C TYR D 56 -32.81 10.52 48.22
N THR D 57 -34.10 10.34 48.52
CA THR D 57 -35.11 10.58 47.50
C THR D 57 -35.23 12.09 47.24
N GLU D 58 -35.92 12.43 46.14
CA GLU D 58 -36.22 13.82 45.85
C GLU D 58 -36.99 14.48 46.98
N ASP D 59 -38.03 13.80 47.49
CA ASP D 59 -38.79 14.33 48.62
C ASP D 59 -37.94 14.48 49.87
N GLU D 60 -37.10 13.49 50.18
CA GLU D 60 -36.19 13.60 51.31
C GLU D 60 -35.23 14.79 51.16
N ALA D 61 -34.63 14.93 49.98
CA ALA D 61 -33.68 16.02 49.75
C ALA D 61 -34.34 17.39 49.78
N LYS D 62 -35.60 17.47 49.35
CA LYS D 62 -36.35 18.73 49.47
C LYS D 62 -36.54 19.12 50.92
N ALA D 63 -37.04 18.20 51.76
CA ALA D 63 -37.18 18.47 53.18
C ALA D 63 -35.85 18.86 53.82
N LEU D 64 -34.75 18.23 53.39
CA LEU D 64 -33.43 18.60 53.90
C LEU D 64 -33.05 20.03 53.51
N ALA D 65 -33.31 20.42 52.26
CA ALA D 65 -33.02 21.79 51.83
C ALA D 65 -33.83 22.81 52.62
N GLU D 66 -35.06 22.48 53.00
CA GLU D 66 -35.95 23.41 53.67
C GLU D 66 -35.61 23.60 55.14
N GLU D 67 -34.66 22.82 55.67
CA GLU D 67 -34.23 22.92 57.07
C GLU D 67 -33.28 24.08 57.32
N VAL D 68 -32.81 24.77 56.27
CA VAL D 68 -31.89 25.88 56.39
C VAL D 68 -32.47 27.10 55.67
N GLU D 69 -31.97 28.27 56.06
CA GLU D 69 -32.36 29.54 55.44
C GLU D 69 -31.19 30.08 54.64
N VAL D 70 -31.48 30.58 53.43
CA VAL D 70 -30.47 31.14 52.55
C VAL D 70 -30.92 32.52 52.07
N GLN D 71 -29.94 33.33 51.69
CA GLN D 71 -30.20 34.69 51.25
C GLN D 71 -30.63 34.72 49.79
N ASP D 72 -31.55 35.61 49.47
CA ASP D 72 -32.01 35.81 48.10
C ASP D 72 -32.35 37.28 47.93
N GLY D 73 -32.67 37.67 46.69
CA GLY D 73 -33.02 39.03 46.39
C GLY D 73 -32.14 39.62 45.31
N PRO D 74 -32.27 40.93 45.04
CA PRO D 74 -33.15 41.90 45.70
C PRO D 74 -34.64 41.68 45.42
N ASN D 75 -35.50 42.14 46.33
CA ASN D 75 -36.93 42.25 46.05
C ASN D 75 -37.19 43.60 45.38
N GLU D 76 -38.45 44.02 45.29
CA GLU D 76 -38.74 45.25 44.57
C GLU D 76 -38.28 46.51 45.31
N ASP D 77 -37.90 46.39 46.58
CA ASP D 77 -37.41 47.52 47.36
C ASP D 77 -35.89 47.59 47.40
N GLY D 78 -35.20 46.65 46.76
CA GLY D 78 -33.74 46.60 46.76
C GLY D 78 -33.12 45.95 47.97
N GLU D 79 -33.90 45.25 48.79
CA GLU D 79 -33.42 44.62 50.00
C GLU D 79 -33.20 43.13 49.78
N MET D 80 -32.17 42.59 50.41
CA MET D 80 -31.98 41.15 50.51
C MET D 80 -32.86 40.59 51.62
N PHE D 81 -33.19 39.30 51.51
CA PHE D 81 -34.08 38.66 52.46
C PHE D 81 -33.75 37.16 52.53
N MET D 82 -34.40 36.49 53.47
CA MET D 82 -34.18 35.08 53.75
C MET D 82 -35.38 34.27 53.29
N ARG D 83 -35.11 33.10 52.71
CA ARG D 83 -36.14 32.15 52.34
C ARG D 83 -35.68 30.73 52.68
N PRO D 84 -36.59 29.77 52.74
CA PRO D 84 -36.16 28.37 52.89
C PRO D 84 -35.33 27.90 51.71
N GLY D 85 -34.40 26.99 51.99
CA GLY D 85 -33.58 26.42 50.93
C GLY D 85 -34.42 25.65 49.92
N LYS D 86 -33.91 25.60 48.70
CA LYS D 86 -34.43 24.69 47.68
C LYS D 86 -33.30 23.81 47.14
N LEU D 87 -33.70 22.84 46.31
CA LEU D 87 -32.77 21.84 45.79
C LEU D 87 -31.58 22.47 45.07
N SER D 88 -31.78 23.62 44.44
CA SER D 88 -30.76 24.28 43.65
C SER D 88 -29.74 25.06 44.48
N ASP D 89 -29.97 25.26 45.77
CA ASP D 89 -29.02 25.98 46.60
C ASP D 89 -27.83 25.11 46.97
N TYR D 90 -26.65 25.73 46.96
CA TYR D 90 -25.46 25.08 47.47
C TYR D 90 -25.49 25.07 49.00
N PHE D 91 -24.74 24.14 49.58
CA PHE D 91 -24.65 24.04 51.04
C PHE D 91 -24.18 25.37 51.65
N PRO D 92 -24.86 25.87 52.70
CA PRO D 92 -24.46 27.16 53.30
C PRO D 92 -23.00 27.21 53.71
N LYS D 93 -22.33 28.32 53.40
CA LYS D 93 -20.98 28.53 53.90
C LYS D 93 -21.05 28.89 55.39
N PRO D 94 -20.14 28.35 56.22
CA PRO D 94 -20.16 28.77 57.63
C PRO D 94 -19.63 30.17 57.89
N TYR D 95 -18.74 30.68 57.04
CA TYR D 95 -18.20 32.02 57.17
C TYR D 95 -18.31 32.79 55.87
N PRO D 96 -18.49 34.13 55.92
CA PRO D 96 -18.54 34.89 54.67
C PRO D 96 -17.22 34.90 53.90
N ASN D 97 -16.09 34.78 54.59
CA ASN D 97 -14.78 34.86 53.94
C ASN D 97 -13.76 34.17 54.84
N PRO D 98 -12.56 33.86 54.31
CA PRO D 98 -11.56 33.17 55.15
C PRO D 98 -11.05 33.99 56.33
N GLU D 99 -11.09 35.32 56.25
CA GLU D 99 -10.61 36.13 57.37
C GLU D 99 -11.50 35.95 58.59
N ALA D 100 -12.82 35.91 58.39
CA ALA D 100 -13.73 35.61 59.50
C ALA D 100 -13.49 34.20 60.04
N ALA D 101 -13.17 33.27 59.14
CA ALA D 101 -12.95 31.88 59.54
C ALA D 101 -11.73 31.76 60.45
N ARG D 102 -10.62 32.40 60.07
CA ARG D 102 -9.42 32.39 60.91
C ARG D 102 -9.71 32.97 62.30
N ALA D 103 -10.49 34.05 62.36
CA ALA D 103 -10.76 34.67 63.65
C ALA D 103 -11.57 33.75 64.55
N ALA D 104 -12.44 32.92 63.96
CA ALA D 104 -13.27 31.99 64.69
C ALA D 104 -12.56 30.67 65.02
N ASN D 105 -11.36 30.43 64.49
CA ASN D 105 -10.65 29.16 64.68
C ASN D 105 -9.20 29.40 65.09
N ASN D 106 -9.02 30.30 66.06
CA ASN D 106 -7.71 30.66 66.62
C ASN D 106 -6.65 30.92 65.54
N GLY D 107 -7.08 31.52 64.42
CA GLY D 107 -6.14 31.92 63.39
C GLY D 107 -5.95 30.91 62.27
N ALA D 108 -6.45 29.69 62.43
CA ALA D 108 -6.31 28.65 61.41
C ALA D 108 -7.52 28.67 60.50
N LEU D 109 -7.33 28.19 59.28
CA LEU D 109 -8.36 28.24 58.24
C LEU D 109 -8.84 26.83 57.91
N PRO D 110 -10.06 26.44 58.28
CA PRO D 110 -10.57 25.13 57.84
C PRO D 110 -10.78 25.14 56.33
N PRO D 111 -10.14 24.25 55.58
CA PRO D 111 -10.31 24.29 54.12
C PRO D 111 -11.70 23.84 53.70
N ASP D 112 -12.09 24.27 52.50
CA ASP D 112 -13.24 23.69 51.83
C ASP D 112 -13.06 22.18 51.68
N LEU D 113 -14.14 21.42 51.87
CA LEU D 113 -14.09 19.97 51.84
C LEU D 113 -14.63 19.35 50.55
N SER D 114 -15.06 20.17 49.58
CA SER D 114 -15.65 19.61 48.36
C SER D 114 -14.72 18.61 47.69
N TYR D 115 -13.41 18.87 47.74
CA TYR D 115 -12.41 18.11 47.00
C TYR D 115 -11.32 17.54 47.92
N ILE D 116 -11.57 17.50 49.23
CA ILE D 116 -10.49 17.24 50.19
C ILE D 116 -9.86 15.87 49.93
N VAL D 117 -10.68 14.89 49.54
CA VAL D 117 -10.15 13.55 49.32
C VAL D 117 -9.21 13.54 48.13
N ARG D 118 -9.44 14.41 47.15
CA ARG D 118 -8.61 14.45 45.95
C ARG D 118 -7.45 15.43 46.08
N ALA D 119 -7.52 16.36 47.03
CA ALA D 119 -6.52 17.40 47.22
C ALA D 119 -5.47 17.03 48.26
N ARG D 120 -5.49 15.80 48.79
CA ARG D 120 -4.54 15.36 49.79
C ARG D 120 -4.03 13.98 49.39
N HIS D 121 -2.71 13.80 49.41
CA HIS D 121 -2.12 12.49 49.19
C HIS D 121 -2.67 11.50 50.21
N GLY D 122 -3.13 10.35 49.72
CA GLY D 122 -3.68 9.32 50.56
C GLY D 122 -5.19 9.34 50.68
N GLY D 123 -5.83 10.40 50.20
CA GLY D 123 -7.29 10.46 50.11
C GLY D 123 -8.02 10.08 51.39
N GLU D 124 -9.04 9.23 51.26
CA GLU D 124 -9.78 8.80 52.44
C GLU D 124 -8.94 8.02 53.44
N ASP D 125 -7.87 7.34 52.98
CA ASP D 125 -6.95 6.74 53.94
C ASP D 125 -6.32 7.80 54.84
N TYR D 126 -5.94 8.94 54.27
CA TYR D 126 -5.38 10.03 55.06
C TYR D 126 -6.42 10.63 56.00
N VAL D 127 -7.61 10.95 55.48
CA VAL D 127 -8.62 11.61 56.29
C VAL D 127 -9.07 10.70 57.42
N PHE D 128 -9.26 9.41 57.11
CA PHE D 128 -9.68 8.46 58.13
C PHE D 128 -8.63 8.38 59.24
N SER D 129 -7.35 8.33 58.86
CA SER D 129 -6.28 8.20 59.83
C SER D 129 -6.13 9.46 60.67
N LEU D 130 -6.36 10.64 60.07
CA LEU D 130 -6.24 11.89 60.81
C LEU D 130 -7.31 11.99 61.90
N LEU D 131 -8.58 11.76 61.53
CA LEU D 131 -9.67 11.95 62.48
C LEU D 131 -9.54 10.99 63.65
N THR D 132 -9.11 9.75 63.37
CA THR D 132 -9.09 8.67 64.35
C THR D 132 -7.71 8.47 64.96
N GLY D 133 -6.77 9.38 64.70
CA GLY D 133 -5.37 9.18 65.02
C GLY D 133 -4.81 10.12 66.07
N TYR D 134 -5.64 10.88 66.76
CA TYR D 134 -5.16 11.81 67.77
C TYR D 134 -4.56 11.03 68.95
N CYS D 135 -3.53 11.61 69.56
CA CYS D 135 -2.90 11.01 70.73
C CYS D 135 -2.08 12.06 71.46
N GLU D 136 -1.62 11.70 72.66
CA GLU D 136 -0.85 12.62 73.46
C GLU D 136 0.49 12.94 72.80
N PRO D 137 1.03 14.15 73.00
CA PRO D 137 2.35 14.46 72.42
C PRO D 137 3.43 13.56 72.97
N PRO D 138 4.42 13.16 72.17
CA PRO D 138 5.55 12.41 72.73
C PRO D 138 6.30 13.24 73.76
N THR D 139 7.05 12.54 74.61
CA THR D 139 7.96 13.20 75.54
C THR D 139 8.88 14.20 74.84
N GLY D 140 8.96 15.40 75.41
CA GLY D 140 9.76 16.49 74.88
C GLY D 140 9.08 17.40 73.88
N VAL D 141 7.87 17.06 73.42
CA VAL D 141 7.10 17.91 72.52
C VAL D 141 6.07 18.66 73.35
N SER D 142 6.12 19.99 73.33
CA SER D 142 5.15 20.82 74.06
C SER D 142 4.55 21.81 73.08
N LEU D 143 3.30 21.58 72.67
CA LEU D 143 2.65 22.43 71.70
C LEU D 143 2.04 23.64 72.39
N ARG D 144 2.14 24.81 71.75
CA ARG D 144 1.51 25.99 72.31
C ARG D 144 -0.01 25.79 72.33
N GLU D 145 -0.67 26.46 73.29
CA GLU D 145 -2.12 26.44 73.35
C GLU D 145 -2.73 26.84 72.00
N GLY D 146 -3.87 26.23 71.70
CA GLY D 146 -4.57 26.41 70.44
C GLY D 146 -4.31 25.31 69.43
N LEU D 147 -3.20 24.59 69.55
CA LEU D 147 -2.79 23.55 68.61
C LEU D 147 -2.90 22.19 69.27
N TYR D 148 -3.11 21.17 68.45
CA TYR D 148 -3.36 19.80 68.90
C TYR D 148 -2.41 18.85 68.19
N PHE D 149 -1.84 17.92 68.95
CA PHE D 149 -0.94 16.92 68.37
C PHE D 149 -1.71 15.91 67.54
N ASN D 150 -1.27 15.70 66.30
CA ASN D 150 -1.83 14.66 65.45
C ASN D 150 -0.73 14.13 64.52
N PRO D 151 -0.28 12.88 64.70
CA PRO D 151 0.95 12.44 64.01
C PRO D 151 0.83 12.34 62.50
N TYR D 152 -0.39 12.25 61.96
CA TYR D 152 -0.58 12.22 60.51
C TYR D 152 -0.61 13.59 59.86
N PHE D 153 -0.76 14.66 60.64
CA PHE D 153 -0.79 16.00 60.08
C PHE D 153 0.63 16.52 59.85
N PRO D 154 0.91 17.19 58.72
CA PRO D 154 2.27 17.67 58.48
C PRO D 154 2.70 18.62 59.59
N GLY D 155 3.87 18.35 60.18
CA GLY D 155 4.37 19.12 61.29
C GLY D 155 3.91 18.59 62.63
N GLN D 156 2.94 17.67 62.65
CA GLN D 156 2.37 17.04 63.83
C GLN D 156 1.62 17.99 64.75
N ALA D 157 1.44 19.26 64.37
CA ALA D 157 0.71 20.23 65.18
C ALA D 157 -0.43 20.81 64.36
N ILE D 158 -1.68 20.47 64.71
CA ILE D 158 -2.84 20.82 63.91
C ILE D 158 -3.74 21.73 64.75
N GLY D 159 -4.35 22.72 64.10
CA GLY D 159 -5.21 23.67 64.76
C GLY D 159 -6.65 23.25 64.91
N MET D 160 -7.00 22.02 64.54
CA MET D 160 -8.35 21.49 64.70
C MET D 160 -8.40 20.55 65.91
N ALA D 161 -9.26 20.88 66.87
CA ALA D 161 -9.51 19.96 67.98
C ALA D 161 -10.17 18.70 67.43
N PRO D 162 -9.97 17.54 68.07
CA PRO D 162 -10.63 16.30 67.60
C PRO D 162 -12.13 16.50 67.41
N PRO D 163 -12.65 16.32 66.18
CA PRO D 163 -14.05 16.72 65.93
C PRO D 163 -15.07 15.62 66.12
N ILE D 164 -14.66 14.35 66.21
CA ILE D 164 -15.58 13.23 66.31
C ILE D 164 -15.22 12.35 67.49
N TYR D 165 -16.24 11.66 68.00
CA TYR D 165 -16.15 10.83 69.20
C TYR D 165 -17.43 10.01 69.26
N ASN D 166 -17.41 9.00 70.13
CA ASN D 166 -18.56 8.12 70.32
C ASN D 166 -19.83 8.92 70.60
N GLU D 167 -20.92 8.55 69.93
CA GLU D 167 -22.22 9.19 70.10
C GLU D 167 -22.22 10.67 69.75
N VAL D 168 -21.34 11.10 68.83
CA VAL D 168 -21.37 12.49 68.41
C VAL D 168 -22.68 12.81 67.69
N LEU D 169 -23.25 11.84 66.98
CA LEU D 169 -24.58 11.96 66.41
C LEU D 169 -25.29 10.61 66.50
N GLU D 170 -26.59 10.63 66.21
CA GLU D 170 -27.39 9.41 66.06
C GLU D 170 -27.74 9.23 64.60
N PHE D 171 -27.52 8.03 64.07
CA PHE D 171 -27.86 7.74 62.69
C PHE D 171 -29.33 7.38 62.54
N ASP D 172 -29.90 7.75 61.39
CA ASP D 172 -31.31 7.49 61.11
C ASP D 172 -31.66 6.00 61.12
N ASP D 173 -30.71 5.14 60.77
CA ASP D 173 -30.94 3.70 60.69
C ASP D 173 -30.44 2.91 61.90
N GLY D 174 -30.05 3.59 62.99
CA GLY D 174 -29.71 2.92 64.21
C GLY D 174 -28.27 2.45 64.33
N THR D 175 -27.45 2.66 63.30
CA THR D 175 -26.08 2.18 63.31
C THR D 175 -25.34 2.74 64.52
N PRO D 176 -24.59 1.93 65.27
CA PRO D 176 -23.85 2.47 66.42
C PRO D 176 -22.84 3.52 65.97
N ALA D 177 -22.96 4.72 66.55
CA ALA D 177 -22.12 5.86 66.17
C ALA D 177 -20.80 5.83 66.95
N THR D 178 -19.99 4.82 66.66
CA THR D 178 -18.65 4.76 67.22
C THR D 178 -17.75 5.69 66.42
N MET D 179 -16.65 6.12 67.04
CA MET D 179 -15.74 7.05 66.37
C MET D 179 -15.28 6.52 65.02
N SER D 180 -14.87 5.25 64.97
CA SER D 180 -14.38 4.69 63.71
C SER D 180 -15.48 4.60 62.68
N GLN D 181 -16.70 4.27 63.12
CA GLN D 181 -17.84 4.25 62.21
C GLN D 181 -18.06 5.63 61.61
N VAL D 182 -18.05 6.66 62.47
CA VAL D 182 -18.33 8.03 62.00
C VAL D 182 -17.27 8.46 61.00
N ALA D 183 -16.00 8.12 61.29
CA ALA D 183 -14.91 8.44 60.37
C ALA D 183 -15.07 7.72 59.05
N LYS D 184 -15.42 6.44 59.09
CA LYS D 184 -15.57 5.65 57.88
C LYS D 184 -16.72 6.18 57.01
N ASP D 185 -17.87 6.49 57.63
CA ASP D 185 -18.98 7.00 56.83
C ASP D 185 -18.70 8.39 56.25
N VAL D 186 -18.12 9.28 57.05
CA VAL D 186 -17.89 10.63 56.53
C VAL D 186 -16.85 10.60 55.41
N CYS D 187 -15.88 9.69 55.50
CA CYS D 187 -14.85 9.59 54.46
C CYS D 187 -15.46 9.09 53.15
N THR D 188 -16.38 8.13 53.23
CA THR D 188 -17.05 7.63 52.04
C THR D 188 -17.87 8.72 51.37
N PHE D 189 -18.62 9.49 52.16
CA PHE D 189 -19.38 10.62 51.61
C PHE D 189 -18.46 11.65 50.96
N LEU D 190 -17.32 11.95 51.59
CA LEU D 190 -16.39 12.93 51.03
C LEU D 190 -15.77 12.45 49.71
N ARG D 191 -15.52 11.14 49.59
CA ARG D 191 -15.12 10.59 48.30
C ARG D 191 -16.17 10.88 47.24
N TRP D 192 -17.44 10.59 47.54
CA TRP D 192 -18.51 10.93 46.61
C TRP D 192 -18.55 12.43 46.32
N ALA D 193 -18.36 13.25 47.35
CA ALA D 193 -18.38 14.69 47.16
C ALA D 193 -17.28 15.13 46.20
N ALA D 194 -16.10 14.53 46.31
CA ALA D 194 -14.98 14.89 45.44
C ALA D 194 -15.06 14.23 44.07
N GLU D 195 -15.76 13.10 43.94
CA GLU D 195 -15.80 12.33 42.69
C GLU D 195 -17.19 11.72 42.51
N PRO D 196 -18.21 12.55 42.30
CA PRO D 196 -19.57 12.00 42.11
C PRO D 196 -19.67 11.03 40.94
N GLU D 197 -18.78 11.16 39.95
CA GLU D 197 -18.73 10.28 38.79
C GLU D 197 -18.10 8.92 39.10
N HIS D 198 -17.68 8.68 40.35
CA HIS D 198 -16.98 7.46 40.75
C HIS D 198 -17.64 6.18 40.22
N ASP D 199 -18.91 5.96 40.56
CA ASP D 199 -19.55 4.71 40.20
C ASP D 199 -19.72 4.57 38.69
N HIS D 200 -20.05 5.68 38.01
CA HIS D 200 -20.36 5.58 36.59
C HIS D 200 -19.14 5.26 35.74
N ARG D 201 -17.97 5.83 36.08
CA ARG D 201 -16.76 5.52 35.32
C ARG D 201 -16.37 4.05 35.45
N LYS D 202 -16.55 3.45 36.63
CA LYS D 202 -16.28 2.03 36.78
C LYS D 202 -17.25 1.18 35.96
N ARG D 203 -18.52 1.60 35.88
CA ARG D 203 -19.45 0.88 35.01
C ARG D 203 -18.99 1.01 33.56
N MET D 204 -18.55 2.22 33.17
CA MET D 204 -17.99 2.41 31.84
C MET D 204 -16.71 1.60 31.66
N GLY D 205 -15.85 1.61 32.69
CA GLY D 205 -14.61 0.86 32.64
C GLY D 205 -14.82 -0.63 32.38
N LEU D 206 -15.87 -1.20 32.96
CA LEU D 206 -16.17 -2.61 32.74
C LEU D 206 -16.56 -2.86 31.28
N LYS D 207 -17.41 -1.99 30.73
CA LYS D 207 -17.81 -2.13 29.34
C LYS D 207 -16.61 -1.94 28.41
N MET D 208 -15.70 -1.03 28.77
CA MET D 208 -14.52 -0.81 27.93
C MET D 208 -13.63 -2.04 27.92
N LEU D 209 -13.45 -2.68 29.07
CA LEU D 209 -12.63 -3.89 29.13
C LEU D 209 -13.26 -5.02 28.31
N LEU D 210 -14.58 -5.19 28.44
CA LEU D 210 -15.26 -6.25 27.70
C LEU D 210 -15.20 -6.01 26.20
N MET D 211 -15.46 -4.78 25.75
CA MET D 211 -15.39 -4.49 24.33
C MET D 211 -13.96 -4.67 23.81
N MET D 212 -12.97 -4.28 24.61
CA MET D 212 -11.59 -4.41 24.17
C MET D 212 -11.19 -5.87 24.09
N GLY D 213 -11.70 -6.70 25.01
CA GLY D 213 -11.37 -8.11 25.00
C GLY D 213 -11.95 -8.82 23.80
N LEU D 214 -13.02 -8.27 23.23
CA LEU D 214 -13.57 -8.75 21.97
C LEU D 214 -12.81 -8.14 20.78
N LEU D 215 -12.72 -6.81 20.75
CA LEU D 215 -12.26 -6.11 19.55
C LEU D 215 -10.77 -6.30 19.30
N LEU D 216 -9.97 -6.43 20.37
CA LEU D 216 -8.52 -6.52 20.16
C LEU D 216 -8.14 -7.78 19.40
N PRO D 217 -8.61 -8.98 19.76
CA PRO D 217 -8.21 -10.16 18.98
C PRO D 217 -8.84 -10.20 17.60
N LEU D 218 -10.06 -9.67 17.44
CA LEU D 218 -10.67 -9.64 16.11
C LEU D 218 -9.90 -8.71 15.17
N VAL D 219 -9.51 -7.53 15.67
CA VAL D 219 -8.74 -6.59 14.85
C VAL D 219 -7.35 -7.15 14.59
N TYR D 220 -6.75 -7.78 15.61
CA TYR D 220 -5.50 -8.50 15.42
C TYR D 220 -5.63 -9.55 14.32
N ALA D 221 -6.76 -10.27 14.29
CA ALA D 221 -6.96 -11.29 13.27
C ALA D 221 -7.08 -10.68 11.89
N MET D 222 -7.73 -9.51 11.79
CA MET D 222 -7.80 -8.81 10.51
C MET D 222 -6.42 -8.38 10.04
N LYS D 223 -5.57 -7.93 10.96
CA LYS D 223 -4.21 -7.56 10.61
C LYS D 223 -3.45 -8.77 10.07
N ARG D 224 -3.51 -9.88 10.80
CA ARG D 224 -2.79 -11.09 10.38
C ARG D 224 -3.35 -11.62 9.07
N HIS D 225 -4.67 -11.48 8.88
CA HIS D 225 -5.31 -11.96 7.65
C HIS D 225 -4.70 -11.28 6.43
N LYS D 226 -4.63 -9.94 6.44
CA LYS D 226 -4.10 -9.21 5.31
C LYS D 226 -2.60 -9.48 5.15
N TRP D 227 -1.87 -9.46 6.26
CA TRP D 227 -0.42 -9.63 6.25
C TRP D 227 0.04 -11.04 5.90
N SER D 228 -0.85 -12.03 5.99
CA SER D 228 -0.47 -13.42 5.68
C SER D 228 0.06 -13.56 4.26
N VAL D 229 -0.46 -12.76 3.32
CA VAL D 229 0.10 -12.70 1.97
C VAL D 229 1.61 -12.49 2.01
N LEU D 230 2.07 -11.62 2.92
CA LEU D 230 3.48 -11.28 3.01
C LEU D 230 4.25 -12.22 3.93
N LYS D 231 3.62 -12.62 5.03
CA LYS D 231 4.33 -13.41 6.05
C LYS D 231 4.69 -14.79 5.54
N SER D 232 3.95 -15.34 4.58
CA SER D 232 4.26 -16.65 4.01
C SER D 232 4.81 -16.58 2.59
N ARG D 233 5.00 -15.39 2.03
CA ARG D 233 5.63 -15.27 0.72
C ARG D 233 7.01 -15.92 0.73
N LYS D 234 7.39 -16.50 -0.41
CA LYS D 234 8.68 -17.14 -0.61
C LYS D 234 9.40 -16.49 -1.78
N LEU D 235 10.71 -16.30 -1.64
CA LEU D 235 11.54 -15.66 -2.64
C LEU D 235 12.52 -16.67 -3.23
N ALA D 236 12.85 -16.46 -4.49
CA ALA D 236 13.92 -17.22 -5.14
C ALA D 236 14.67 -16.33 -6.12
N TYR D 237 15.98 -16.53 -6.18
CA TYR D 237 16.89 -15.73 -6.99
C TYR D 237 17.39 -16.66 -8.08
N ARG D 238 17.13 -16.33 -9.35
CA ARG D 238 17.59 -17.14 -10.47
C ARG D 238 18.34 -16.30 -11.49
N PRO D 239 19.58 -15.93 -11.19
CA PRO D 239 20.34 -15.10 -12.12
C PRO D 239 20.84 -15.92 -13.29
N PRO D 240 21.02 -15.34 -14.47
CA PRO D 240 21.66 -16.10 -15.55
C PRO D 240 23.08 -16.47 -15.17
N LYS D 241 23.52 -17.64 -15.62
CA LYS D 241 24.91 -18.07 -15.49
C LYS D 241 25.53 -18.35 -16.84
N SER E 1 13.61 38.76 -45.62
CA SER E 1 12.26 39.31 -45.29
C SER E 1 12.22 39.76 -43.84
N HIS E 2 12.97 39.08 -42.98
CA HIS E 2 13.11 39.55 -41.60
C HIS E 2 13.90 40.84 -41.52
N THR E 3 14.62 41.21 -42.58
CA THR E 3 15.24 42.52 -42.69
C THR E 3 14.22 43.64 -42.88
N ASP E 4 12.96 43.31 -43.22
CA ASP E 4 11.91 44.32 -43.24
C ASP E 4 11.42 44.69 -41.85
N ILE E 5 11.73 43.89 -40.84
CA ILE E 5 11.19 44.09 -39.50
C ILE E 5 11.94 45.25 -38.86
N LYS E 6 11.34 46.43 -38.92
CA LYS E 6 11.81 47.59 -38.18
C LYS E 6 11.08 47.64 -36.84
N VAL E 7 11.76 48.17 -35.83
CA VAL E 7 11.15 48.31 -34.51
C VAL E 7 10.26 49.55 -34.50
N PRO E 8 9.04 49.48 -33.96
CA PRO E 8 8.18 50.69 -33.95
C PRO E 8 8.81 51.81 -33.14
N ASP E 9 8.26 53.01 -33.33
CA ASP E 9 8.74 54.21 -32.66
C ASP E 9 8.04 54.35 -31.31
N PHE E 10 8.83 54.46 -30.25
CA PHE E 10 8.34 54.62 -28.88
C PHE E 10 8.48 56.06 -28.38
N SER E 11 8.56 57.04 -29.29
CA SER E 11 8.81 58.43 -28.88
C SER E 11 7.72 58.94 -27.96
N ASP E 12 6.48 58.47 -28.12
CA ASP E 12 5.41 58.86 -27.21
C ASP E 12 5.63 58.36 -25.79
N TYR E 13 6.49 57.36 -25.59
CA TYR E 13 6.70 56.75 -24.28
C TYR E 13 8.06 57.05 -23.67
N ARG E 14 9.06 57.39 -24.47
CA ARG E 14 10.42 57.55 -23.95
C ARG E 14 10.50 58.75 -23.00
N ARG E 15 11.41 58.64 -22.03
CA ARG E 15 11.66 59.75 -21.13
C ARG E 15 12.41 60.86 -21.86
N PRO E 16 12.43 62.08 -21.30
CA PRO E 16 13.10 63.19 -22.01
C PRO E 16 14.57 62.96 -22.30
N GLU E 17 15.29 62.28 -21.39
CA GLU E 17 16.72 62.07 -21.60
C GLU E 17 17.02 61.03 -22.67
N VAL E 18 16.01 60.32 -23.18
CA VAL E 18 16.19 59.22 -24.12
C VAL E 18 15.53 59.51 -25.47
N LEU E 19 15.21 60.78 -25.74
CA LEU E 19 14.53 61.12 -26.98
C LEU E 19 15.50 61.22 -28.16
N ASP E 20 16.71 61.72 -27.91
CA ASP E 20 17.67 61.94 -28.98
C ASP E 20 18.34 60.61 -29.34
N SER E 21 18.17 60.18 -30.59
CA SER E 21 18.78 58.93 -31.06
C SER E 21 20.27 59.06 -31.35
N THR E 22 20.82 60.28 -31.29
CA THR E 22 22.24 60.51 -31.51
C THR E 22 23.02 60.80 -30.24
N LYS E 23 22.38 60.75 -29.07
CA LYS E 23 23.04 60.93 -27.78
C LYS E 23 23.06 59.61 -27.02
N SER E 24 24.21 59.30 -26.42
CA SER E 24 24.35 58.07 -25.65
C SER E 24 23.41 58.06 -24.46
N SER E 25 22.85 56.87 -24.18
CA SER E 25 21.97 56.72 -23.03
C SER E 25 22.73 56.57 -21.72
N LYS E 26 24.04 56.28 -21.76
CA LYS E 26 24.82 56.19 -20.54
C LYS E 26 24.89 57.51 -19.79
N GLU E 27 24.75 58.63 -20.52
CA GLU E 27 24.84 59.95 -19.88
C GLU E 27 23.73 60.19 -18.88
N SER E 28 22.61 59.44 -18.98
CA SER E 28 21.46 59.63 -18.10
C SER E 28 21.05 58.34 -17.39
N SER E 29 21.83 57.27 -17.50
CA SER E 29 21.44 56.00 -16.89
C SER E 29 21.40 56.11 -15.37
N GLU E 30 22.39 56.79 -14.78
CA GLU E 30 22.45 56.88 -13.33
C GLU E 30 21.31 57.74 -12.78
N ALA E 31 20.94 58.80 -13.49
CA ALA E 31 19.86 59.67 -13.03
C ALA E 31 18.51 58.97 -13.14
N ARG E 32 18.27 58.27 -14.25
CA ARG E 32 16.99 57.61 -14.45
C ARG E 32 16.80 56.47 -13.45
N LYS E 33 17.83 55.65 -13.25
CA LYS E 33 17.74 54.57 -12.28
C LYS E 33 17.63 55.12 -10.86
N GLY E 34 18.34 56.22 -10.57
CA GLY E 34 18.29 56.80 -9.25
C GLY E 34 16.90 57.29 -8.87
N PHE E 35 16.16 57.82 -9.85
CA PHE E 35 14.84 58.37 -9.56
C PHE E 35 13.85 57.26 -9.18
N SER E 36 13.78 56.21 -10.00
CA SER E 36 12.83 55.13 -9.72
C SER E 36 13.20 54.38 -8.45
N TYR E 37 14.49 54.30 -8.12
CA TYR E 37 14.90 53.66 -6.88
C TYR E 37 14.74 54.59 -5.69
N LEU E 38 14.84 55.91 -5.90
CA LEU E 38 14.49 56.84 -4.83
C LEU E 38 13.02 56.71 -4.46
N VAL E 39 12.17 56.46 -5.46
CA VAL E 39 10.75 56.21 -5.20
C VAL E 39 10.59 54.95 -4.37
N THR E 40 11.36 53.92 -4.69
CA THR E 40 11.26 52.67 -3.94
C THR E 40 11.81 52.84 -2.52
N ALA E 41 12.92 53.56 -2.36
CA ALA E 41 13.50 53.76 -1.05
C ALA E 41 12.57 54.57 -0.16
N THR E 42 12.01 55.66 -0.69
CA THR E 42 11.07 56.47 0.09
C THR E 42 9.82 55.67 0.44
N THR E 43 9.39 54.77 -0.44
CA THR E 43 8.24 53.92 -0.14
C THR E 43 8.55 52.98 1.02
N THR E 44 9.74 52.38 1.02
CA THR E 44 10.11 51.49 2.12
C THR E 44 10.30 52.27 3.41
N VAL E 45 10.81 53.50 3.33
CA VAL E 45 10.93 54.34 4.50
C VAL E 45 9.56 54.65 5.09
N GLY E 46 8.54 54.76 4.24
CA GLY E 46 7.20 55.02 4.75
C GLY E 46 6.59 53.80 5.42
N VAL E 47 6.71 52.64 4.77
CA VAL E 47 6.17 51.41 5.35
C VAL E 47 6.91 51.05 6.62
N ALA E 48 8.21 51.32 6.68
CA ALA E 48 8.98 51.06 7.90
C ALA E 48 8.45 51.88 9.07
N TYR E 49 8.12 53.16 8.81
CA TYR E 49 7.55 53.99 9.86
C TYR E 49 6.22 53.43 10.35
N ALA E 50 5.35 53.02 9.42
CA ALA E 50 4.04 52.53 9.79
C ALA E 50 4.12 51.16 10.47
N ALA E 51 4.93 50.25 9.91
CA ALA E 51 5.01 48.90 10.46
C ALA E 51 5.52 48.91 11.90
N LYS E 52 6.45 49.81 12.21
CA LYS E 52 6.91 49.95 13.58
C LYS E 52 5.76 50.32 14.51
N ASN E 53 4.98 51.33 14.12
CA ASN E 53 3.87 51.76 14.97
C ASN E 53 2.81 50.68 15.12
N VAL E 54 2.61 49.84 14.10
CA VAL E 54 1.66 48.75 14.20
C VAL E 54 2.20 47.68 15.15
N VAL E 55 3.43 47.21 14.91
CA VAL E 55 4.01 46.19 15.75
C VAL E 55 4.21 46.70 17.18
N SER E 56 4.57 47.97 17.32
CA SER E 56 4.78 48.54 18.65
C SER E 56 3.49 48.54 19.45
N GLN E 57 2.36 48.82 18.81
CA GLN E 57 1.10 48.93 19.52
C GLN E 57 0.55 47.57 19.91
N PHE E 58 0.69 46.57 19.03
CA PHE E 58 0.29 45.21 19.40
C PHE E 58 1.18 44.66 20.50
N VAL E 59 2.46 45.06 20.53
CA VAL E 59 3.36 44.60 21.59
C VAL E 59 2.96 45.23 22.92
N SER E 60 2.59 46.52 22.91
CA SER E 60 2.22 47.18 24.15
C SER E 60 0.91 46.66 24.72
N SER E 61 0.03 46.14 23.87
CA SER E 61 -1.25 45.62 24.34
C SER E 61 -1.08 44.44 25.29
N MET E 62 0.03 43.72 25.20
CA MET E 62 0.30 42.62 26.12
C MET E 62 0.93 43.08 27.43
N SER E 63 1.53 44.27 27.45
CA SER E 63 2.11 44.80 28.67
C SER E 63 0.99 45.12 29.67
N ALA E 64 1.40 45.54 30.87
CA ALA E 64 0.45 45.82 31.94
C ALA E 64 -0.50 46.94 31.54
N SER E 65 -1.80 46.67 31.61
CA SER E 65 -2.80 47.66 31.31
C SER E 65 -2.81 48.76 32.39
N ALA E 66 -3.57 49.82 32.11
CA ALA E 66 -3.61 50.96 33.02
C ALA E 66 -4.15 50.59 34.39
N ASP E 67 -5.01 49.58 34.47
CA ASP E 67 -5.58 49.17 35.75
C ASP E 67 -4.59 48.36 36.59
N VAL E 68 -3.65 47.66 35.95
CA VAL E 68 -2.66 46.89 36.69
C VAL E 68 -1.55 47.80 37.22
N LEU E 69 -1.20 48.86 36.49
CA LEU E 69 -0.17 49.78 36.96
C LEU E 69 -0.67 50.65 38.11
N ALA E 70 -1.98 50.78 38.29
CA ALA E 70 -2.51 51.53 39.42
C ALA E 70 -2.18 50.85 40.76
N MET E 71 -1.89 49.56 40.75
CA MET E 71 -1.54 48.81 41.95
C MET E 71 -0.03 48.86 42.24
N SER E 72 0.70 49.78 41.63
CA SER E 72 2.12 49.95 41.90
C SER E 72 2.40 50.83 43.13
N LYS E 73 1.38 51.12 43.93
CA LYS E 73 1.55 51.85 45.17
C LYS E 73 0.65 51.20 46.23
N ILE E 74 1.07 51.34 47.49
CA ILE E 74 0.32 50.77 48.60
C ILE E 74 0.71 51.51 49.87
N GLU E 75 -0.28 51.72 50.74
CA GLU E 75 -0.08 52.39 52.02
C GLU E 75 -0.46 51.43 53.14
N ILE E 76 0.46 51.21 54.08
CA ILE E 76 0.27 50.31 55.21
C ILE E 76 0.34 51.14 56.48
N LYS E 77 -0.60 50.88 57.40
CA LYS E 77 -0.66 51.62 58.66
C LYS E 77 0.40 51.05 59.61
N LEU E 78 1.41 51.87 59.92
CA LEU E 78 2.52 51.41 60.74
C LEU E 78 2.10 51.10 62.17
N SER E 79 1.01 51.69 62.66
CA SER E 79 0.57 51.43 64.02
C SER E 79 -0.13 50.08 64.16
N ASP E 80 -0.79 49.61 63.10
CA ASP E 80 -1.47 48.31 63.15
C ASP E 80 -0.49 47.15 63.32
N ILE E 81 0.79 47.36 63.04
CA ILE E 81 1.81 46.32 63.18
C ILE E 81 2.46 46.48 64.54
N PRO E 82 2.07 45.71 65.58
CA PRO E 82 2.73 45.88 66.89
C PRO E 82 4.21 45.49 66.86
N GLU E 83 4.89 45.69 67.98
CA GLU E 83 6.32 45.42 68.05
C GLU E 83 6.59 43.94 67.87
N GLY E 84 7.45 43.61 66.89
CA GLY E 84 7.87 42.25 66.65
C GLY E 84 7.03 41.48 65.66
N LYS E 85 5.78 41.88 65.44
CA LYS E 85 4.88 41.14 64.57
C LYS E 85 5.18 41.43 63.11
N ASN E 86 5.02 40.40 62.28
CA ASN E 86 5.28 40.49 60.83
C ASN E 86 3.96 40.27 60.11
N MET E 87 3.38 41.36 59.59
CA MET E 87 2.12 41.32 58.87
C MET E 87 2.40 41.29 57.37
N ALA E 88 1.94 40.23 56.71
CA ALA E 88 2.13 40.09 55.28
C ALA E 88 1.04 40.86 54.53
N PHE E 89 1.43 41.41 53.38
CA PHE E 89 0.53 42.17 52.52
C PHE E 89 0.74 41.74 51.08
N LYS E 90 -0.15 42.20 50.21
CA LYS E 90 -0.10 41.91 48.78
C LYS E 90 0.29 43.18 48.02
N TRP E 91 1.26 43.06 47.14
CA TRP E 91 1.76 44.20 46.38
C TRP E 91 2.34 43.70 45.06
N ARG E 92 1.90 44.30 43.96
CA ARG E 92 2.33 43.91 42.62
C ARG E 92 2.07 42.43 42.35
N GLY E 93 0.97 41.91 42.89
CA GLY E 93 0.63 40.52 42.70
C GLY E 93 1.56 39.54 43.38
N LYS E 94 2.29 39.96 44.40
CA LYS E 94 3.21 39.11 45.12
C LYS E 94 3.17 39.50 46.60
N PRO E 95 3.66 38.64 47.49
CA PRO E 95 3.64 38.98 48.92
C PRO E 95 4.50 40.19 49.23
N LEU E 96 4.12 40.91 50.28
CA LEU E 96 4.84 42.09 50.76
C LEU E 96 4.91 41.98 52.29
N PHE E 97 6.00 41.42 52.79
CA PHE E 97 6.21 41.30 54.23
C PHE E 97 6.77 42.59 54.78
N VAL E 98 6.27 42.99 55.94
CA VAL E 98 6.78 44.13 56.70
C VAL E 98 6.96 43.67 58.14
N ARG E 99 8.03 44.14 58.78
CA ARG E 99 8.39 43.68 60.12
C ARG E 99 8.90 44.85 60.96
N HIS E 100 8.54 44.83 62.24
CA HIS E 100 8.98 45.83 63.21
C HIS E 100 9.93 45.11 64.17
N ARG E 101 11.23 45.30 63.96
CA ARG E 101 12.24 44.61 64.75
C ARG E 101 12.37 45.23 66.14
N THR E 102 12.71 44.38 67.10
CA THR E 102 12.98 44.82 68.46
C THR E 102 14.45 45.23 68.59
N LYS E 103 14.79 45.78 69.76
CA LYS E 103 16.17 46.19 69.99
C LYS E 103 17.11 45.00 70.04
N LYS E 104 16.62 43.83 70.45
CA LYS E 104 17.44 42.62 70.42
C LYS E 104 17.88 42.30 69.01
N GLU E 105 16.94 42.30 68.06
CA GLU E 105 17.27 41.93 66.69
C GLU E 105 18.10 43.01 66.00
N ILE E 106 17.80 44.28 66.27
CA ILE E 106 18.57 45.36 65.64
C ILE E 106 20.02 45.32 66.11
N ASP E 107 20.24 45.00 67.39
CA ASP E 107 21.60 44.80 67.87
C ASP E 107 22.17 43.47 67.40
N GLN E 108 21.34 42.44 67.29
CA GLN E 108 21.81 41.14 66.82
C GLN E 108 22.33 41.23 65.39
N GLU E 109 21.60 41.94 64.52
CA GLU E 109 22.07 42.14 63.15
C GLU E 109 23.30 43.02 63.11
N ALA E 110 23.43 43.96 64.05
CA ALA E 110 24.61 44.83 64.08
C ALA E 110 25.88 44.06 64.42
N ALA E 111 25.76 42.89 65.07
CA ALA E 111 26.91 42.08 65.45
C ALA E 111 27.17 40.95 64.45
N VAL E 112 26.83 41.16 63.19
CA VAL E 112 27.01 40.16 62.14
C VAL E 112 28.21 40.56 61.28
N GLU E 113 29.12 39.62 61.06
CA GLU E 113 30.27 39.87 60.20
C GLU E 113 29.80 40.15 58.77
N VAL E 114 30.40 41.16 58.15
CA VAL E 114 30.00 41.58 56.81
C VAL E 114 30.83 40.90 55.72
N SER E 115 32.10 40.60 56.01
CA SER E 115 32.97 40.01 54.99
C SER E 115 32.53 38.59 54.63
N GLN E 116 32.03 37.82 55.62
CA GLN E 116 31.64 36.45 55.35
C GLN E 116 30.35 36.34 54.55
N LEU E 117 29.56 37.41 54.47
CA LEU E 117 28.29 37.35 53.75
C LEU E 117 28.52 37.16 52.26
N ARG E 118 27.68 36.33 51.65
CA ARG E 118 27.77 36.10 50.21
C ARG E 118 27.46 37.40 49.44
N ASP E 119 26.41 38.10 49.85
CA ASP E 119 26.04 39.41 49.31
C ASP E 119 26.38 40.46 50.35
N PRO E 120 27.60 41.01 50.37
CA PRO E 120 28.00 41.89 51.48
C PRO E 120 27.22 43.20 51.47
N GLN E 121 26.56 43.48 52.60
CA GLN E 121 25.85 44.74 52.79
C GLN E 121 25.50 44.93 54.25
N HIS E 122 25.83 46.10 54.81
CA HIS E 122 25.51 46.39 56.20
C HIS E 122 24.03 46.73 56.34
N ASP E 123 23.52 46.57 57.55
CA ASP E 123 22.10 46.84 57.80
C ASP E 123 21.78 48.32 57.70
N LEU E 124 22.75 49.18 58.04
CA LEU E 124 22.50 50.63 58.03
C LEU E 124 22.26 51.14 56.61
N GLU E 125 22.91 50.55 55.61
CA GLU E 125 22.75 50.96 54.21
C GLU E 125 21.63 50.19 53.52
N ARG E 126 20.66 49.67 54.26
CA ARG E 126 19.51 48.98 53.71
C ARG E 126 18.17 49.52 54.20
N VAL E 127 18.12 50.16 55.36
CA VAL E 127 16.88 50.73 55.92
C VAL E 127 17.20 52.11 56.45
N LYS E 128 16.26 53.05 56.24
CA LYS E 128 16.49 54.42 56.67
C LYS E 128 16.32 54.58 58.18
N LYS E 129 15.32 53.88 58.78
CA LYS E 129 15.11 53.84 60.21
C LYS E 129 15.44 52.46 60.75
N PRO E 130 16.01 52.33 61.96
CA PRO E 130 16.36 50.97 62.42
C PRO E 130 15.16 50.11 62.71
N GLU E 131 14.10 50.67 63.31
CA GLU E 131 12.96 49.89 63.77
C GLU E 131 11.95 49.59 62.66
N TRP E 132 12.32 49.73 61.38
CA TRP E 132 11.42 49.40 60.28
C TRP E 132 12.24 48.81 59.15
N VAL E 133 11.87 47.60 58.74
CA VAL E 133 12.51 46.90 57.62
C VAL E 133 11.41 46.39 56.71
N ILE E 134 11.43 46.83 55.45
CA ILE E 134 10.41 46.50 54.47
C ILE E 134 11.08 45.66 53.38
N LEU E 135 10.60 44.43 53.20
CA LEU E 135 11.20 43.47 52.29
C LEU E 135 10.12 42.87 51.40
N ILE E 136 10.57 42.13 50.38
CA ILE E 136 9.69 41.39 49.49
C ILE E 136 9.68 39.94 49.95
N GLY E 137 8.48 39.35 50.02
CA GLY E 137 8.34 37.97 50.43
C GLY E 137 8.50 36.98 49.31
N VAL E 138 9.62 37.08 48.58
CA VAL E 138 9.90 36.22 47.43
C VAL E 138 11.34 35.75 47.53
N CYS E 139 11.53 34.43 47.56
CA CYS E 139 12.88 33.88 47.64
C CYS E 139 13.63 34.13 46.33
N THR E 140 14.93 34.38 46.44
CA THR E 140 15.76 34.68 45.28
C THR E 140 16.29 33.43 44.59
N HIS E 141 16.01 32.23 45.12
CA HIS E 141 16.50 31.01 44.48
C HIS E 141 15.71 30.69 43.21
N LEU E 142 14.38 30.56 43.34
CA LEU E 142 13.49 30.41 42.19
C LEU E 142 12.23 31.25 42.26
N GLY E 143 11.80 31.73 43.43
CA GLY E 143 10.67 32.62 43.54
C GLY E 143 9.56 32.12 44.45
N CYS E 144 9.89 31.26 45.40
CA CYS E 144 8.91 30.81 46.39
C CYS E 144 8.72 31.87 47.46
N VAL E 145 7.84 31.59 48.42
CA VAL E 145 7.46 32.54 49.46
C VAL E 145 8.04 32.04 50.79
N PRO E 146 9.08 32.68 51.33
CA PRO E 146 9.59 32.25 52.64
C PRO E 146 8.60 32.54 53.76
N ILE E 147 8.55 31.62 54.73
CA ILE E 147 7.69 31.79 55.91
C ILE E 147 8.41 32.65 56.93
N ALA E 148 7.66 33.56 57.57
CA ALA E 148 8.22 34.44 58.57
C ALA E 148 8.30 33.74 59.92
N ASN E 149 9.18 34.27 60.78
CA ASN E 149 9.40 33.73 62.13
C ASN E 149 9.78 32.26 62.08
N ALA E 150 10.95 32.00 61.49
CA ALA E 150 11.46 30.64 61.36
C ALA E 150 12.94 30.73 61.01
N GLY E 151 13.55 29.57 60.78
CA GLY E 151 14.94 29.50 60.41
C GLY E 151 15.88 29.57 61.61
N ASP E 152 17.13 29.18 61.37
CA ASP E 152 18.16 29.13 62.40
C ASP E 152 18.99 30.41 62.49
N PHE E 153 18.41 31.55 62.10
CA PHE E 153 19.09 32.83 62.23
C PHE E 153 18.17 33.95 62.70
N GLY E 154 16.96 33.63 63.16
CA GLY E 154 16.03 34.66 63.57
C GLY E 154 15.51 35.46 62.40
N GLY E 155 14.71 34.83 61.55
CA GLY E 155 14.24 35.47 60.33
C GLY E 155 13.25 34.61 59.55
N TYR E 156 13.46 34.51 58.24
CA TYR E 156 12.56 33.81 57.35
C TYR E 156 13.12 32.43 57.01
N TYR E 157 12.34 31.66 56.25
CA TYR E 157 12.75 30.32 55.83
C TYR E 157 11.93 29.93 54.61
N CYS E 158 12.62 29.38 53.59
CA CYS E 158 11.99 29.02 52.33
C CYS E 158 11.69 27.53 52.33
N PRO E 159 10.42 27.08 52.37
CA PRO E 159 10.17 25.63 52.42
C PRO E 159 10.37 24.91 51.09
N CYS E 160 10.58 25.64 49.99
CA CYS E 160 10.76 24.98 48.69
C CYS E 160 12.02 24.11 48.69
N HIS E 161 13.19 24.75 48.86
CA HIS E 161 14.46 24.03 48.90
C HIS E 161 15.28 24.33 50.16
N GLY E 162 14.87 25.28 51.00
CA GLY E 162 15.58 25.59 52.21
C GLY E 162 16.56 26.73 52.02
N SER E 163 16.28 27.87 52.66
CA SER E 163 17.17 29.02 52.61
C SER E 163 16.87 29.90 53.82
N HIS E 164 17.82 29.98 54.74
CA HIS E 164 17.63 30.72 55.99
C HIS E 164 18.07 32.16 55.80
N TYR E 165 17.13 33.08 55.94
CA TYR E 165 17.40 34.51 55.90
C TYR E 165 17.39 35.10 57.30
N ASP E 166 18.23 36.10 57.52
CA ASP E 166 18.29 36.79 58.80
C ASP E 166 17.11 37.74 58.93
N ALA E 167 17.09 38.50 60.04
CA ALA E 167 16.01 39.46 60.25
C ALA E 167 16.07 40.59 59.24
N SER E 168 17.25 40.90 58.70
CA SER E 168 17.40 41.95 57.70
C SER E 168 17.14 41.45 56.28
N GLY E 169 16.63 40.22 56.11
CA GLY E 169 16.37 39.67 54.80
C GLY E 169 17.59 39.16 54.06
N ARG E 170 18.78 39.27 54.65
CA ARG E 170 20.00 38.82 53.98
C ARG E 170 20.14 37.31 54.09
N ILE E 171 20.60 36.69 52.99
CA ILE E 171 20.82 35.26 52.98
C ILE E 171 21.95 34.91 53.95
N ARG E 172 21.79 33.78 54.64
CA ARG E 172 22.80 33.27 55.56
C ARG E 172 23.08 31.79 55.40
N LYS E 173 22.24 31.04 54.67
CA LYS E 173 22.45 29.63 54.46
C LYS E 173 21.57 29.17 53.30
N GLY E 174 22.11 28.31 52.45
CA GLY E 174 21.40 27.79 51.31
C GLY E 174 21.99 28.26 50.00
N PRO E 175 21.38 27.87 48.88
CA PRO E 175 21.90 28.23 47.56
C PRO E 175 21.42 29.56 47.01
N ALA E 176 20.80 30.42 47.81
CA ALA E 176 20.25 31.67 47.29
C ALA E 176 21.39 32.63 46.97
N PRO E 177 21.44 33.23 45.75
CA PRO E 177 22.60 34.06 45.40
C PRO E 177 22.67 35.38 46.18
N LEU E 178 21.58 36.13 46.20
CA LEU E 178 21.55 37.49 46.72
C LEU E 178 20.49 37.63 47.80
N ASN E 179 20.50 38.78 48.46
CA ASN E 179 19.53 39.08 49.49
C ASN E 179 18.17 39.39 48.87
N LEU E 180 17.17 39.54 49.74
CA LEU E 180 15.84 39.89 49.28
C LEU E 180 15.83 41.30 48.70
N GLU E 181 14.85 41.56 47.85
CA GLU E 181 14.76 42.85 47.17
C GLU E 181 14.25 43.92 48.12
N VAL E 182 14.75 45.15 47.93
CA VAL E 182 14.40 46.30 48.76
C VAL E 182 14.03 47.46 47.84
N PRO E 183 12.77 47.58 47.40
CA PRO E 183 12.43 48.68 46.49
C PRO E 183 12.52 50.04 47.15
N SER E 184 12.22 51.10 46.41
CA SER E 184 12.34 52.45 46.93
C SER E 184 11.16 52.78 47.83
N TYR E 185 11.42 53.53 48.90
CA TYR E 185 10.38 53.95 49.83
C TYR E 185 10.89 55.15 50.61
N GLU E 186 9.98 55.76 51.38
CA GLU E 186 10.33 56.89 52.22
C GLU E 186 9.17 57.15 53.18
N PHE E 187 9.52 57.47 54.43
CA PHE E 187 8.50 57.72 55.44
C PHE E 187 7.76 59.02 55.15
N THR E 188 6.42 58.94 55.18
CA THR E 188 5.58 60.12 55.03
C THR E 188 5.12 60.70 56.36
N SER E 189 4.89 59.84 57.36
CA SER E 189 4.54 60.29 58.70
C SER E 189 4.89 59.16 59.66
N ASP E 190 4.40 59.26 60.90
CA ASP E 190 4.73 58.28 61.91
C ASP E 190 3.92 56.99 61.75
N ASP E 191 2.72 57.08 61.20
CA ASP E 191 1.78 55.96 61.14
C ASP E 191 1.52 55.45 59.73
N MET E 192 2.19 55.98 58.71
CA MET E 192 1.94 55.59 57.33
C MET E 192 3.25 55.58 56.55
N VAL E 193 3.23 54.87 55.42
CA VAL E 193 4.38 54.80 54.52
C VAL E 193 3.88 54.36 53.15
N ILE E 194 4.41 55.00 52.11
CA ILE E 194 4.04 54.72 50.72
C ILE E 194 5.21 54.00 50.06
N VAL E 195 4.91 52.94 49.33
CA VAL E 195 5.92 52.15 48.63
C VAL E 195 6.08 52.68 47.22
N GLY E 196 7.28 52.54 46.67
CA GLY E 196 7.57 53.03 45.33
C GLY E 196 8.08 54.45 45.34
N VAL F 6 50.40 -12.51 11.85
CA VAL F 6 51.82 -12.84 11.83
C VAL F 6 52.30 -13.24 13.23
N SER F 7 51.64 -12.68 14.26
CA SER F 7 51.98 -12.97 15.65
C SER F 7 50.70 -13.26 16.42
N ALA F 8 50.88 -13.70 17.68
CA ALA F 8 49.74 -14.07 18.51
C ALA F 8 48.89 -12.88 18.90
N SER F 9 49.45 -11.67 18.92
CA SER F 9 48.68 -10.50 19.32
C SER F 9 47.77 -10.00 18.19
N SER F 10 48.23 -10.08 16.95
CA SER F 10 47.38 -9.67 15.83
C SER F 10 46.22 -10.64 15.62
N ARG F 11 46.34 -11.88 16.11
CA ARG F 11 45.21 -12.80 16.12
C ARG F 11 44.17 -12.45 17.18
N TRP F 12 44.56 -11.68 18.20
CA TRP F 12 43.61 -11.22 19.20
C TRP F 12 42.85 -9.99 18.74
N LEU F 13 43.50 -9.11 17.98
CA LEU F 13 42.78 -8.02 17.34
C LEU F 13 41.80 -8.57 16.29
N GLU F 14 42.27 -9.52 15.48
CA GLU F 14 41.36 -10.23 14.58
C GLU F 14 40.32 -11.03 15.36
N GLY F 15 40.67 -11.49 16.57
CA GLY F 15 39.71 -12.24 17.36
C GLY F 15 38.56 -11.40 17.85
N ILE F 16 38.83 -10.16 18.26
CA ILE F 16 37.74 -9.29 18.71
C ILE F 16 36.97 -8.73 17.52
N ARG F 17 37.62 -8.56 16.37
CA ARG F 17 36.92 -8.14 15.16
C ARG F 17 35.93 -9.21 14.72
N LYS F 18 36.32 -10.49 14.79
CA LYS F 18 35.37 -11.55 14.52
C LYS F 18 34.29 -11.61 15.59
N TRP F 19 34.62 -11.21 16.82
CA TRP F 19 33.60 -11.14 17.86
C TRP F 19 32.60 -10.02 17.57
N TYR F 20 33.10 -8.82 17.26
CA TYR F 20 32.20 -7.72 16.94
C TYR F 20 31.39 -8.02 15.69
N TYR F 21 32.02 -8.67 14.70
CA TYR F 21 31.32 -9.05 13.49
C TYR F 21 30.10 -9.92 13.81
N ASN F 22 30.31 -10.98 14.60
CA ASN F 22 29.20 -11.84 14.98
C ASN F 22 28.26 -11.14 15.96
N ALA F 23 28.72 -10.11 16.65
CA ALA F 23 27.85 -9.32 17.51
C ALA F 23 27.02 -8.33 16.71
N ALA F 24 27.56 -7.79 15.62
CA ALA F 24 26.80 -6.89 14.77
C ALA F 24 25.57 -7.57 14.20
N GLY F 25 25.69 -8.86 13.87
CA GLY F 25 24.54 -9.67 13.57
C GLY F 25 23.94 -9.51 12.20
N PHE F 26 24.50 -8.67 11.33
CA PHE F 26 23.98 -8.61 9.96
C PHE F 26 24.31 -9.87 9.18
N ASN F 27 25.33 -10.62 9.62
CA ASN F 27 25.59 -11.93 9.04
C ASN F 27 24.46 -12.91 9.32
N LYS F 28 23.69 -12.70 10.39
CA LYS F 28 22.58 -13.59 10.69
C LYS F 28 21.49 -13.49 9.63
N LEU F 29 21.35 -12.33 8.99
CA LEU F 29 20.38 -12.13 7.92
C LEU F 29 20.93 -12.47 6.54
N GLY F 30 22.15 -13.00 6.46
CA GLY F 30 22.79 -13.29 5.19
C GLY F 30 23.49 -12.11 4.55
N LEU F 31 23.44 -10.93 5.16
CA LEU F 31 24.04 -9.74 4.57
C LEU F 31 25.56 -9.81 4.65
N MET F 32 26.20 -8.92 3.89
CA MET F 32 27.62 -8.65 3.99
C MET F 32 27.81 -7.22 4.50
N ARG F 33 29.05 -6.92 4.89
CA ARG F 33 29.34 -5.63 5.52
C ARG F 33 29.00 -4.46 4.59
N ASP F 34 29.31 -4.59 3.30
CA ASP F 34 29.05 -3.50 2.38
C ASP F 34 27.57 -3.38 2.02
N ASP F 35 26.75 -4.40 2.28
CA ASP F 35 25.31 -4.26 2.13
C ASP F 35 24.74 -3.29 3.16
N THR F 36 25.36 -3.18 4.32
CA THR F 36 24.83 -2.40 5.44
C THR F 36 25.28 -0.95 5.41
N ILE F 37 26.18 -0.56 4.50
CA ILE F 37 26.71 0.79 4.51
C ILE F 37 25.61 1.81 4.24
N HIS F 38 25.76 2.99 4.82
CA HIS F 38 24.80 4.06 4.62
C HIS F 38 25.06 4.76 3.29
N GLU F 39 23.99 4.98 2.53
CA GLU F 39 24.12 5.49 1.16
C GLU F 39 24.18 7.01 1.18
N ASN F 40 25.39 7.56 1.10
CA ASN F 40 25.60 8.96 0.79
C ASN F 40 25.84 9.08 -0.72
N ASP F 41 26.24 10.28 -1.17
CA ASP F 41 26.45 10.48 -2.60
C ASP F 41 27.61 9.65 -3.12
N ASP F 42 28.70 9.55 -2.36
CA ASP F 42 29.82 8.71 -2.76
C ASP F 42 29.40 7.25 -2.87
N VAL F 43 28.65 6.76 -1.88
CA VAL F 43 28.24 5.36 -1.88
C VAL F 43 27.26 5.09 -3.02
N LYS F 44 26.37 6.05 -3.32
CA LYS F 44 25.42 5.85 -4.40
C LYS F 44 26.12 5.72 -5.74
N GLU F 45 27.18 6.51 -5.96
CA GLU F 45 27.94 6.40 -7.19
C GLU F 45 28.66 5.06 -7.29
N ALA F 46 29.25 4.62 -6.19
CA ALA F 46 29.96 3.33 -6.19
C ALA F 46 29.01 2.19 -6.51
N ILE F 47 27.81 2.19 -5.91
CA ILE F 47 26.83 1.17 -6.24
C ILE F 47 26.44 1.26 -7.70
N ARG F 48 26.37 2.48 -8.24
CA ARG F 48 26.03 2.66 -9.65
C ARG F 48 27.06 2.03 -10.57
N ARG F 49 28.32 1.97 -10.12
CA ARG F 49 29.42 1.46 -10.92
C ARG F 49 29.62 -0.04 -10.81
N LEU F 50 28.87 -0.72 -9.95
CA LEU F 50 29.06 -2.15 -9.78
C LEU F 50 28.70 -2.88 -11.08
N PRO F 51 29.39 -3.97 -11.41
CA PRO F 51 28.95 -4.78 -12.55
C PRO F 51 27.61 -5.42 -12.28
N GLU F 52 26.97 -5.88 -13.36
CA GLU F 52 25.60 -6.38 -13.29
C GLU F 52 25.44 -7.49 -12.26
N ASN F 53 26.41 -8.41 -12.19
CA ASN F 53 26.26 -9.57 -11.32
C ASN F 53 26.31 -9.17 -9.85
N LEU F 54 27.25 -8.29 -9.48
CA LEU F 54 27.34 -7.87 -8.08
C LEU F 54 26.16 -6.98 -7.68
N TYR F 55 25.64 -6.18 -8.61
CA TYR F 55 24.45 -5.39 -8.30
C TYR F 55 23.26 -6.30 -8.03
N ASN F 56 23.05 -7.30 -8.89
CA ASN F 56 21.91 -8.20 -8.71
C ASN F 56 22.07 -9.04 -7.44
N ASP F 57 23.30 -9.39 -7.08
CA ASP F 57 23.51 -10.13 -5.84
C ASP F 57 23.24 -9.25 -4.63
N ARG F 58 23.72 -8.00 -4.66
CA ARG F 58 23.43 -7.06 -3.58
C ARG F 58 21.93 -6.86 -3.39
N VAL F 59 21.20 -6.75 -4.51
CA VAL F 59 19.77 -6.47 -4.44
C VAL F 59 19.02 -7.62 -3.76
N PHE F 60 19.40 -8.86 -4.06
CA PHE F 60 18.67 -9.99 -3.50
C PHE F 60 18.99 -10.20 -2.03
N ARG F 61 20.24 -9.96 -1.62
CA ARG F 61 20.58 -10.09 -0.22
C ARG F 61 19.88 -9.06 0.63
N ILE F 62 19.83 -7.81 0.16
CA ILE F 62 19.06 -6.78 0.85
C ILE F 62 17.58 -7.14 0.88
N LYS F 63 17.07 -7.67 -0.24
CA LYS F 63 15.67 -8.07 -0.30
C LYS F 63 15.39 -9.21 0.67
N ARG F 64 16.29 -10.20 0.73
CA ARG F 64 16.11 -11.33 1.62
C ARG F 64 16.22 -10.90 3.08
N ALA F 65 17.12 -9.96 3.38
CA ALA F 65 17.27 -9.50 4.76
C ALA F 65 16.07 -8.66 5.19
N LEU F 66 15.54 -7.83 4.29
CA LEU F 66 14.33 -7.08 4.61
C LEU F 66 13.14 -8.01 4.81
N ASP F 67 13.10 -9.12 4.07
CA ASP F 67 12.03 -10.10 4.28
C ASP F 67 12.15 -10.76 5.64
N LEU F 68 13.38 -11.06 6.08
CA LEU F 68 13.59 -11.62 7.41
C LEU F 68 13.26 -10.61 8.49
N SER F 69 13.69 -9.37 8.32
CA SER F 69 13.41 -8.33 9.31
C SER F 69 11.92 -8.13 9.51
N MET F 70 11.12 -8.32 8.46
CA MET F 70 9.68 -8.28 8.58
C MET F 70 9.18 -9.35 9.55
N ARG F 71 9.60 -10.59 9.33
CA ARG F 71 9.16 -11.71 10.15
C ARG F 71 9.88 -11.81 11.49
N GLN F 72 10.83 -10.92 11.77
CA GLN F 72 11.63 -10.98 12.99
C GLN F 72 12.40 -12.30 13.09
N GLN F 73 12.74 -12.87 11.94
CA GLN F 73 13.43 -14.15 11.84
C GLN F 73 14.89 -13.93 11.44
N ILE F 74 15.65 -15.02 11.39
CA ILE F 74 17.02 -15.03 10.88
C ILE F 74 17.23 -16.31 10.10
N LEU F 75 18.37 -16.41 9.45
CA LEU F 75 18.72 -17.61 8.72
C LEU F 75 19.25 -18.68 9.67
N PRO F 76 19.25 -19.95 9.25
CA PRO F 76 19.99 -20.96 10.02
C PRO F 76 21.47 -20.61 10.09
N LYS F 77 22.13 -21.11 11.14
CA LYS F 77 23.53 -20.76 11.35
C LYS F 77 24.42 -21.20 10.20
N GLU F 78 24.02 -22.26 9.49
CA GLU F 78 24.81 -22.73 8.35
C GLU F 78 24.87 -21.68 7.25
N GLN F 79 23.84 -20.86 7.12
CA GLN F 79 23.74 -19.86 6.06
C GLN F 79 24.15 -18.47 6.49
N TRP F 80 24.62 -18.28 7.72
CA TRP F 80 25.12 -16.98 8.13
C TRP F 80 26.37 -16.65 7.34
N THR F 81 26.68 -15.36 7.25
CA THR F 81 27.87 -14.90 6.55
C THR F 81 29.08 -15.11 7.46
N LYS F 82 30.01 -15.95 7.02
CA LYS F 82 31.21 -16.18 7.80
C LYS F 82 32.14 -14.98 7.69
N TYR F 83 32.75 -14.61 8.83
CA TYR F 83 33.61 -13.43 8.89
C TYR F 83 34.77 -13.55 7.90
N GLU F 84 35.33 -14.75 7.76
CA GLU F 84 36.46 -14.96 6.87
C GLU F 84 36.07 -14.82 5.40
N GLU F 85 34.79 -14.97 5.07
CA GLU F 85 34.32 -14.96 3.70
C GLU F 85 33.62 -13.65 3.32
N ASP F 86 33.66 -12.65 4.17
CA ASP F 86 32.99 -11.38 3.89
C ASP F 86 33.78 -10.62 2.83
N LYS F 87 33.19 -10.48 1.65
CA LYS F 87 33.86 -9.88 0.50
C LYS F 87 33.57 -8.38 0.47
N SER F 88 34.64 -7.57 0.51
CA SER F 88 34.51 -6.11 0.43
C SER F 88 34.34 -5.68 -1.02
N TYR F 89 33.24 -6.11 -1.62
CA TYR F 89 33.01 -5.91 -3.05
C TYR F 89 32.85 -4.44 -3.41
N LEU F 90 32.47 -3.59 -2.46
CA LEU F 90 32.18 -2.19 -2.73
C LEU F 90 33.33 -1.25 -2.38
N GLU F 91 34.26 -1.67 -1.51
CA GLU F 91 35.33 -0.79 -1.09
C GLU F 91 36.24 -0.31 -2.22
N PRO F 92 36.68 -1.16 -3.17
CA PRO F 92 37.49 -0.60 -4.27
C PRO F 92 36.76 0.43 -5.11
N TYR F 93 35.45 0.29 -5.30
CA TYR F 93 34.70 1.29 -6.05
C TYR F 93 34.53 2.56 -5.23
N LEU F 94 34.27 2.42 -3.93
CA LEU F 94 34.07 3.59 -3.08
C LEU F 94 35.37 4.34 -2.84
N LYS F 95 36.49 3.63 -2.78
CA LYS F 95 37.77 4.31 -2.63
C LYS F 95 38.07 5.20 -3.83
N GLU F 96 37.69 4.74 -5.03
CA GLU F 96 37.97 5.50 -6.24
C GLU F 96 37.03 6.71 -6.37
N VAL F 97 35.77 6.54 -5.97
CA VAL F 97 34.84 7.68 -5.98
C VAL F 97 35.32 8.76 -5.04
N ILE F 98 35.77 8.37 -3.84
CA ILE F 98 36.28 9.36 -2.88
C ILE F 98 37.53 10.03 -3.42
N ARG F 99 38.41 9.26 -4.07
CA ARG F 99 39.65 9.83 -4.58
C ARG F 99 39.38 10.88 -5.65
N GLU F 100 38.36 10.64 -6.49
CA GLU F 100 38.00 11.63 -7.51
C GLU F 100 37.44 12.89 -6.86
N ARG F 101 36.55 12.74 -5.88
CA ARG F 101 35.99 13.91 -5.21
C ARG F 101 37.09 14.72 -4.53
N LYS F 102 38.03 14.04 -3.87
CA LYS F 102 39.16 14.74 -3.25
C LYS F 102 39.95 15.54 -4.28
N GLU F 103 40.04 15.03 -5.51
CA GLU F 103 40.72 15.78 -6.56
C GLU F 103 39.92 17.01 -6.98
N ARG F 104 38.60 16.86 -7.14
CA ARG F 104 37.76 18.01 -7.44
C ARG F 104 37.84 19.04 -6.32
N GLU F 105 37.87 18.58 -5.07
CA GLU F 105 37.94 19.49 -3.94
C GLU F 105 39.30 20.16 -3.81
N GLU F 106 40.36 19.55 -4.36
CA GLU F 106 41.67 20.18 -4.33
C GLU F 106 41.85 21.19 -5.45
N TRP F 107 41.19 20.97 -6.59
CA TRP F 107 41.20 21.98 -7.65
C TRP F 107 40.38 23.20 -7.26
N ALA F 108 39.30 23.01 -6.49
CA ALA F 108 38.47 24.12 -6.07
C ALA F 108 39.17 25.07 -5.12
N LYS F 109 40.29 24.64 -4.50
CA LYS F 109 41.01 25.49 -3.56
C LYS F 109 41.89 26.50 -4.26
N LYS F 110 42.43 26.16 -5.44
CA LYS F 110 43.40 27.01 -6.13
C LYS F 110 42.80 28.36 -6.51
N GLY G 1 7.55 13.19 -3.77
CA GLY G 1 6.98 11.83 -3.62
C GLY G 1 7.71 10.78 -4.43
N ARG G 2 7.31 9.52 -4.25
CA ARG G 2 7.89 8.40 -4.98
C ARG G 2 6.78 7.44 -5.37
N GLN G 3 6.85 6.89 -6.57
CA GLN G 3 5.80 6.07 -7.14
C GLN G 3 6.33 4.67 -7.41
N PHE G 4 5.42 3.69 -7.35
CA PHE G 4 5.75 2.36 -7.86
C PHE G 4 6.04 2.44 -9.36
N GLY G 5 7.00 1.64 -9.80
CA GLY G 5 7.47 1.69 -11.18
C GLY G 5 8.59 2.67 -11.43
N HIS G 6 8.92 3.52 -10.46
CA HIS G 6 10.05 4.45 -10.55
C HIS G 6 10.99 4.33 -9.36
N LEU G 7 10.91 3.25 -8.59
CA LEU G 7 11.68 3.16 -7.36
C LEU G 7 13.12 2.74 -7.61
N THR G 8 13.33 1.53 -8.12
CA THR G 8 14.69 1.03 -8.34
C THR G 8 14.64 -0.12 -9.35
N ARG G 9 15.81 -0.68 -9.62
CA ARG G 9 16.00 -1.72 -10.62
C ARG G 9 16.24 -3.06 -9.93
N VAL G 10 15.46 -4.07 -10.30
CA VAL G 10 15.57 -5.41 -9.74
C VAL G 10 15.48 -6.41 -10.88
N ARG G 11 16.26 -7.50 -10.78
CA ARG G 11 16.32 -8.51 -11.82
C ARG G 11 16.46 -9.90 -11.21
N HIS G 12 15.78 -10.87 -11.82
CA HIS G 12 16.00 -12.29 -11.57
C HIS G 12 15.52 -12.74 -10.19
N VAL G 13 14.50 -12.08 -9.67
CA VAL G 13 13.94 -12.37 -8.35
C VAL G 13 12.49 -12.79 -8.52
N ILE G 14 12.17 -14.02 -8.11
CA ILE G 14 10.82 -14.56 -8.18
C ILE G 14 10.20 -14.53 -6.80
N THR G 15 8.89 -14.26 -6.73
CA THR G 15 8.16 -14.20 -5.48
C THR G 15 6.87 -15.00 -5.62
N TYR G 16 6.69 -15.98 -4.73
CA TYR G 16 5.46 -16.77 -4.67
C TYR G 16 4.63 -16.29 -3.50
N SER G 17 3.33 -16.10 -3.74
CA SER G 17 2.41 -15.55 -2.74
C SER G 17 1.11 -16.36 -2.74
N LEU G 18 0.61 -16.63 -1.55
CA LEU G 18 -0.66 -17.32 -1.36
C LEU G 18 -1.76 -16.33 -0.98
N SER G 19 -2.97 -16.61 -1.44
CA SER G 19 -4.11 -15.79 -1.09
C SER G 19 -4.39 -15.89 0.40
N PRO G 20 -4.88 -14.82 1.04
CA PRO G 20 -5.14 -14.89 2.49
C PRO G 20 -6.36 -15.72 2.83
N PHE G 21 -7.24 -16.01 1.88
CA PHE G 21 -8.41 -16.85 2.12
C PHE G 21 -8.11 -18.35 1.97
N GLU G 22 -6.85 -18.72 1.76
CA GLU G 22 -6.46 -20.13 1.64
C GLU G 22 -5.36 -20.52 2.62
N GLN G 23 -5.00 -19.64 3.55
CA GLN G 23 -3.97 -19.93 4.54
C GLN G 23 -4.43 -19.42 5.90
N ARG G 24 -3.80 -19.95 6.94
CA ARG G 24 -4.15 -19.59 8.31
C ARG G 24 -3.49 -18.28 8.69
N ALA G 25 -4.23 -17.45 9.42
CA ALA G 25 -3.71 -16.19 9.95
C ALA G 25 -2.89 -16.37 11.21
N PHE G 26 -2.98 -17.53 11.87
CA PHE G 26 -2.17 -17.86 13.04
C PHE G 26 -1.55 -19.24 12.84
N PRO G 27 -0.62 -19.38 11.90
CA PRO G 27 0.01 -20.68 11.64
C PRO G 27 1.10 -20.96 12.66
N HIS G 28 0.87 -21.97 13.52
CA HIS G 28 1.84 -22.38 14.52
C HIS G 28 2.19 -21.20 15.45
N TYR G 29 1.14 -20.55 15.97
CA TYR G 29 1.33 -19.30 16.70
C TYR G 29 2.16 -19.52 17.96
N PHE G 30 1.85 -20.57 18.72
CA PHE G 30 2.60 -20.87 19.95
C PHE G 30 3.77 -21.80 19.70
N SER G 31 3.68 -22.67 18.69
CA SER G 31 4.75 -23.64 18.43
C SER G 31 6.04 -22.91 18.05
N LYS G 32 6.00 -22.09 17.00
CA LYS G 32 7.16 -21.33 16.54
C LYS G 32 7.28 -19.96 17.18
N GLY G 33 6.17 -19.40 17.68
CA GLY G 33 6.22 -18.03 18.18
C GLY G 33 7.02 -17.90 19.46
N ILE G 34 6.74 -18.76 20.43
CA ILE G 34 7.36 -18.67 21.75
C ILE G 34 8.86 -18.94 21.66
N PRO G 35 9.32 -19.99 20.97
CA PRO G 35 10.77 -20.13 20.78
C PRO G 35 11.42 -18.93 20.13
N ASN G 36 10.71 -18.24 19.23
CA ASN G 36 11.29 -17.09 18.54
C ASN G 36 11.34 -15.86 19.44
N VAL G 37 10.42 -15.76 20.41
CA VAL G 37 10.45 -14.64 21.35
C VAL G 37 11.59 -14.81 22.35
N LEU G 38 11.83 -16.05 22.78
CA LEU G 38 12.99 -16.31 23.64
C LEU G 38 14.29 -15.99 22.92
N ARG G 39 14.39 -16.37 21.64
CA ARG G 39 15.56 -16.04 20.85
C ARG G 39 15.72 -14.53 20.72
N ARG G 40 14.63 -13.81 20.48
CA ARG G 40 14.72 -12.36 20.26
C ARG G 40 15.11 -11.63 21.53
N THR G 41 14.68 -12.13 22.69
CA THR G 41 15.06 -11.50 23.95
C THR G 41 16.49 -11.84 24.34
N ARG G 42 16.87 -13.11 24.18
CA ARG G 42 18.22 -13.53 24.52
C ARG G 42 19.26 -12.80 23.67
N ALA G 43 18.93 -12.51 22.42
CA ALA G 43 19.85 -11.81 21.52
C ALA G 43 19.99 -10.33 21.83
N CYS G 44 19.16 -9.77 22.72
CA CYS G 44 19.18 -8.34 23.03
C CYS G 44 19.15 -8.05 24.52
N ILE G 45 19.08 -9.07 25.39
CA ILE G 45 18.94 -8.81 26.82
C ILE G 45 20.21 -8.18 27.38
N LEU G 46 21.38 -8.59 26.90
CA LEU G 46 22.63 -8.02 27.37
C LEU G 46 22.87 -6.60 26.86
N ARG G 47 22.08 -6.13 25.90
CA ARG G 47 22.19 -4.77 25.40
C ARG G 47 21.35 -3.79 26.19
N VAL G 48 20.19 -4.25 26.71
CA VAL G 48 19.20 -3.38 27.30
C VAL G 48 19.14 -3.50 28.82
N ALA G 49 19.40 -4.68 29.37
CA ALA G 49 19.19 -4.90 30.80
C ALA G 49 20.15 -4.10 31.70
N PRO G 50 21.46 -4.07 31.45
CA PRO G 50 22.39 -3.49 32.45
C PRO G 50 22.07 -2.05 32.85
N PRO G 51 21.80 -1.14 31.89
CA PRO G 51 21.56 0.26 32.33
C PRO G 51 20.32 0.42 33.19
N PHE G 52 19.26 -0.34 32.95
CA PHE G 52 18.08 -0.27 33.80
C PHE G 52 18.30 -0.97 35.13
N VAL G 53 19.21 -1.94 35.19
CA VAL G 53 19.61 -2.50 36.48
C VAL G 53 20.47 -1.49 37.23
N ALA G 54 21.36 -0.80 36.51
CA ALA G 54 22.17 0.24 37.14
C ALA G 54 21.29 1.35 37.70
N PHE G 55 20.21 1.70 37.00
CA PHE G 55 19.24 2.64 37.55
C PHE G 55 18.58 2.06 38.80
N TYR G 56 18.19 0.79 38.75
CA TYR G 56 17.51 0.17 39.89
C TYR G 56 18.41 0.15 41.12
N LEU G 57 19.73 0.04 40.93
CA LEU G 57 20.64 0.10 42.07
C LEU G 57 20.75 1.52 42.61
N VAL G 58 20.92 2.50 41.72
CA VAL G 58 20.99 3.90 42.16
C VAL G 58 19.67 4.30 42.79
N TYR G 59 18.55 3.89 42.20
CA TYR G 59 17.24 4.20 42.76
C TYR G 59 17.09 3.65 44.17
N THR G 60 17.58 2.43 44.41
CA THR G 60 17.42 1.80 45.71
C THR G 60 18.35 2.41 46.75
N TRP G 61 19.62 2.61 46.38
CA TRP G 61 20.57 3.22 47.31
C TRP G 61 20.16 4.64 47.67
N GLY G 62 19.92 5.48 46.66
CA GLY G 62 19.61 6.88 46.92
C GLY G 62 18.35 7.07 47.75
N THR G 63 17.39 6.15 47.65
CA THR G 63 16.19 6.22 48.47
C THR G 63 16.46 5.76 49.89
N GLN G 64 17.39 4.81 50.06
CA GLN G 64 17.77 4.38 51.40
C GLN G 64 18.62 5.45 52.10
N GLU G 65 19.61 5.99 51.39
CA GLU G 65 20.45 7.04 51.94
C GLU G 65 19.65 8.29 52.27
N PHE G 66 18.55 8.52 51.55
CA PHE G 66 17.74 9.71 51.78
C PHE G 66 17.02 9.66 53.12
N GLU G 67 16.37 8.52 53.41
CA GLU G 67 15.61 8.40 54.65
C GLU G 67 16.52 8.38 55.87
N LYS G 68 17.63 7.63 55.79
CA LYS G 68 18.54 7.50 56.92
C LYS G 68 19.33 8.78 57.20
N SER G 69 19.28 9.77 56.30
CA SER G 69 20.03 11.00 56.51
C SER G 69 19.30 11.96 57.45
N LYS G 70 17.96 11.94 57.44
CA LYS G 70 17.18 12.83 58.29
C LYS G 70 16.85 12.22 59.65
N ARG G 71 16.91 10.91 59.79
CA ARG G 71 16.70 10.28 61.09
C ARG G 71 17.76 10.73 62.06
N LYS G 72 17.36 10.95 63.31
CA LYS G 72 18.26 11.52 64.30
C LYS G 72 19.30 10.48 64.72
N ASN G 73 20.38 10.99 65.32
CA ASN G 73 21.46 10.20 65.90
C ASN G 73 21.64 10.63 67.35
N PRO G 74 22.35 9.84 68.16
CA PRO G 74 22.52 10.23 69.57
C PRO G 74 23.22 11.57 69.77
N ALA G 75 23.93 12.07 68.77
CA ALA G 75 24.55 13.39 68.86
C ALA G 75 23.47 14.48 68.89
N GLU H 12 -19.24 3.89 77.86
CA GLU H 12 -20.66 3.90 77.52
C GLU H 12 -20.93 3.07 76.26
N LEU H 13 -20.03 3.20 75.28
CA LEU H 13 -20.09 2.42 74.05
C LEU H 13 -18.75 1.72 73.84
N VAL H 14 -18.80 0.66 73.04
CA VAL H 14 -17.61 -0.13 72.73
C VAL H 14 -17.14 0.20 71.31
N ASP H 15 -16.23 1.16 71.22
CA ASP H 15 -15.65 1.52 69.94
C ASP H 15 -14.78 0.37 69.45
N PRO H 16 -15.03 -0.23 68.28
CA PRO H 16 -14.18 -1.34 67.85
C PRO H 16 -12.73 -0.93 67.57
N LEU H 17 -12.44 0.36 67.45
CA LEU H 17 -11.07 0.81 67.21
C LEU H 17 -10.18 0.47 68.40
N THR H 18 -10.54 0.97 69.58
CA THR H 18 -9.68 0.80 70.76
C THR H 18 -9.56 -0.66 71.16
N THR H 19 -10.57 -1.48 70.86
CA THR H 19 -10.50 -2.90 71.22
C THR H 19 -9.52 -3.64 70.34
N VAL H 20 -9.57 -3.41 69.02
CA VAL H 20 -8.64 -4.08 68.12
C VAL H 20 -7.27 -3.40 68.10
N ARG H 21 -7.19 -2.13 68.53
CA ARG H 21 -5.88 -1.51 68.72
C ARG H 21 -5.05 -2.29 69.74
N GLU H 22 -5.68 -2.72 70.84
CA GLU H 22 -4.98 -3.52 71.83
C GLU H 22 -4.57 -4.89 71.29
N GLN H 23 -5.24 -5.39 70.24
CA GLN H 23 -4.82 -6.63 69.61
C GLN H 23 -3.59 -6.43 68.74
N CYS H 24 -3.43 -5.25 68.15
CA CYS H 24 -2.24 -4.97 67.37
C CYS H 24 -1.05 -4.64 68.26
N GLU H 25 -1.29 -3.97 69.38
CA GLU H 25 -0.20 -3.62 70.29
C GLU H 25 0.52 -4.85 70.82
N GLN H 26 -0.21 -5.95 71.02
CA GLN H 26 0.38 -7.19 71.50
C GLN H 26 0.82 -8.09 70.34
N LEU H 27 1.62 -7.52 69.45
CA LEU H 27 2.29 -8.25 68.38
C LEU H 27 3.79 -8.07 68.53
N GLU H 28 4.55 -8.91 67.81
CA GLU H 28 5.98 -8.98 68.01
C GLU H 28 6.66 -7.69 67.57
N LYS H 29 6.38 -7.22 66.36
CA LYS H 29 7.05 -6.04 65.83
C LYS H 29 6.58 -4.75 66.50
N CYS H 30 5.41 -4.76 67.15
CA CYS H 30 4.90 -3.54 67.77
C CYS H 30 5.54 -3.30 69.13
N VAL H 31 5.63 -4.34 69.97
CA VAL H 31 6.21 -4.18 71.30
C VAL H 31 7.67 -3.77 71.21
N LYS H 32 8.37 -4.22 70.17
CA LYS H 32 9.76 -3.81 70.00
C LYS H 32 9.88 -2.31 69.79
N ALA H 33 8.92 -1.71 69.08
CA ALA H 33 8.91 -0.27 68.87
C ALA H 33 8.47 0.50 70.12
N ARG H 34 7.70 -0.13 71.00
CA ARG H 34 7.25 0.55 72.21
C ARG H 34 8.42 0.77 73.17
N GLU H 35 9.21 -0.27 73.43
CA GLU H 35 10.32 -0.14 74.37
C GLU H 35 11.40 0.80 73.86
N ARG H 36 11.53 0.92 72.54
CA ARG H 36 12.45 1.92 71.99
C ARG H 36 11.94 3.33 72.21
N LEU H 37 10.62 3.49 72.32
CA LEU H 37 10.04 4.78 72.68
C LEU H 37 10.11 5.00 74.19
N GLU H 38 9.78 3.97 74.97
CA GLU H 38 9.90 4.07 76.42
C GLU H 38 11.34 4.33 76.84
N LEU H 39 12.31 3.76 76.11
CA LEU H 39 13.71 4.11 76.33
C LEU H 39 13.96 5.59 76.03
N CYS H 40 13.24 6.15 75.06
CA CYS H 40 13.34 7.57 74.77
C CYS H 40 12.57 8.41 75.79
N ASP H 41 11.42 7.91 76.25
CA ASP H 41 10.69 8.61 77.30
C ASP H 41 11.52 8.70 78.57
N GLU H 42 12.32 7.68 78.86
CA GLU H 42 13.24 7.73 79.99
C GLU H 42 14.51 8.51 79.69
N ARG H 43 14.89 8.63 78.41
CA ARG H 43 16.12 9.32 78.05
C ARG H 43 15.96 10.84 78.15
N VAL H 44 14.84 11.38 77.69
CA VAL H 44 14.66 12.82 77.63
C VAL H 44 14.18 13.37 78.96
N SER H 45 13.42 12.60 79.74
CA SER H 45 12.92 13.08 81.02
C SER H 45 14.04 13.16 82.06
N SER H 46 15.05 12.31 81.96
CA SER H 46 16.12 12.26 82.96
C SER H 46 16.87 13.59 83.00
N ARG H 47 17.54 13.94 81.91
CA ARG H 47 18.29 15.20 81.82
C ARG H 47 17.37 16.23 81.19
N SER H 48 16.75 17.06 82.03
CA SER H 48 15.83 18.10 81.55
C SER H 48 16.59 19.38 81.19
N GLN H 49 17.52 19.22 80.24
CA GLN H 49 18.33 20.32 79.75
C GLN H 49 18.54 20.28 78.25
N THR H 50 17.91 19.36 77.53
CA THR H 50 18.15 19.14 76.11
C THR H 50 16.91 19.53 75.31
N GLU H 51 17.00 19.35 73.99
CA GLU H 51 15.90 19.62 73.06
C GLU H 51 15.61 18.43 72.16
N GLU H 52 16.06 17.23 72.54
CA GLU H 52 15.70 16.02 71.81
C GLU H 52 14.28 15.62 72.15
N ASP H 53 13.54 15.17 71.12
CA ASP H 53 12.17 14.74 71.27
C ASP H 53 12.02 13.32 70.73
N CYS H 54 11.00 12.62 71.23
CA CYS H 54 10.75 11.22 70.89
C CYS H 54 9.71 11.06 69.79
N THR H 55 9.63 12.02 68.86
CA THR H 55 8.71 11.90 67.75
C THR H 55 9.06 10.72 66.85
N GLU H 56 10.36 10.49 66.63
CA GLU H 56 10.78 9.42 65.74
C GLU H 56 10.36 8.05 66.28
N GLU H 57 10.55 7.83 67.58
CA GLU H 57 10.23 6.54 68.17
C GLU H 57 8.72 6.30 68.25
N LEU H 58 7.92 7.37 68.21
CA LEU H 58 6.48 7.22 68.26
C LEU H 58 5.91 6.85 66.89
N LEU H 59 6.32 7.57 65.84
CA LEU H 59 5.78 7.32 64.51
C LEU H 59 6.12 5.92 64.02
N ASP H 60 7.29 5.39 64.40
CA ASP H 60 7.61 4.01 64.07
C ASP H 60 6.67 3.05 64.77
N PHE H 61 6.28 3.35 66.00
CA PHE H 61 5.31 2.52 66.70
C PHE H 61 3.93 2.63 66.04
N LEU H 62 3.52 3.84 65.68
CA LEU H 62 2.24 4.03 65.02
C LEU H 62 2.23 3.41 63.62
N HIS H 63 3.37 3.42 62.94
CA HIS H 63 3.44 2.84 61.60
C HIS H 63 3.23 1.33 61.63
N ALA H 64 3.81 0.65 62.63
CA ALA H 64 3.63 -0.80 62.74
C ALA H 64 2.27 -1.15 63.31
N ARG H 65 1.72 -0.32 64.19
CA ARG H 65 0.43 -0.61 64.81
C ARG H 65 -0.70 -0.42 63.80
N ASP H 66 -0.78 0.76 63.18
CA ASP H 66 -1.91 1.07 62.31
C ASP H 66 -1.91 0.23 61.03
N HIS H 67 -0.77 -0.35 60.66
CA HIS H 67 -0.78 -1.30 59.54
C HIS H 67 -1.59 -2.55 59.90
N CYS H 68 -1.48 -3.01 61.15
CA CYS H 68 -2.29 -4.13 61.62
C CYS H 68 -3.74 -3.73 61.80
N VAL H 69 -4.01 -2.48 62.19
CA VAL H 69 -5.37 -2.03 62.42
C VAL H 69 -6.17 -2.05 61.13
N ALA H 70 -5.58 -1.58 60.03
CA ALA H 70 -6.32 -1.45 58.78
C ALA H 70 -6.75 -2.81 58.23
N HIS H 71 -5.99 -3.87 58.51
CA HIS H 71 -6.30 -5.17 57.94
C HIS H 71 -7.53 -5.81 58.58
N LYS H 72 -7.84 -5.46 59.84
CA LYS H 72 -8.87 -6.13 60.61
C LYS H 72 -10.03 -5.24 61.02
N LEU H 73 -9.89 -3.92 60.96
CA LEU H 73 -10.90 -3.03 61.54
C LEU H 73 -12.24 -3.13 60.81
N PHE H 74 -12.23 -3.06 59.48
CA PHE H 74 -13.46 -2.90 58.70
C PHE H 74 -14.33 -4.15 58.69
N ASN H 75 -13.91 -5.26 59.30
CA ASN H 75 -14.75 -6.45 59.35
C ASN H 75 -15.88 -6.34 60.36
N SER H 76 -15.76 -5.43 61.35
CA SER H 76 -16.76 -5.29 62.41
C SER H 76 -17.74 -4.14 62.15
N LEU H 77 -17.38 -3.17 61.31
CA LEU H 77 -18.24 -2.04 61.04
C LEU H 77 -19.26 -2.37 59.96
N LYS H 78 -20.26 -1.50 59.82
CA LYS H 78 -21.29 -1.67 58.81
C LYS H 78 -20.80 -1.15 57.45
N ARG I 20 -6.12 -8.46 -36.75
CA ARG I 20 -4.74 -8.20 -36.33
C ARG I 20 -3.83 -8.10 -37.55
N GLY I 21 -2.78 -7.30 -37.46
CA GLY I 21 -1.86 -7.14 -38.57
C GLY I 21 -1.10 -8.42 -38.85
N VAL I 22 -0.89 -8.70 -40.14
CA VAL I 22 -0.28 -9.95 -40.59
C VAL I 22 0.74 -9.63 -41.68
N ALA I 23 1.83 -10.39 -41.70
CA ALA I 23 2.82 -10.36 -42.76
C ALA I 23 3.11 -11.79 -43.18
N GLY I 24 2.81 -12.10 -44.44
CA GLY I 24 3.01 -13.44 -44.98
C GLY I 24 4.03 -13.47 -46.10
N ALA I 25 4.98 -14.41 -46.02
CA ALA I 25 6.06 -14.49 -47.00
C ALA I 25 6.41 -15.91 -47.42
N LEU I 26 5.93 -16.95 -46.74
CA LEU I 26 6.46 -18.30 -46.90
C LEU I 26 5.93 -19.04 -48.12
N ARG I 27 5.16 -18.39 -48.99
CA ARG I 27 4.63 -19.03 -50.19
C ARG I 27 4.58 -18.06 -51.36
N ASP I 44 8.14 -5.53 -28.01
CA ASP I 44 8.20 -6.81 -27.32
C ASP I 44 9.14 -7.77 -28.05
N LEU I 45 10.17 -8.25 -27.35
CA LEU I 45 11.07 -9.25 -27.92
C LEU I 45 10.26 -10.48 -28.32
N LYS I 46 10.22 -10.77 -29.62
CA LYS I 46 9.33 -11.79 -30.16
C LYS I 46 9.68 -13.17 -29.59
N ARG I 47 10.84 -13.71 -29.99
CA ARG I 47 11.39 -14.95 -29.47
C ARG I 47 12.72 -15.24 -30.14
N SER I 48 13.41 -16.29 -29.72
CA SER I 48 14.62 -16.77 -30.36
C SER I 48 14.35 -18.11 -31.04
N VAL I 49 15.02 -18.33 -32.16
CA VAL I 49 14.96 -19.60 -32.89
C VAL I 49 16.40 -20.06 -33.07
N LEU I 50 16.80 -21.08 -32.31
CA LEU I 50 18.19 -21.51 -32.22
C LEU I 50 18.46 -22.82 -32.97
N CYS I 51 17.69 -23.86 -32.69
CA CYS I 51 17.98 -25.17 -33.27
C CYS I 51 17.59 -25.21 -34.74
N ARG I 52 18.02 -26.29 -35.40
CA ARG I 52 17.77 -26.47 -36.83
C ARG I 52 16.34 -26.93 -37.11
N GLU I 53 15.67 -27.55 -36.13
CA GLU I 53 14.29 -28.00 -36.34
C GLU I 53 13.34 -26.82 -36.36
N SER I 54 13.54 -25.84 -35.48
CA SER I 54 12.68 -24.66 -35.43
C SER I 54 12.96 -23.68 -36.57
N LEU I 55 14.11 -23.80 -37.23
CA LEU I 55 14.44 -22.89 -38.33
C LEU I 55 13.70 -23.24 -39.62
N ARG I 56 13.39 -24.52 -39.84
CA ARG I 56 12.73 -24.92 -41.08
C ARG I 56 11.36 -24.26 -41.19
N GLY I 57 11.06 -23.73 -42.37
CA GLY I 57 9.86 -22.95 -42.60
C GLY I 57 10.06 -21.45 -42.47
N GLN I 58 11.21 -21.00 -41.97
CA GLN I 58 11.46 -19.58 -41.81
C GLN I 58 11.87 -18.92 -43.12
N ALA I 59 12.57 -19.64 -44.00
CA ALA I 59 12.98 -19.08 -45.27
C ALA I 59 11.77 -18.78 -46.14
N ALA I 60 11.81 -17.64 -46.82
CA ALA I 60 10.68 -17.20 -47.64
C ALA I 60 10.48 -18.15 -48.82
N GLY I 61 9.33 -18.00 -49.47
CA GLY I 61 8.95 -18.86 -50.57
C GLY I 61 8.13 -18.15 -51.63
N PRO I 63 6.93 -13.69 -51.73
CA PRO I 63 6.08 -12.55 -52.06
C PRO I 63 5.33 -12.02 -50.84
N LEU I 64 5.65 -10.81 -50.41
CA LEU I 64 5.07 -10.28 -49.20
C LEU I 64 3.59 -9.92 -49.40
N VAL I 65 2.84 -10.01 -48.30
CA VAL I 65 1.43 -9.66 -48.26
C VAL I 65 1.17 -8.96 -46.93
N ALA I 66 0.61 -7.75 -46.99
CA ALA I 66 0.33 -6.95 -45.80
C ALA I 66 -1.18 -6.87 -45.61
N SER I 67 -1.65 -7.38 -44.47
CA SER I 67 -3.06 -7.34 -44.11
C SER I 67 -3.27 -6.49 -42.87
N VAL I 68 -4.38 -5.76 -42.86
CA VAL I 68 -4.76 -4.91 -41.73
C VAL I 68 -6.26 -5.05 -41.54
N SER I 69 -6.70 -4.96 -40.28
CA SER I 69 -8.08 -5.21 -39.92
C SER I 69 -8.46 -4.29 -38.75
N LEU I 70 -9.58 -4.60 -38.11
CA LEU I 70 -10.05 -3.83 -36.96
C LEU I 70 -9.71 -4.54 -35.65
N VAL J 1 -24.45 -34.00 5.08
CA VAL J 1 -24.39 -32.72 5.85
C VAL J 1 -24.42 -31.54 4.89
N ALA J 2 -25.32 -30.59 5.16
CA ALA J 2 -25.44 -29.38 4.36
C ALA J 2 -24.23 -28.49 4.62
N PRO J 3 -24.01 -27.46 3.80
CA PRO J 3 -22.82 -26.63 4.01
C PRO J 3 -22.86 -25.91 5.36
N THR J 4 -21.67 -25.60 5.89
CA THR J 4 -21.55 -25.07 7.23
C THR J 4 -22.29 -23.74 7.36
N LEU J 5 -22.49 -23.32 8.61
CA LEU J 5 -23.22 -22.07 8.87
C LEU J 5 -22.49 -20.88 8.27
N THR J 6 -21.16 -20.86 8.37
CA THR J 6 -20.40 -19.76 7.79
C THR J 6 -20.54 -19.70 6.28
N ALA J 7 -20.78 -20.86 5.64
CA ALA J 7 -20.97 -20.87 4.19
C ALA J 7 -22.32 -20.28 3.81
N ARG J 8 -23.37 -20.63 4.57
CA ARG J 8 -24.68 -20.06 4.31
C ARG J 8 -24.79 -18.61 4.80
N LEU J 9 -23.96 -18.23 5.77
CA LEU J 9 -23.89 -16.82 6.16
C LEU J 9 -23.27 -15.98 5.04
N TYR J 10 -22.29 -16.54 4.32
CA TYR J 10 -21.63 -15.78 3.26
C TYR J 10 -22.57 -15.54 2.10
N SER J 11 -23.09 -16.61 1.49
CA SER J 11 -23.89 -16.49 0.28
C SER J 11 -25.18 -15.74 0.52
N LEU J 12 -25.70 -15.77 1.74
CA LEU J 12 -27.01 -15.18 2.03
C LEU J 12 -26.93 -13.74 2.50
N LEU J 13 -25.84 -13.35 3.18
CA LEU J 13 -25.74 -12.04 3.82
C LEU J 13 -24.49 -11.25 3.43
N PHE J 14 -23.34 -11.91 3.26
CA PHE J 14 -22.07 -11.21 3.12
C PHE J 14 -21.63 -11.02 1.67
N ARG J 15 -22.23 -11.71 0.70
CA ARG J 15 -21.76 -11.60 -0.68
C ARG J 15 -21.97 -10.18 -1.20
N ARG J 16 -23.21 -9.71 -1.22
CA ARG J 16 -23.48 -8.32 -1.53
C ARG J 16 -22.97 -7.43 -0.41
N THR J 17 -22.34 -6.31 -0.78
CA THR J 17 -21.89 -5.37 0.23
C THR J 17 -23.07 -4.64 0.88
N SER J 18 -24.18 -4.49 0.15
CA SER J 18 -25.33 -3.81 0.71
C SER J 18 -25.97 -4.64 1.81
N THR J 19 -26.13 -5.94 1.60
CA THR J 19 -26.64 -6.81 2.65
C THR J 19 -25.59 -7.03 3.74
N PHE J 20 -24.30 -6.96 3.38
CA PHE J 20 -23.25 -7.02 4.38
C PHE J 20 -23.35 -5.86 5.36
N ALA J 21 -23.76 -4.68 4.85
CA ALA J 21 -23.97 -3.53 5.73
C ALA J 21 -25.27 -3.67 6.51
N LEU J 22 -26.34 -4.12 5.86
CA LEU J 22 -27.61 -4.33 6.54
C LEU J 22 -27.47 -5.35 7.67
N THR J 23 -26.63 -6.37 7.48
CA THR J 23 -26.35 -7.31 8.56
C THR J 23 -25.68 -6.61 9.73
N ILE J 24 -24.75 -5.71 9.45
CA ILE J 24 -23.98 -5.06 10.51
C ILE J 24 -24.86 -4.09 11.29
N VAL J 25 -25.64 -3.26 10.59
CA VAL J 25 -26.45 -2.27 11.28
C VAL J 25 -27.57 -2.95 12.06
N VAL J 26 -28.06 -4.08 11.58
CA VAL J 26 -29.05 -4.84 12.34
C VAL J 26 -28.39 -5.59 13.48
N GLY J 27 -27.17 -6.12 13.25
CA GLY J 27 -26.43 -6.74 14.32
C GLY J 27 -25.98 -5.77 15.39
N ALA J 28 -25.80 -4.50 15.01
CA ALA J 28 -25.44 -3.47 15.99
C ALA J 28 -26.62 -3.12 16.89
N LEU J 29 -27.84 -3.21 16.37
CA LEU J 29 -29.02 -2.85 17.15
C LEU J 29 -29.25 -3.84 18.28
N PHE J 30 -29.23 -5.14 17.98
CA PHE J 30 -29.46 -6.16 18.99
C PHE J 30 -28.25 -6.36 19.89
N PHE J 31 -27.05 -6.14 19.37
CA PHE J 31 -25.85 -6.28 20.20
C PHE J 31 -25.83 -5.24 21.31
N GLU J 32 -26.29 -4.01 21.02
CA GLU J 32 -26.25 -2.95 22.02
C GLU J 32 -27.13 -3.26 23.21
N ARG J 33 -28.38 -3.70 22.95
CA ARG J 33 -29.28 -4.03 24.05
C ARG J 33 -28.79 -5.26 24.80
N ALA J 34 -28.40 -6.31 24.08
CA ALA J 34 -27.95 -7.54 24.72
C ALA J 34 -26.67 -7.32 25.52
N PHE J 35 -25.78 -6.46 25.03
CA PHE J 35 -24.53 -6.20 25.73
C PHE J 35 -24.72 -5.26 26.91
N ASP J 36 -25.52 -4.21 26.73
CA ASP J 36 -25.78 -3.29 27.84
C ASP J 36 -26.60 -3.98 28.94
N GLN J 37 -27.57 -4.80 28.55
CA GLN J 37 -28.35 -5.55 29.53
C GLN J 37 -27.47 -6.50 30.31
N GLY J 38 -26.67 -7.31 29.60
CA GLY J 38 -25.79 -8.25 30.28
C GLY J 38 -24.70 -7.58 31.07
N ALA J 39 -24.07 -6.55 30.50
CA ALA J 39 -22.95 -5.88 31.18
C ALA J 39 -23.42 -5.19 32.46
N ASP J 40 -24.57 -4.52 32.41
CA ASP J 40 -25.12 -3.90 33.62
C ASP J 40 -25.45 -4.95 34.68
N ALA J 41 -25.90 -6.14 34.25
CA ALA J 41 -26.20 -7.20 35.19
C ALA J 41 -24.94 -7.68 35.92
N ILE J 42 -23.78 -7.57 35.29
CA ILE J 42 -22.54 -7.97 35.94
C ILE J 42 -22.08 -6.89 36.91
N TYR J 43 -22.26 -5.62 36.55
CA TYR J 43 -21.85 -4.53 37.43
C TYR J 43 -22.69 -4.49 38.70
N GLU J 44 -24.01 -4.66 38.57
CA GLU J 44 -24.89 -4.60 39.73
C GLU J 44 -24.70 -5.82 40.63
N HIS J 45 -24.47 -6.99 40.02
CA HIS J 45 -24.25 -8.20 40.81
C HIS J 45 -22.99 -8.08 41.67
N ILE J 46 -21.90 -7.58 41.07
CA ILE J 46 -20.66 -7.40 41.82
C ILE J 46 -20.84 -6.37 42.93
N ASN J 47 -21.76 -5.42 42.77
CA ASN J 47 -22.03 -4.37 43.74
C ASN J 47 -23.41 -4.50 44.34
N GLU J 48 -23.79 -5.72 44.71
CA GLU J 48 -25.12 -5.97 45.26
C GLU J 48 -25.30 -5.23 46.57
N GLY J 49 -26.49 -4.66 46.76
CA GLY J 49 -26.83 -3.98 48.00
C GLY J 49 -26.18 -2.63 48.21
N LYS J 50 -25.32 -2.18 47.30
CA LYS J 50 -24.61 -0.91 47.46
C LYS J 50 -25.19 0.21 46.61
N LEU J 51 -25.73 -0.10 45.45
CA LEU J 51 -26.26 0.94 44.56
C LEU J 51 -27.61 1.44 45.07
N TRP J 52 -27.99 2.63 44.58
CA TRP J 52 -29.22 3.26 45.05
C TRP J 52 -30.45 2.47 44.67
N LYS J 53 -30.44 1.79 43.51
CA LYS J 53 -31.62 1.04 43.09
C LYS J 53 -31.90 -0.17 43.97
N HIS J 54 -30.93 -0.60 44.78
CA HIS J 54 -31.14 -1.69 45.73
C HIS J 54 -31.77 -1.22 47.03
N ILE J 55 -31.37 -0.04 47.52
CA ILE J 55 -31.89 0.52 48.76
C ILE J 55 -33.05 1.47 48.48
N LYS J 56 -33.58 1.43 47.25
CA LYS J 56 -34.60 2.39 46.86
C LYS J 56 -35.93 2.11 47.55
N HIS J 57 -36.30 0.83 47.69
CA HIS J 57 -37.62 0.46 48.18
C HIS J 57 -37.84 0.87 49.64
N LYS J 58 -36.77 1.16 50.39
CA LYS J 58 -36.93 1.48 51.80
C LYS J 58 -37.56 2.85 52.01
N TYR J 59 -37.40 3.77 51.05
CA TYR J 59 -37.86 5.15 51.16
C TYR J 59 -38.94 5.44 50.12
N GLU J 60 -39.88 4.52 49.96
CA GLU J 60 -40.92 4.68 48.95
C GLU J 60 -41.79 5.90 49.24
N ASN J 61 -42.49 5.89 50.38
CA ASN J 61 -43.38 6.97 50.76
C ASN J 61 -42.75 7.85 51.83
N LEU K 1 -29.05 16.18 -21.11
CA LEU K 1 -30.18 16.00 -20.20
C LEU K 1 -31.02 14.81 -20.62
N THR K 2 -31.27 14.71 -21.93
CA THR K 2 -32.03 13.59 -22.51
C THR K 2 -31.12 12.52 -23.11
N ARG K 3 -29.84 12.49 -22.70
CA ARG K 3 -28.95 11.40 -23.13
C ARG K 3 -29.36 10.07 -22.50
N PHE K 4 -29.93 10.11 -21.30
CA PHE K 4 -30.15 8.93 -20.48
C PHE K 4 -31.58 8.41 -20.58
N LEU K 5 -32.17 8.51 -21.77
CA LEU K 5 -33.54 8.04 -22.03
C LEU K 5 -33.48 7.05 -23.18
N GLY K 6 -33.45 5.77 -22.84
CA GLY K 6 -33.43 4.71 -23.83
C GLY K 6 -33.47 3.34 -23.21
N PRO K 7 -33.47 2.29 -24.05
CA PRO K 7 -33.53 0.92 -23.50
C PRO K 7 -32.40 0.59 -22.53
N ARG K 8 -31.16 0.93 -22.87
CA ARG K 8 -30.03 0.56 -22.03
C ARG K 8 -30.11 1.27 -20.68
N TYR K 9 -30.48 2.55 -20.67
CA TYR K 9 -30.49 3.30 -19.43
C TYR K 9 -31.62 2.85 -18.51
N ARG K 10 -32.70 2.30 -19.07
CA ARG K 10 -33.72 1.69 -18.24
C ARG K 10 -33.30 0.32 -17.72
N GLN K 11 -32.47 -0.40 -18.49
CA GLN K 11 -31.93 -1.66 -18.02
C GLN K 11 -30.96 -1.45 -16.86
N LEU K 12 -30.17 -0.38 -16.92
CA LEU K 12 -29.24 -0.10 -15.83
C LEU K 12 -30.00 0.23 -14.54
N ALA K 13 -31.08 1.00 -14.65
CA ALA K 13 -31.90 1.30 -13.47
C ALA K 13 -32.48 0.02 -12.87
N ARG K 14 -32.89 -0.92 -13.72
CA ARG K 14 -33.42 -2.20 -13.25
C ARG K 14 -32.36 -2.96 -12.45
N ASN K 15 -31.10 -2.94 -12.90
CA ASN K 15 -30.07 -3.77 -12.28
C ASN K 15 -29.64 -3.22 -10.92
N TRP K 16 -29.79 -1.92 -10.69
CA TRP K 16 -29.34 -1.28 -9.46
C TRP K 16 -30.48 -0.97 -8.49
N VAL K 17 -31.71 -1.36 -8.79
CA VAL K 17 -32.84 -1.09 -7.91
C VAL K 17 -32.73 -1.96 -6.66
N PRO K 18 -32.47 -3.28 -6.77
CA PRO K 18 -32.25 -4.06 -5.55
C PRO K 18 -31.13 -3.54 -4.68
N THR K 19 -30.07 -2.99 -5.27
CA THR K 19 -28.97 -2.43 -4.47
C THR K 19 -29.38 -1.11 -3.83
N ALA K 20 -29.95 -0.19 -4.62
CA ALA K 20 -30.35 1.11 -4.10
C ALA K 20 -31.43 0.98 -3.02
N SER K 21 -32.27 -0.06 -3.11
CA SER K 21 -33.27 -0.29 -2.07
C SER K 21 -32.64 -0.79 -0.78
N LEU K 22 -31.53 -1.52 -0.88
CA LEU K 22 -30.87 -2.04 0.32
C LEU K 22 -30.07 -0.95 1.04
N TRP K 23 -29.40 -0.08 0.27
CA TRP K 23 -28.70 1.03 0.91
C TRP K 23 -29.67 1.99 1.60
N GLY K 24 -30.90 2.08 1.10
CA GLY K 24 -31.91 2.86 1.79
C GLY K 24 -32.33 2.23 3.11
N ALA K 25 -32.36 0.89 3.16
CA ALA K 25 -32.64 0.21 4.41
C ALA K 25 -31.46 0.34 5.38
N VAL K 26 -30.24 0.30 4.85
CA VAL K 26 -29.06 0.50 5.69
C VAL K 26 -29.06 1.91 6.26
N GLY K 27 -29.43 2.90 5.44
CA GLY K 27 -29.51 4.27 5.94
C GLY K 27 -30.66 4.46 6.90
N ALA K 28 -31.81 3.85 6.59
CA ALA K 28 -32.99 4.01 7.46
C ALA K 28 -32.77 3.36 8.81
N VAL K 29 -32.37 2.07 8.82
CA VAL K 29 -32.11 1.37 10.07
C VAL K 29 -30.94 2.02 10.80
N GLY K 30 -29.97 2.55 10.07
CA GLY K 30 -28.86 3.26 10.71
C GLY K 30 -29.28 4.56 11.35
N LEU K 31 -30.28 5.23 10.77
CA LEU K 31 -30.77 6.47 11.36
C LEU K 31 -31.61 6.19 12.60
N VAL K 32 -32.42 5.14 12.58
CA VAL K 32 -33.24 4.80 13.75
C VAL K 32 -32.35 4.34 14.90
N TRP K 33 -31.31 3.55 14.60
CA TRP K 33 -30.43 3.05 15.65
C TRP K 33 -29.57 4.16 16.23
N ALA K 34 -29.07 5.07 15.38
CA ALA K 34 -28.15 6.10 15.85
C ALA K 34 -28.84 7.09 16.78
N THR K 35 -30.12 7.37 16.54
CA THR K 35 -30.85 8.38 17.30
C THR K 35 -31.78 7.81 18.36
N ASP K 36 -31.87 6.48 18.46
CA ASP K 36 -32.80 5.83 19.39
C ASP K 36 -34.24 6.31 19.14
N TRP K 37 -34.63 6.30 17.87
CA TRP K 37 -35.94 6.82 17.47
C TRP K 37 -37.03 5.89 18.01
N ARG K 38 -37.76 6.35 19.02
CA ARG K 38 -38.71 5.49 19.70
C ARG K 38 -39.98 5.23 18.89
N LEU K 39 -40.28 6.07 17.89
CA LEU K 39 -41.47 5.83 17.06
C LEU K 39 -41.38 4.48 16.35
N ILE K 40 -40.21 4.14 15.83
CA ILE K 40 -40.02 2.87 15.12
C ILE K 40 -39.55 1.77 16.06
N LEU K 41 -38.69 2.11 17.04
CA LEU K 41 -38.08 1.09 17.87
C LEU K 41 -39.09 0.43 18.80
N ASP K 42 -40.15 1.14 19.17
CA ASP K 42 -41.13 0.58 20.11
C ASP K 42 -41.86 -0.64 19.54
N TRP K 43 -41.85 -0.82 18.21
CA TRP K 43 -42.51 -1.96 17.59
C TRP K 43 -41.61 -3.18 17.46
N VAL K 44 -40.31 -3.05 17.68
CA VAL K 44 -39.39 -4.18 17.55
C VAL K 44 -39.47 -5.01 18.83
N PRO K 45 -39.42 -6.36 18.78
CA PRO K 45 -39.71 -7.14 20.00
C PRO K 45 -38.70 -6.97 21.12
N TYR K 46 -37.41 -7.14 20.84
CA TYR K 46 -36.40 -7.22 21.90
C TYR K 46 -35.91 -5.86 22.37
N ILE K 47 -36.09 -4.81 21.57
CA ILE K 47 -35.63 -3.47 21.91
C ILE K 47 -36.76 -2.64 22.55
N ASN K 48 -37.77 -3.31 23.09
CA ASN K 48 -38.81 -2.66 23.88
C ASN K 48 -38.36 -2.31 25.30
N GLY K 49 -37.07 -2.39 25.61
CA GLY K 49 -36.59 -2.07 26.94
C GLY K 49 -36.63 -0.58 27.21
N LYS K 50 -37.84 -0.02 27.32
CA LYS K 50 -38.06 1.39 27.59
C LYS K 50 -38.70 1.62 28.94
N PHE K 51 -39.75 0.86 29.27
CA PHE K 51 -40.43 0.96 30.56
C PHE K 51 -41.01 2.36 30.76
N LYS K 52 -41.92 2.73 29.86
CA LYS K 52 -42.59 4.03 29.90
C LYS K 52 -43.37 4.20 31.19
#